data_5GVP
#
_entry.id   5GVP
#
_cell.length_a   102.075
_cell.length_b   58.928
_cell.length_c   234.830
_cell.angle_alpha   90.000
_cell.angle_beta   90.060
_cell.angle_gamma   90.000
#
_symmetry.space_group_name_H-M   'C 1 2 1'
#
loop_
_entity.id
_entity.type
_entity.pdbx_description
1 polymer 'Serine hydroxymethyltransferase, putative'
2 non-polymer N-GLYCINE-[3-HYDROXY-2-METHYL-5-PHOSPHONOOXYMETHYL-PYRIDIN-4-YL-METHANE]
3 non-polymer '3-[3-[3-[(4~{S})-6-azanyl-5-cyano-3-methyl-4-propan-2-yl-2~{H}-pyrano[2,3-c]pyrazol-4-yl]-5-(trifluoromethyl)phenyl]phenyl]propanoic acid'
4 non-polymer 'CHLORIDE ION'
5 water water
#
_entity_poly.entity_id   1
_entity_poly.type   'polypeptide(L)'
_entity_poly.pdbx_seq_one_letter_code
;MFNNEPLEQIDKELHDILADEEKRQRETINLIASENLTNGAVRECLGNRVSNKYSEGYPKKRYYGGNDFIDKIEELCQKR
ALEAFNVSDEEWGVNVQPLSGSAANVQALYALVGVKGKIMGMHLCSGGHLTHGFFDEKKKVSITSDMFESKLYKCNSQGY
VDLDAVREMALSFKPKVIICGYTSYPRDIDYQQFRQICDEVNAYLFADISHISSFVACNILNNPFLHADVVTTTTHKILR
GPRSALIFFNKKRNPGIEQKINSAVFPSFQGGPHNNKIAAVACQLKEVHSPAFKEYTQQVLLNSKALAKALISKQIDLVT
NGTDNHLIVVDLRKFSITGSKLQETCNAINVSLNKNTIPSDVDCVSPSGVRIGTPAMTTRGAKEKDMEFIADVLARAIKI
TVDLQEQYGKKLVDFKKGLPGNAQLQQLKQEVVTWAGALPFP
;
_entity_poly.pdbx_strand_id   A,B,C
#
loop_
_chem_comp.id
_chem_comp.type
_chem_comp.name
_chem_comp.formula
CL non-polymer 'CHLORIDE ION' 'Cl -1'
GCF non-polymer '3-[3-[3-[(4~{S})-6-azanyl-5-cyano-3-methyl-4-propan-2-yl-2~{H}-pyrano[2,3-c]pyrazol-4-yl]-5-(trifluoromethyl)phenyl]phenyl]propanoic acid' 'C27 H25 F3 N4 O3'
PLG non-polymer N-GLYCINE-[3-HYDROXY-2-METHYL-5-PHOSPHONOOXYMETHYL-PYRIDIN-4-YL-METHANE] 'C10 H15 N2 O7 P'
#
# COMPACT_ATOMS: atom_id res chain seq x y z
N MET A 1 -15.76 14.32 -16.01
CA MET A 1 -15.53 12.95 -16.59
C MET A 1 -16.29 11.87 -15.80
N PHE A 2 -17.62 11.95 -15.85
CA PHE A 2 -18.52 11.01 -15.17
C PHE A 2 -19.82 10.84 -15.97
N ASN A 3 -20.51 9.73 -15.74
CA ASN A 3 -21.76 9.41 -16.42
C ASN A 3 -22.99 9.79 -15.58
N ASN A 4 -23.62 10.93 -15.91
CA ASN A 4 -24.79 11.42 -15.15
C ASN A 4 -26.18 10.97 -15.64
N GLU A 5 -26.24 9.99 -16.54
CA GLU A 5 -27.52 9.40 -16.98
C GLU A 5 -28.30 8.87 -15.75
N PRO A 6 -29.64 9.06 -15.73
CA PRO A 6 -30.45 8.51 -14.60
C PRO A 6 -30.37 6.99 -14.47
N LEU A 7 -30.59 6.51 -13.23
CA LEU A 7 -30.44 5.09 -12.82
C LEU A 7 -31.06 4.12 -13.82
N GLU A 8 -32.24 4.47 -14.30
CA GLU A 8 -32.96 3.64 -15.27
C GLU A 8 -32.17 3.43 -16.57
N GLN A 9 -31.59 4.52 -17.07
CA GLN A 9 -30.78 4.45 -18.29
C GLN A 9 -29.45 3.74 -18.03
N ILE A 10 -28.64 4.30 -17.14
CA ILE A 10 -27.30 3.75 -16.78
C ILE A 10 -27.26 2.27 -16.42
N ASP A 11 -28.29 1.76 -15.74
CA ASP A 11 -28.36 0.34 -15.37
C ASP A 11 -29.80 -0.12 -15.28
N LYS A 12 -30.30 -0.68 -16.39
CA LYS A 12 -31.67 -1.20 -16.46
C LYS A 12 -31.81 -2.50 -15.68
N GLU A 13 -30.78 -3.35 -15.69
CA GLU A 13 -30.84 -4.63 -14.95
C GLU A 13 -31.16 -4.47 -13.46
N LEU A 14 -30.38 -3.64 -12.77
CA LEU A 14 -30.57 -3.37 -11.35
C LEU A 14 -31.91 -2.65 -11.12
N HIS A 15 -32.27 -1.73 -12.03
CA HIS A 15 -33.45 -0.87 -11.84
C HIS A 15 -34.75 -1.64 -11.80
N ASP A 16 -34.81 -2.73 -12.58
CA ASP A 16 -35.99 -3.58 -12.61
C ASP A 16 -36.14 -4.37 -11.30
N ILE A 17 -35.03 -4.89 -10.77
CA ILE A 17 -35.05 -5.65 -9.50
C ILE A 17 -35.50 -4.73 -8.36
N LEU A 18 -35.05 -3.47 -8.40
CA LEU A 18 -35.50 -2.44 -7.45
C LEU A 18 -36.97 -2.04 -7.60
N ALA A 19 -37.46 -1.96 -8.83
CA ALA A 19 -38.90 -1.69 -9.05
C ALA A 19 -39.75 -2.89 -8.60
N ASP A 20 -39.18 -4.08 -8.74
CA ASP A 20 -39.78 -5.31 -8.25
C ASP A 20 -39.83 -5.33 -6.71
N GLU A 21 -38.72 -4.92 -6.07
CA GLU A 21 -38.63 -4.90 -4.60
C GLU A 21 -39.69 -3.95 -4.07
N GLU A 22 -39.77 -2.76 -4.66
CA GLU A 22 -40.76 -1.76 -4.27
C GLU A 22 -42.17 -2.30 -4.35
N LYS A 23 -42.48 -3.02 -5.42
CA LYS A 23 -43.80 -3.60 -5.62
C LYS A 23 -44.11 -4.65 -4.53
N ARG A 24 -43.15 -5.54 -4.26
CA ARG A 24 -43.31 -6.54 -3.20
C ARG A 24 -43.54 -5.87 -1.81
N GLN A 25 -42.88 -4.75 -1.53
CA GLN A 25 -43.08 -4.04 -0.24
C GLN A 25 -44.50 -3.44 -0.14
N ARG A 26 -44.98 -2.98 -1.29
CA ARG A 26 -46.29 -2.37 -1.39
C ARG A 26 -47.43 -3.37 -1.21
N GLU A 27 -47.14 -4.66 -1.42
CA GLU A 27 -48.14 -5.71 -1.52
C GLU A 27 -47.91 -6.81 -0.50
N THR A 28 -47.31 -6.44 0.64
CA THR A 28 -46.95 -7.40 1.69
C THR A 28 -47.53 -6.94 3.01
N ILE A 29 -48.08 -7.86 3.77
CA ILE A 29 -48.43 -7.60 5.18
C ILE A 29 -47.13 -7.83 5.96
N ASN A 30 -46.47 -6.72 6.27
CA ASN A 30 -45.16 -6.76 6.88
C ASN A 30 -45.30 -6.73 8.40
N LEU A 31 -45.08 -7.90 9.00
CA LEU A 31 -45.11 -8.03 10.45
C LEU A 31 -43.73 -8.25 11.07
N ILE A 32 -42.65 -7.84 10.40
CA ILE A 32 -41.31 -8.01 10.99
C ILE A 32 -41.19 -6.95 12.08
N ALA A 33 -40.96 -7.39 13.31
CA ALA A 33 -41.02 -6.51 14.48
C ALA A 33 -39.97 -5.41 14.38
N SER A 34 -38.85 -5.74 13.73
CA SER A 34 -37.75 -4.81 13.51
C SER A 34 -37.81 -3.94 12.25
N GLU A 35 -38.85 -4.04 11.41
CA GLU A 35 -38.87 -3.25 10.16
C GLU A 35 -39.84 -2.10 10.24
N ASN A 36 -39.62 -1.12 9.38
CA ASN A 36 -40.50 0.06 9.27
C ASN A 36 -40.43 0.55 7.84
N LEU A 37 -40.94 1.75 7.58
CA LEU A 37 -40.82 2.36 6.27
C LEU A 37 -40.46 3.81 6.44
N THR A 38 -39.28 4.18 5.91
CA THR A 38 -38.78 5.54 5.96
C THR A 38 -39.59 6.37 5.01
N ASN A 39 -39.80 7.62 5.38
CA ASN A 39 -40.47 8.58 4.48
C ASN A 39 -39.50 9.08 3.39
N GLY A 40 -40.01 9.85 2.45
CA GLY A 40 -39.24 10.39 1.35
C GLY A 40 -38.13 11.34 1.78
N ALA A 41 -38.37 12.14 2.81
CA ALA A 41 -37.36 13.07 3.34
C ALA A 41 -36.13 12.39 3.93
N VAL A 42 -36.34 11.28 4.62
CA VAL A 42 -35.22 10.52 5.18
C VAL A 42 -34.41 9.92 4.04
N ARG A 43 -35.11 9.46 3.02
CA ARG A 43 -34.47 8.95 1.81
C ARG A 43 -33.79 10.01 0.90
N GLU A 44 -34.26 11.26 0.91
CA GLU A 44 -33.50 12.39 0.31
C GLU A 44 -32.13 12.63 1.00
N CYS A 45 -32.08 12.48 2.33
CA CYS A 45 -30.84 12.60 3.10
C CYS A 45 -29.85 11.49 2.83
N LEU A 46 -30.35 10.26 2.79
CA LEU A 46 -29.50 9.09 2.58
C LEU A 46 -28.81 9.14 1.24
N GLY A 47 -29.49 9.69 0.24
CA GLY A 47 -28.88 9.94 -1.09
C GLY A 47 -28.27 11.33 -1.31
N ASN A 48 -27.98 12.07 -0.24
CA ASN A 48 -27.39 13.42 -0.34
C ASN A 48 -25.88 13.34 -0.61
N ARG A 49 -25.32 14.36 -1.27
CA ARG A 49 -23.85 14.46 -1.50
C ARG A 49 -22.99 14.61 -0.26
N VAL A 50 -23.60 14.86 0.88
CA VAL A 50 -22.85 14.85 2.14
C VAL A 50 -22.04 13.55 2.42
N SER A 51 -22.46 12.41 1.83
CA SER A 51 -21.67 11.15 1.89
C SER A 51 -20.33 11.18 1.13
N ASN A 52 -20.11 12.21 0.31
CA ASN A 52 -18.80 12.44 -0.28
C ASN A 52 -17.71 12.86 0.71
N LYS A 53 -18.07 13.46 1.83
CA LYS A 53 -17.08 14.06 2.70
C LYS A 53 -16.48 13.06 3.69
N TYR A 54 -15.15 12.93 3.70
CA TYR A 54 -14.40 12.28 4.82
C TYR A 54 -14.31 13.21 6.04
N SER A 55 -14.66 12.73 7.22
CA SER A 55 -14.68 13.60 8.42
C SER A 55 -14.38 12.85 9.70
N GLU A 56 -13.26 12.12 9.67
CA GLU A 56 -12.79 11.33 10.81
C GLU A 56 -12.52 12.15 12.06
N GLY A 57 -12.95 11.65 13.21
CA GLY A 57 -12.89 12.40 14.46
C GLY A 57 -14.27 12.87 14.91
N TYR A 58 -14.31 14.02 15.58
CA TYR A 58 -15.54 14.58 16.15
C TYR A 58 -15.65 16.07 15.86
N PRO A 59 -16.83 16.67 16.05
CA PRO A 59 -16.98 18.07 15.61
C PRO A 59 -16.06 19.04 16.35
N LYS A 60 -15.60 20.08 15.65
CA LYS A 60 -14.58 21.01 16.20
C LYS A 60 -13.21 20.36 16.50
N LYS A 61 -13.07 19.05 16.25
CA LYS A 61 -11.81 18.32 16.40
C LYS A 61 -11.70 17.26 15.28
N ARG A 62 -11.98 17.67 14.04
CA ARG A 62 -11.90 16.79 12.88
C ARG A 62 -10.46 16.67 12.52
N TYR A 63 -10.11 15.62 11.78
CA TYR A 63 -8.75 15.46 11.30
C TYR A 63 -8.57 16.39 10.13
N TYR A 64 -9.59 16.48 9.27
CA TYR A 64 -9.57 17.42 8.15
C TYR A 64 -10.43 18.63 8.41
N GLY A 65 -10.17 19.69 7.66
CA GLY A 65 -11.00 20.89 7.68
C GLY A 65 -12.04 20.67 6.61
N GLY A 66 -12.70 21.74 6.22
CA GLY A 66 -13.71 21.67 5.16
C GLY A 66 -14.95 20.96 5.66
N ASN A 67 -15.10 20.97 6.99
CA ASN A 67 -16.09 20.18 7.70
C ASN A 67 -17.07 21.07 8.48
N ASP A 68 -17.20 22.32 8.02
CA ASP A 68 -17.99 23.33 8.72
C ASP A 68 -19.45 22.91 8.72
N PHE A 69 -19.97 22.61 7.55
CA PHE A 69 -21.37 22.23 7.43
C PHE A 69 -21.67 20.82 8.00
N ILE A 70 -20.75 19.89 7.77
CA ILE A 70 -20.79 18.55 8.39
C ILE A 70 -20.86 18.65 9.91
N ASP A 71 -20.03 19.52 10.50
CA ASP A 71 -20.05 19.72 11.95
C ASP A 71 -21.38 20.27 12.48
N LYS A 72 -22.03 21.15 11.72
CA LYS A 72 -23.36 21.64 12.15
C LYS A 72 -24.39 20.49 12.13
N ILE A 73 -24.40 19.71 11.03
CA ILE A 73 -25.25 18.53 10.88
C ILE A 73 -25.01 17.55 12.02
N GLU A 74 -23.75 17.20 12.28
CA GLU A 74 -23.45 16.24 13.37
C GLU A 74 -23.81 16.83 14.73
N GLU A 75 -23.56 18.13 14.93
CA GLU A 75 -24.00 18.79 16.22
C GLU A 75 -25.52 18.91 16.33
N LEU A 76 -26.17 19.20 15.21
CA LEU A 76 -27.63 19.19 15.17
C LEU A 76 -28.23 17.81 15.49
N CYS A 77 -27.53 16.73 15.12
CA CYS A 77 -28.07 15.38 15.31
C CYS A 77 -28.01 14.98 16.77
N GLN A 78 -26.90 15.28 17.43
CA GLN A 78 -26.69 14.91 18.85
C GLN A 78 -27.67 15.68 19.73
N LYS A 79 -27.76 16.98 19.47
CA LYS A 79 -28.74 17.86 20.13
C LYS A 79 -30.16 17.28 19.99
N ARG A 80 -30.59 17.04 18.76
CA ARG A 80 -31.92 16.48 18.51
C ARG A 80 -32.14 15.11 19.15
N ALA A 81 -31.08 14.32 19.29
CA ALA A 81 -31.14 12.99 19.96
C ALA A 81 -31.35 13.05 21.46
N LEU A 82 -30.72 14.03 22.08
CA LEU A 82 -30.82 14.25 23.51
C LEU A 82 -32.20 14.85 23.85
N GLU A 83 -32.67 15.81 23.06
CA GLU A 83 -34.04 16.33 23.17
C GLU A 83 -35.13 15.26 23.00
N ALA A 84 -34.92 14.32 22.06
CA ALA A 84 -35.90 13.28 21.78
C ALA A 84 -36.07 12.33 22.96
N PHE A 85 -34.98 11.96 23.60
CA PHE A 85 -35.02 11.03 24.73
C PHE A 85 -35.06 11.69 26.12
N ASN A 86 -35.43 12.97 26.16
CA ASN A 86 -35.75 13.68 27.41
C ASN A 86 -34.58 13.63 28.39
N VAL A 87 -33.42 14.04 27.90
CA VAL A 87 -32.20 14.01 28.68
C VAL A 87 -31.54 15.37 28.51
N SER A 88 -30.89 15.81 29.58
CA SER A 88 -30.17 17.07 29.60
C SER A 88 -28.78 16.79 29.07
N ASP A 89 -28.32 17.63 28.13
CA ASP A 89 -26.96 17.54 27.60
C ASP A 89 -25.84 17.80 28.65
N GLU A 90 -26.23 18.24 29.85
CA GLU A 90 -25.27 18.42 30.95
C GLU A 90 -25.00 17.06 31.56
N GLU A 91 -26.05 16.24 31.70
CA GLU A 91 -25.97 14.89 32.31
C GLU A 91 -25.74 13.72 31.29
N TRP A 92 -26.10 13.93 30.03
CA TRP A 92 -26.04 12.84 29.04
C TRP A 92 -25.32 13.25 27.80
N GLY A 93 -24.51 12.33 27.29
CA GLY A 93 -23.93 12.49 25.96
C GLY A 93 -24.37 11.39 25.03
N VAL A 94 -24.21 11.68 23.74
CA VAL A 94 -24.58 10.77 22.67
C VAL A 94 -23.53 10.78 21.56
N ASN A 95 -23.04 9.59 21.20
CA ASN A 95 -22.30 9.43 19.94
C ASN A 95 -23.25 9.01 18.76
N VAL A 96 -23.19 9.75 17.66
CA VAL A 96 -24.08 9.51 16.51
C VAL A 96 -23.40 8.81 15.30
N GLN A 97 -22.18 8.33 15.49
CA GLN A 97 -21.37 7.78 14.40
C GLN A 97 -21.52 6.26 14.12
N PRO A 98 -21.91 5.42 15.11
CA PRO A 98 -21.95 3.99 14.82
C PRO A 98 -22.81 3.64 13.60
N LEU A 99 -22.28 2.80 12.72
CA LEU A 99 -22.93 2.53 11.45
C LEU A 99 -24.20 1.71 11.57
N SER A 100 -24.33 0.91 12.63
CA SER A 100 -25.49 0.04 12.83
C SER A 100 -25.55 -0.42 14.30
N GLY A 101 -26.64 -1.05 14.67
CA GLY A 101 -26.85 -1.53 16.01
C GLY A 101 -25.78 -2.42 16.63
N SER A 102 -25.31 -3.40 15.85
CA SER A 102 -24.33 -4.35 16.34
C SER A 102 -22.99 -3.63 16.58
N ALA A 103 -22.61 -2.73 15.66
CA ALA A 103 -21.38 -1.96 15.82
C ALA A 103 -21.43 -1.11 17.14
N ALA A 104 -22.51 -0.36 17.32
CA ALA A 104 -22.76 0.41 18.54
C ALA A 104 -22.62 -0.41 19.81
N ASN A 105 -23.20 -1.61 19.82
CA ASN A 105 -23.09 -2.47 20.98
C ASN A 105 -21.66 -2.97 21.24
N VAL A 106 -20.94 -3.40 20.20
CA VAL A 106 -19.57 -3.88 20.40
C VAL A 106 -18.61 -2.76 20.85
N GLN A 107 -18.81 -1.58 20.30
CA GLN A 107 -17.99 -0.43 20.61
C GLN A 107 -18.26 0.01 22.05
N ALA A 108 -19.52 0.25 22.38
CA ALA A 108 -19.92 0.62 23.74
C ALA A 108 -19.46 -0.39 24.80
N LEU A 109 -19.61 -1.68 24.52
CA LEU A 109 -19.14 -2.73 25.44
C LEU A 109 -17.63 -2.71 25.59
N TYR A 110 -16.91 -2.45 24.50
CA TYR A 110 -15.45 -2.38 24.57
C TYR A 110 -15.00 -1.20 25.45
N ALA A 111 -15.58 -0.03 25.22
CA ALA A 111 -15.36 1.18 26.03
C ALA A 111 -15.46 0.88 27.53
N LEU A 112 -16.50 0.17 27.92
CA LEU A 112 -16.80 -0.09 29.32
C LEU A 112 -15.90 -1.13 29.98
N VAL A 113 -15.55 -2.19 29.26
CA VAL A 113 -14.88 -3.36 29.83
C VAL A 113 -13.56 -3.79 29.23
N GLY A 114 -13.28 -3.39 27.99
CA GLY A 114 -12.07 -3.80 27.27
C GLY A 114 -12.08 -5.25 26.85
N VAL A 115 -10.99 -5.68 26.19
CA VAL A 115 -10.81 -7.07 25.78
C VAL A 115 -10.64 -7.94 27.04
N LYS A 116 -11.06 -9.21 26.94
CA LYS A 116 -11.14 -10.15 28.07
C LYS A 116 -12.18 -9.76 29.15
N GLY A 117 -12.87 -8.64 28.98
CA GLY A 117 -13.81 -8.14 29.98
C GLY A 117 -15.04 -9.02 30.11
N LYS A 118 -15.70 -8.88 31.26
CA LYS A 118 -16.80 -9.75 31.65
C LYS A 118 -18.15 -9.06 31.44
N ILE A 119 -19.06 -9.74 30.73
CA ILE A 119 -20.40 -9.19 30.45
C ILE A 119 -21.51 -10.23 30.62
N MET A 120 -22.68 -9.73 30.99
CA MET A 120 -23.87 -10.58 31.15
C MET A 120 -24.97 -10.05 30.27
N GLY A 121 -25.65 -10.97 29.56
CA GLY A 121 -26.80 -10.61 28.72
C GLY A 121 -27.82 -11.73 28.59
N MET A 122 -29.01 -11.39 28.07
CA MET A 122 -30.03 -12.41 27.85
C MET A 122 -29.62 -13.32 26.71
N HIS A 123 -29.87 -14.61 26.92
CA HIS A 123 -29.58 -15.64 25.92
C HIS A 123 -30.36 -15.35 24.62
N LEU A 124 -29.74 -15.63 23.46
CA LEU A 124 -30.39 -15.42 22.14
C LEU A 124 -31.76 -16.06 22.06
N CYS A 125 -31.78 -17.37 22.30
CA CYS A 125 -33.00 -18.19 22.40
C CYS A 125 -34.09 -17.69 23.40
N SER A 126 -33.71 -16.90 24.39
CA SER A 126 -34.67 -16.28 25.31
C SER A 126 -35.04 -14.84 24.96
N GLY A 127 -34.55 -14.33 23.84
CA GLY A 127 -34.94 -13.00 23.35
C GLY A 127 -33.83 -11.94 23.35
N GLY A 128 -32.62 -12.28 23.78
CA GLY A 128 -31.51 -11.34 23.73
C GLY A 128 -30.90 -11.27 22.33
N HIS A 129 -30.17 -10.19 22.05
CA HIS A 129 -29.45 -10.07 20.78
C HIS A 129 -28.15 -10.87 20.75
N LEU A 130 -27.71 -11.12 19.53
CA LEU A 130 -26.39 -11.72 19.25
C LEU A 130 -25.28 -10.94 19.95
N THR A 131 -25.31 -9.62 19.79
CA THR A 131 -24.34 -8.70 20.45
C THR A 131 -24.45 -8.55 21.97
N HIS A 132 -25.30 -9.34 22.63
CA HIS A 132 -25.34 -9.40 24.07
C HIS A 132 -24.54 -10.56 24.66
N GLY A 133 -23.58 -11.07 23.89
CA GLY A 133 -22.70 -12.13 24.39
C GLY A 133 -23.02 -13.52 23.87
N PHE A 134 -23.78 -13.63 22.79
CA PHE A 134 -24.26 -14.92 22.36
C PHE A 134 -23.16 -15.88 21.95
N PHE A 135 -23.13 -17.04 22.61
CA PHE A 135 -22.37 -18.19 22.13
C PHE A 135 -23.21 -19.44 22.21
N ASP A 136 -22.64 -20.53 21.71
CA ASP A 136 -23.20 -21.88 21.80
C ASP A 136 -22.06 -22.79 22.27
N GLU A 137 -22.37 -23.99 22.76
CA GLU A 137 -21.32 -24.97 23.12
C GLU A 137 -20.28 -25.05 22.01
N LYS A 138 -20.79 -25.19 20.77
CA LYS A 138 -19.97 -25.37 19.56
C LYS A 138 -19.08 -24.18 19.19
N LYS A 139 -19.63 -22.96 19.24
CA LYS A 139 -18.87 -21.81 18.78
C LYS A 139 -19.18 -20.53 19.56
N LYS A 140 -18.19 -19.65 19.59
CA LYS A 140 -18.37 -18.28 20.07
C LYS A 140 -18.88 -17.54 18.88
N VAL A 141 -20.20 -17.53 18.75
CA VAL A 141 -20.91 -17.11 17.55
C VAL A 141 -20.81 -15.59 17.34
N SER A 142 -20.93 -14.83 18.41
CA SER A 142 -20.75 -13.39 18.35
C SER A 142 -19.34 -13.06 18.81
N ILE A 143 -18.79 -11.96 18.29
CA ILE A 143 -17.54 -11.41 18.80
C ILE A 143 -17.71 -11.01 20.26
N THR A 144 -18.93 -10.70 20.70
CA THR A 144 -19.19 -10.33 22.08
C THR A 144 -19.04 -11.49 23.06
N SER A 145 -19.05 -12.72 22.57
CA SER A 145 -18.68 -13.88 23.40
C SER A 145 -17.21 -14.23 23.33
N ASP A 146 -16.48 -13.61 22.40
CA ASP A 146 -15.09 -13.98 22.15
C ASP A 146 -14.10 -12.92 22.61
N MET A 147 -14.33 -11.67 22.21
CA MET A 147 -13.48 -10.60 22.68
C MET A 147 -13.77 -10.25 24.14
N PHE A 148 -14.94 -10.69 24.63
CA PHE A 148 -15.33 -10.61 26.02
C PHE A 148 -15.52 -12.02 26.54
N GLU A 149 -15.57 -12.14 27.88
CA GLU A 149 -16.07 -13.35 28.54
C GLU A 149 -17.52 -13.06 28.86
N SER A 150 -18.45 -13.82 28.26
CA SER A 150 -19.87 -13.60 28.53
C SER A 150 -20.49 -14.77 29.24
N LYS A 151 -21.50 -14.48 30.06
CA LYS A 151 -22.35 -15.48 30.69
C LYS A 151 -23.79 -15.11 30.30
N LEU A 152 -24.66 -16.08 30.09
CA LEU A 152 -25.99 -15.80 29.55
C LEU A 152 -27.12 -16.20 30.50
N TYR A 153 -28.03 -15.27 30.78
CA TYR A 153 -29.18 -15.54 31.66
C TYR A 153 -30.43 -15.80 30.86
N LYS A 154 -31.22 -16.77 31.33
CA LYS A 154 -32.44 -17.19 30.64
C LYS A 154 -33.70 -16.55 31.24
N CYS A 155 -34.77 -16.56 30.47
CA CYS A 155 -36.09 -16.16 30.97
C CYS A 155 -36.67 -17.41 31.61
N ASN A 156 -37.66 -17.25 32.48
CA ASN A 156 -38.31 -18.41 33.11
C ASN A 156 -39.20 -19.20 32.12
N SER A 157 -39.77 -20.31 32.59
CA SER A 157 -40.64 -21.17 31.76
C SER A 157 -41.91 -20.48 31.22
N GLN A 158 -42.34 -19.36 31.83
CA GLN A 158 -43.42 -18.52 31.28
C GLN A 158 -42.97 -17.35 30.39
N GLY A 159 -41.66 -17.25 30.09
CA GLY A 159 -41.14 -16.21 29.18
C GLY A 159 -40.79 -14.84 29.79
N TYR A 160 -40.71 -14.77 31.12
CA TYR A 160 -40.38 -13.52 31.81
C TYR A 160 -38.92 -13.55 32.23
N VAL A 161 -38.26 -12.39 32.21
CA VAL A 161 -36.91 -12.24 32.77
C VAL A 161 -36.96 -12.72 34.23
N ASP A 162 -36.13 -13.69 34.54
CA ASP A 162 -36.06 -14.25 35.89
C ASP A 162 -35.00 -13.51 36.69
N LEU A 163 -35.41 -12.47 37.42
CA LEU A 163 -34.45 -11.61 38.14
C LEU A 163 -33.61 -12.35 39.16
N ASP A 164 -34.25 -13.22 39.94
CA ASP A 164 -33.54 -14.05 40.91
C ASP A 164 -32.38 -14.81 40.29
N ALA A 165 -32.54 -15.24 39.05
CA ALA A 165 -31.47 -15.87 38.29
C ALA A 165 -30.37 -14.90 37.85
N VAL A 166 -30.76 -13.69 37.41
CA VAL A 166 -29.80 -12.62 37.01
C VAL A 166 -28.88 -12.24 38.18
N ARG A 167 -29.49 -11.98 39.34
CA ARG A 167 -28.78 -11.70 40.59
C ARG A 167 -27.89 -12.86 41.01
N GLU A 168 -28.40 -14.09 41.02
CA GLU A 168 -27.59 -15.27 41.40
C GLU A 168 -26.36 -15.37 40.50
N MET A 169 -26.55 -15.11 39.20
CA MET A 169 -25.48 -15.23 38.21
C MET A 169 -24.47 -14.10 38.41
N ALA A 170 -24.94 -12.87 38.51
CA ALA A 170 -24.05 -11.74 38.76
C ALA A 170 -23.11 -11.93 39.99
N LEU A 171 -23.62 -12.44 41.11
CA LEU A 171 -22.78 -12.62 42.34
C LEU A 171 -21.70 -13.69 42.21
N SER A 172 -21.95 -14.68 41.37
CA SER A 172 -20.97 -15.74 41.09
C SER A 172 -19.99 -15.30 40.01
N PHE A 173 -20.54 -14.66 38.97
CA PHE A 173 -19.78 -14.29 37.77
C PHE A 173 -19.05 -12.95 37.88
N LYS A 174 -19.66 -11.99 38.57
CA LYS A 174 -19.07 -10.67 38.82
C LYS A 174 -18.67 -10.01 37.50
N PRO A 175 -19.65 -9.70 36.64
CA PRO A 175 -19.26 -9.01 35.41
C PRO A 175 -19.08 -7.51 35.63
N LYS A 176 -18.39 -6.87 34.69
CA LYS A 176 -18.30 -5.42 34.63
C LYS A 176 -19.56 -4.81 34.03
N VAL A 177 -20.30 -5.56 33.18
CA VAL A 177 -21.53 -5.02 32.54
C VAL A 177 -22.66 -6.06 32.50
N ILE A 178 -23.90 -5.59 32.70
CA ILE A 178 -25.09 -6.43 32.60
C ILE A 178 -26.01 -5.77 31.59
N ILE A 179 -26.34 -6.52 30.54
CA ILE A 179 -27.11 -5.98 29.42
C ILE A 179 -28.59 -6.34 29.62
N CYS A 180 -29.46 -5.36 29.47
CA CYS A 180 -30.90 -5.56 29.43
C CYS A 180 -31.45 -4.80 28.23
N GLY A 181 -32.67 -5.14 27.81
CA GLY A 181 -33.28 -4.62 26.55
C GLY A 181 -32.96 -5.59 25.42
N TYR A 182 -33.99 -6.08 24.68
CA TYR A 182 -33.84 -7.33 23.92
C TYR A 182 -34.40 -7.29 22.49
N THR A 183 -34.28 -8.40 21.75
CA THR A 183 -34.73 -8.45 20.35
C THR A 183 -36.15 -8.98 20.20
N SER A 184 -36.51 -10.00 20.98
CA SER A 184 -37.85 -10.61 20.93
C SER A 184 -38.43 -10.81 22.34
N TYR A 185 -38.54 -9.73 23.08
CA TYR A 185 -39.10 -9.78 24.41
C TYR A 185 -40.36 -8.93 24.42
N PRO A 186 -41.53 -9.55 24.71
CA PRO A 186 -42.83 -8.92 24.57
C PRO A 186 -43.31 -8.04 25.72
N ARG A 187 -42.55 -7.97 26.81
CA ARG A 187 -42.90 -7.18 27.98
C ARG A 187 -41.92 -6.04 28.29
N ASP A 188 -42.36 -5.16 29.18
CA ASP A 188 -41.53 -4.07 29.66
C ASP A 188 -40.45 -4.61 30.63
N ILE A 189 -39.44 -3.77 30.86
CA ILE A 189 -38.27 -4.15 31.61
C ILE A 189 -38.22 -3.42 32.94
N ASP A 190 -37.89 -4.13 34.01
CA ASP A 190 -37.73 -3.51 35.32
C ASP A 190 -36.27 -3.03 35.47
N TYR A 191 -35.99 -1.85 34.95
CA TYR A 191 -34.63 -1.31 34.96
C TYR A 191 -34.17 -1.04 36.37
N GLN A 192 -35.06 -0.45 37.20
CA GLN A 192 -34.75 -0.17 38.60
C GLN A 192 -34.18 -1.41 39.27
N GLN A 193 -34.86 -2.55 39.15
CA GLN A 193 -34.33 -3.76 39.73
C GLN A 193 -33.00 -4.12 39.11
N PHE A 194 -32.82 -3.88 37.81
CA PHE A 194 -31.51 -4.08 37.16
C PHE A 194 -30.43 -3.16 37.77
N ARG A 195 -30.77 -1.89 37.96
CA ARG A 195 -29.87 -0.89 38.56
C ARG A 195 -29.50 -1.21 40.01
N GLN A 196 -30.47 -1.75 40.77
CA GLN A 196 -30.22 -2.29 42.12
C GLN A 196 -29.21 -3.46 42.10
N ILE A 197 -29.32 -4.35 41.11
CA ILE A 197 -28.41 -5.53 41.00
C ILE A 197 -27.00 -5.12 40.52
N CYS A 198 -26.92 -4.09 39.69
CA CYS A 198 -25.63 -3.65 39.17
C CYS A 198 -24.75 -3.04 40.30
N ASP A 199 -25.31 -2.11 41.08
CA ASP A 199 -24.69 -1.54 42.29
C ASP A 199 -24.15 -2.58 43.27
N GLU A 200 -24.92 -3.65 43.48
CA GLU A 200 -24.60 -4.70 44.45
C GLU A 200 -23.36 -5.49 44.08
N VAL A 201 -23.05 -5.53 42.78
CA VAL A 201 -21.88 -6.23 42.28
C VAL A 201 -20.83 -5.24 41.70
N ASN A 202 -21.22 -3.98 41.50
CA ASN A 202 -20.38 -2.90 40.90
C ASN A 202 -20.09 -3.08 39.40
N ALA A 203 -21.12 -3.54 38.68
CA ALA A 203 -21.10 -3.65 37.21
C ALA A 203 -21.84 -2.45 36.63
N TYR A 204 -21.59 -2.11 35.37
CA TYR A 204 -22.35 -1.06 34.68
C TYR A 204 -23.72 -1.60 34.20
N LEU A 205 -24.72 -0.71 34.10
CA LEU A 205 -26.02 -1.06 33.49
C LEU A 205 -26.13 -0.60 32.04
N PHE A 206 -26.32 -1.58 31.15
CA PHE A 206 -26.41 -1.37 29.69
C PHE A 206 -27.86 -1.67 29.27
N ALA A 207 -28.56 -0.66 28.76
CA ALA A 207 -29.90 -0.78 28.19
C ALA A 207 -29.91 -0.66 26.65
N ASP A 208 -30.17 -1.77 25.95
CA ASP A 208 -30.26 -1.74 24.45
C ASP A 208 -31.72 -1.62 24.19
N ILE A 209 -32.17 -0.44 23.77
CA ILE A 209 -33.59 -0.18 23.60
C ILE A 209 -34.03 -0.07 22.12
N SER A 210 -33.25 -0.68 21.22
CA SER A 210 -33.50 -0.67 19.76
C SER A 210 -34.92 -1.01 19.34
N HIS A 211 -35.46 -2.07 19.91
CA HIS A 211 -36.86 -2.45 19.67
C HIS A 211 -37.94 -1.60 20.29
N ILE A 212 -37.63 -0.89 21.38
CA ILE A 212 -38.65 -0.16 22.11
C ILE A 212 -38.37 1.35 22.21
N SER A 213 -37.52 1.85 21.31
CA SER A 213 -36.96 3.18 21.45
C SER A 213 -38.03 4.27 21.48
N SER A 214 -38.97 4.19 20.54
CA SER A 214 -40.06 5.14 20.47
C SER A 214 -40.93 5.13 21.71
N PHE A 215 -41.02 4.00 22.40
CA PHE A 215 -41.76 3.90 23.65
C PHE A 215 -41.04 4.61 24.80
N VAL A 216 -39.71 4.59 24.80
CA VAL A 216 -38.94 5.27 25.83
C VAL A 216 -39.00 6.76 25.55
N ALA A 217 -38.66 7.15 24.33
CA ALA A 217 -38.70 8.55 23.92
C ALA A 217 -40.01 9.25 24.20
N CYS A 218 -41.12 8.57 23.90
CA CYS A 218 -42.46 9.15 24.05
C CYS A 218 -43.11 8.94 25.43
N ASN A 219 -42.38 8.35 26.37
CA ASN A 219 -42.83 8.13 27.75
C ASN A 219 -44.04 7.21 27.95
N ILE A 220 -44.20 6.23 27.03
CA ILE A 220 -45.23 5.20 27.12
C ILE A 220 -44.77 4.00 27.93
N LEU A 221 -43.50 3.64 27.81
CA LEU A 221 -42.94 2.55 28.61
C LEU A 221 -41.95 3.08 29.64
N ASN A 222 -41.45 2.20 30.50
CA ASN A 222 -40.40 2.55 31.46
C ASN A 222 -39.20 3.20 30.79
N ASN A 223 -38.51 4.03 31.58
CA ASN A 223 -37.43 4.88 31.10
C ASN A 223 -36.14 4.38 31.67
N PRO A 224 -35.29 3.78 30.83
CA PRO A 224 -34.05 3.25 31.40
C PRO A 224 -33.02 4.35 31.71
N PHE A 225 -33.20 5.55 31.16
CA PHE A 225 -32.31 6.69 31.41
C PHE A 225 -32.26 7.08 32.90
N LEU A 226 -33.34 6.83 33.63
CA LEU A 226 -33.35 7.05 35.06
C LEU A 226 -32.32 6.17 35.78
N HIS A 227 -32.06 4.98 35.24
CA HIS A 227 -31.21 4.00 35.89
C HIS A 227 -29.93 3.62 35.15
N ALA A 228 -29.87 3.74 33.82
CA ALA A 228 -28.77 3.16 33.06
C ALA A 228 -27.53 4.06 32.94
N ASP A 229 -26.37 3.42 32.86
CA ASP A 229 -25.11 4.07 32.50
C ASP A 229 -24.95 4.32 31.01
N VAL A 230 -25.33 3.30 30.22
CA VAL A 230 -25.24 3.36 28.77
C VAL A 230 -26.57 2.92 28.18
N VAL A 231 -27.07 3.68 27.21
CA VAL A 231 -28.23 3.30 26.42
C VAL A 231 -27.86 3.30 24.95
N THR A 232 -27.99 2.14 24.29
CA THR A 232 -27.80 2.07 22.82
C THR A 232 -29.14 1.87 22.13
N THR A 233 -29.23 2.38 20.92
CA THR A 233 -30.39 2.12 20.09
C THR A 233 -30.11 2.27 18.61
N THR A 234 -30.73 1.39 17.82
CA THR A 234 -30.77 1.59 16.37
C THR A 234 -31.76 2.68 16.05
N THR A 235 -31.65 3.29 14.89
CA THR A 235 -32.58 4.32 14.46
C THR A 235 -33.57 3.87 13.36
N HIS A 236 -33.53 2.58 12.96
CA HIS A 236 -34.30 2.06 11.79
C HIS A 236 -35.54 1.25 12.10
N LYS A 237 -35.71 0.81 13.35
CA LYS A 237 -36.88 0.02 13.71
C LYS A 237 -38.08 0.92 14.03
N ILE A 238 -38.64 0.81 15.23
CA ILE A 238 -39.84 1.55 15.62
C ILE A 238 -39.64 3.06 15.52
N LEU A 239 -38.41 3.51 15.80
CA LEU A 239 -38.07 4.94 15.69
C LEU A 239 -38.23 5.51 14.27
N ARG A 240 -38.13 4.63 13.27
CA ARG A 240 -38.47 4.94 11.88
C ARG A 240 -37.45 5.83 11.18
N GLY A 241 -36.17 5.75 11.58
CA GLY A 241 -35.11 6.50 10.91
C GLY A 241 -34.37 5.67 9.89
N PRO A 242 -33.16 6.11 9.51
CA PRO A 242 -32.35 5.33 8.61
C PRO A 242 -31.71 4.18 9.36
N ARG A 243 -31.01 3.33 8.62
CA ARG A 243 -30.23 2.29 9.26
C ARG A 243 -28.99 2.94 9.91
N SER A 244 -29.04 3.14 11.23
CA SER A 244 -27.92 3.70 12.00
C SER A 244 -28.09 3.34 13.47
N ALA A 245 -27.23 3.89 14.33
CA ALA A 245 -27.33 3.67 15.75
C ALA A 245 -26.77 4.82 16.62
N LEU A 246 -27.18 4.80 17.89
CA LEU A 246 -26.85 5.82 18.89
C LEU A 246 -26.34 5.15 20.14
N ILE A 247 -25.23 5.64 20.68
CA ILE A 247 -24.79 5.28 22.00
C ILE A 247 -25.01 6.50 22.92
N PHE A 248 -25.86 6.32 23.92
CA PHE A 248 -25.99 7.29 25.04
C PHE A 248 -25.12 6.90 26.24
N PHE A 249 -24.50 7.90 26.86
CA PHE A 249 -23.67 7.68 28.05
C PHE A 249 -24.00 8.72 29.15
N ASN A 250 -24.05 8.22 30.37
CA ASN A 250 -24.46 9.02 31.53
C ASN A 250 -23.20 9.61 32.15
N LYS A 251 -22.91 10.86 31.81
CA LYS A 251 -21.70 11.54 32.34
C LYS A 251 -21.66 11.68 33.86
N LYS A 252 -22.80 11.97 34.49
CA LYS A 252 -22.83 12.26 35.95
C LYS A 252 -22.55 11.09 36.83
N ARG A 253 -23.02 9.93 36.42
CA ARG A 253 -22.77 8.71 37.16
C ARG A 253 -21.37 8.19 36.87
N ASN A 254 -20.78 8.59 35.74
CA ASN A 254 -19.44 8.12 35.33
C ASN A 254 -18.66 9.24 34.63
N PRO A 255 -17.84 9.99 35.40
CA PRO A 255 -16.94 10.97 34.78
C PRO A 255 -15.93 10.29 33.86
N GLY A 256 -15.60 10.93 32.75
CA GLY A 256 -14.63 10.35 31.80
C GLY A 256 -15.18 9.28 30.84
N ILE A 257 -16.47 8.93 30.97
CA ILE A 257 -17.11 7.96 30.06
C ILE A 257 -17.21 8.53 28.65
N GLU A 258 -17.44 9.83 28.54
CA GLU A 258 -17.54 10.52 27.24
C GLU A 258 -16.38 10.25 26.30
N GLN A 259 -15.16 10.33 26.83
CA GLN A 259 -13.97 10.09 26.01
C GLN A 259 -13.82 8.61 25.65
N LYS A 260 -14.09 7.74 26.61
CA LYS A 260 -13.93 6.29 26.44
C LYS A 260 -14.86 5.75 25.32
N ILE A 261 -16.09 6.23 25.32
CA ILE A 261 -17.06 5.89 24.30
C ILE A 261 -16.74 6.55 22.98
N ASN A 262 -16.37 7.82 22.99
CA ASN A 262 -16.02 8.46 21.75
C ASN A 262 -14.81 7.83 21.06
N SER A 263 -13.83 7.34 21.84
CA SER A 263 -12.60 6.79 21.29
C SER A 263 -12.79 5.35 20.85
N ALA A 264 -13.71 4.66 21.49
CA ALA A 264 -14.09 3.31 21.12
C ALA A 264 -14.71 3.32 19.72
N VAL A 265 -15.58 4.30 19.46
CA VAL A 265 -16.24 4.41 18.17
C VAL A 265 -15.24 4.79 17.09
N PHE A 266 -14.47 5.86 17.35
CA PHE A 266 -13.33 6.26 16.50
C PHE A 266 -12.21 6.77 17.39
N PRO A 267 -10.97 6.34 17.16
CA PRO A 267 -10.42 5.51 16.11
C PRO A 267 -10.32 4.01 16.44
N SER A 268 -10.89 3.54 17.56
CA SER A 268 -10.73 2.13 17.91
C SER A 268 -11.36 1.18 16.85
N PHE A 269 -12.61 1.41 16.46
CA PHE A 269 -13.36 0.50 15.56
C PHE A 269 -13.64 1.09 14.18
N GLN A 270 -14.21 2.28 14.12
CA GLN A 270 -14.56 2.92 12.86
C GLN A 270 -13.48 3.87 12.37
N GLY A 271 -13.65 4.28 11.10
CA GLY A 271 -12.93 5.33 10.46
C GLY A 271 -13.92 6.46 10.16
N GLY A 272 -14.05 6.79 8.88
CA GLY A 272 -14.91 7.89 8.45
C GLY A 272 -16.37 7.68 8.74
N PRO A 273 -17.05 8.68 9.37
CA PRO A 273 -18.51 8.61 9.57
C PRO A 273 -19.29 8.65 8.26
N HIS A 274 -20.52 8.15 8.29
CA HIS A 274 -21.35 8.19 7.10
C HIS A 274 -22.33 9.34 7.22
N ASN A 275 -21.95 10.47 6.64
CA ASN A 275 -22.67 11.71 6.92
C ASN A 275 -24.08 11.77 6.37
N ASN A 276 -24.35 11.01 5.30
CA ASN A 276 -25.72 10.86 4.82
C ASN A 276 -26.61 10.21 5.87
N LYS A 277 -26.08 9.21 6.57
CA LYS A 277 -26.76 8.60 7.70
C LYS A 277 -27.06 9.59 8.81
N ILE A 278 -26.07 10.40 9.15
CA ILE A 278 -26.21 11.34 10.24
C ILE A 278 -27.24 12.44 9.88
N ALA A 279 -27.18 12.95 8.66
CA ALA A 279 -28.22 13.82 8.16
C ALA A 279 -29.61 13.16 8.28
N ALA A 280 -29.73 11.93 7.79
CA ALA A 280 -31.01 11.23 7.85
C ALA A 280 -31.48 11.04 9.28
N VAL A 281 -30.58 10.72 10.18
CA VAL A 281 -30.94 10.52 11.58
C VAL A 281 -31.42 11.84 12.16
N ALA A 282 -30.74 12.94 11.81
CA ALA A 282 -31.13 14.28 12.25
C ALA A 282 -32.55 14.60 11.82
N CYS A 283 -32.84 14.34 10.55
CA CYS A 283 -34.14 14.60 9.97
C CYS A 283 -35.29 13.84 10.65
N GLN A 284 -35.07 12.56 10.95
CA GLN A 284 -36.09 11.76 11.61
C GLN A 284 -36.29 12.13 13.10
N LEU A 285 -35.21 12.45 13.78
CA LEU A 285 -35.33 12.89 15.17
C LEU A 285 -36.19 14.17 15.33
N LYS A 286 -36.25 15.04 14.32
CA LYS A 286 -37.17 16.17 14.35
C LYS A 286 -38.61 15.68 14.39
N GLU A 287 -38.92 14.74 13.50
CA GLU A 287 -40.22 14.06 13.51
C GLU A 287 -40.49 13.32 14.82
N VAL A 288 -39.49 12.62 15.37
CA VAL A 288 -39.69 11.89 16.64
C VAL A 288 -40.18 12.82 17.76
N HIS A 289 -39.61 14.02 17.84
CA HIS A 289 -39.99 14.99 18.88
C HIS A 289 -41.16 15.88 18.41
N SER A 290 -42.32 15.26 18.25
CA SER A 290 -43.52 15.94 17.78
C SER A 290 -44.69 15.20 18.39
N PRO A 291 -45.85 15.88 18.54
CA PRO A 291 -47.03 15.18 19.05
C PRO A 291 -47.60 14.18 18.01
N ALA A 292 -47.43 14.50 16.72
CA ALA A 292 -47.83 13.61 15.63
C ALA A 292 -47.16 12.23 15.68
N PHE A 293 -45.88 12.19 16.04
CA PHE A 293 -45.14 10.92 16.12
C PHE A 293 -45.60 10.13 17.34
N LYS A 294 -45.92 10.83 18.44
CA LYS A 294 -46.40 10.17 19.66
C LYS A 294 -47.75 9.51 19.38
N GLU A 295 -48.60 10.17 18.60
CA GLU A 295 -49.86 9.58 18.12
C GLU A 295 -49.55 8.25 17.39
N TYR A 296 -48.57 8.26 16.48
CA TYR A 296 -48.11 7.05 15.78
C TYR A 296 -47.69 5.94 16.76
N THR A 297 -46.79 6.27 17.68
CA THR A 297 -46.28 5.27 18.64
C THR A 297 -47.38 4.67 19.50
N GLN A 298 -48.30 5.54 19.95
CA GLN A 298 -49.47 5.10 20.72
C GLN A 298 -50.27 4.15 19.87
N GLN A 299 -50.44 4.48 18.59
CA GLN A 299 -51.15 3.57 17.66
C GLN A 299 -50.45 2.20 17.48
N VAL A 300 -49.12 2.17 17.60
CA VAL A 300 -48.36 0.92 17.53
C VAL A 300 -48.76 0.01 18.68
N LEU A 301 -48.83 0.56 19.90
CA LEU A 301 -49.22 -0.22 21.06
C LEU A 301 -50.70 -0.63 21.02
N LEU A 302 -51.58 0.26 20.53
CA LEU A 302 -53.00 -0.04 20.40
C LEU A 302 -53.22 -1.20 19.40
N ASN A 303 -52.59 -1.12 18.22
CA ASN A 303 -52.63 -2.22 17.24
C ASN A 303 -52.10 -3.55 17.78
N SER A 304 -51.04 -3.48 18.57
CA SER A 304 -50.41 -4.66 19.14
C SER A 304 -51.28 -5.35 20.21
N LYS A 305 -51.91 -4.55 21.06
CA LYS A 305 -52.85 -5.09 22.07
C LYS A 305 -54.01 -5.78 21.36
N ALA A 306 -54.58 -5.06 20.39
CA ALA A 306 -55.68 -5.58 19.56
C ALA A 306 -55.32 -6.88 18.84
N LEU A 307 -54.10 -6.92 18.29
CA LEU A 307 -53.64 -8.10 17.56
C LEU A 307 -53.46 -9.29 18.48
N ALA A 308 -52.90 -9.06 19.66
CA ALA A 308 -52.74 -10.12 20.65
C ALA A 308 -54.10 -10.65 21.11
N LYS A 309 -55.00 -9.71 21.43
CA LYS A 309 -56.38 -10.03 21.81
C LYS A 309 -57.12 -10.84 20.72
N ALA A 310 -56.98 -10.46 19.46
CA ALA A 310 -57.68 -11.18 18.38
C ALA A 310 -57.07 -12.57 18.19
N LEU A 311 -55.76 -12.69 18.29
CA LEU A 311 -55.13 -14.01 18.18
C LEU A 311 -55.56 -14.97 19.31
N ILE A 312 -55.72 -14.42 20.52
CA ILE A 312 -56.20 -15.21 21.65
C ILE A 312 -57.66 -15.59 21.47
N SER A 313 -58.49 -14.70 20.95
CA SER A 313 -59.88 -15.02 20.59
C SER A 313 -60.01 -16.19 19.59
N LYS A 314 -58.99 -16.39 18.76
CA LYS A 314 -58.91 -17.54 17.84
C LYS A 314 -58.06 -18.67 18.42
N GLN A 315 -57.94 -18.77 19.74
CA GLN A 315 -57.26 -19.90 20.39
C GLN A 315 -55.79 -20.07 19.98
N ILE A 316 -55.14 -18.97 19.62
CA ILE A 316 -53.70 -18.98 19.35
C ILE A 316 -53.02 -18.47 20.62
N ASP A 317 -52.00 -19.22 21.05
CA ASP A 317 -51.22 -18.93 22.24
C ASP A 317 -50.05 -17.96 21.97
N LEU A 318 -49.91 -16.98 22.88
CA LEU A 318 -48.88 -15.98 22.84
C LEU A 318 -47.95 -16.16 24.05
N VAL A 319 -46.64 -16.00 23.86
CA VAL A 319 -45.67 -16.12 24.96
C VAL A 319 -45.88 -14.93 25.90
N THR A 320 -45.91 -15.22 27.19
CA THR A 320 -46.36 -14.33 28.26
C THR A 320 -47.84 -13.94 28.16
N ASN A 321 -48.61 -14.67 27.35
CA ASN A 321 -50.05 -14.43 27.12
C ASN A 321 -50.47 -13.01 26.78
N GLY A 322 -49.59 -12.26 26.14
CA GLY A 322 -49.86 -10.87 25.80
C GLY A 322 -48.61 -10.07 25.53
N THR A 323 -48.80 -8.76 25.53
CA THR A 323 -47.72 -7.87 25.25
C THR A 323 -47.86 -6.48 25.91
N ASP A 324 -46.73 -5.86 26.26
CA ASP A 324 -46.74 -4.47 26.68
C ASP A 324 -46.21 -3.55 25.64
N ASN A 325 -45.77 -4.10 24.51
CA ASN A 325 -45.13 -3.30 23.50
C ASN A 325 -45.68 -3.63 22.10
N HIS A 326 -44.88 -3.29 21.11
CA HIS A 326 -45.07 -3.51 19.67
C HIS A 326 -45.02 -4.97 19.17
N LEU A 327 -44.53 -5.91 19.98
CA LEU A 327 -44.28 -7.27 19.49
C LEU A 327 -44.94 -8.38 20.27
N ILE A 328 -45.25 -9.44 19.52
CA ILE A 328 -45.89 -10.64 20.02
C ILE A 328 -45.08 -11.81 19.52
N VAL A 329 -44.92 -12.81 20.36
CA VAL A 329 -44.32 -14.08 19.98
C VAL A 329 -45.43 -15.13 20.04
N VAL A 330 -45.79 -15.73 18.91
CA VAL A 330 -46.80 -16.78 18.88
C VAL A 330 -46.12 -18.11 19.13
N ASP A 331 -46.66 -18.85 20.09
CA ASP A 331 -46.22 -20.21 20.40
C ASP A 331 -47.04 -21.19 19.55
N LEU A 332 -46.38 -22.00 18.72
CA LEU A 332 -47.08 -22.87 17.74
C LEU A 332 -47.11 -24.36 18.13
N ARG A 333 -47.00 -24.65 19.43
CA ARG A 333 -46.90 -26.05 19.90
C ARG A 333 -48.22 -26.81 19.79
N LYS A 334 -49.33 -26.13 20.04
CA LYS A 334 -50.65 -26.77 19.98
C LYS A 334 -51.08 -27.26 18.59
N PHE A 335 -50.43 -26.76 17.53
CA PHE A 335 -50.71 -27.18 16.18
C PHE A 335 -49.69 -28.17 15.62
N SER A 336 -48.55 -28.35 16.30
CA SER A 336 -47.46 -29.25 15.86
C SER A 336 -46.87 -28.86 14.49
N ILE A 337 -46.73 -27.56 14.29
CA ILE A 337 -45.98 -27.01 13.18
C ILE A 337 -44.86 -26.12 13.72
N THR A 338 -43.78 -26.00 12.95
CA THR A 338 -42.61 -25.21 13.35
C THR A 338 -42.73 -23.81 12.82
N GLY A 339 -41.93 -22.91 13.43
CA GLY A 339 -41.90 -21.53 13.02
C GLY A 339 -41.43 -21.35 11.60
N SER A 340 -40.42 -22.09 11.18
CA SER A 340 -39.90 -21.97 9.80
C SER A 340 -40.92 -22.42 8.75
N LYS A 341 -41.76 -23.40 9.08
CA LYS A 341 -42.84 -23.82 8.16
C LYS A 341 -43.84 -22.70 7.94
N LEU A 342 -44.21 -21.99 9.02
CA LEU A 342 -45.15 -20.89 8.95
C LEU A 342 -44.52 -19.69 8.28
N GLN A 343 -43.23 -19.47 8.51
CA GLN A 343 -42.52 -18.43 7.78
C GLN A 343 -42.59 -18.65 6.24
N GLU A 344 -42.38 -19.89 5.81
CA GLU A 344 -42.47 -20.23 4.36
C GLU A 344 -43.92 -20.08 3.86
N THR A 345 -44.86 -20.60 4.62
CA THR A 345 -46.27 -20.41 4.31
C THR A 345 -46.65 -18.93 4.22
N CYS A 346 -46.15 -18.14 5.16
CA CYS A 346 -46.46 -16.71 5.20
C CYS A 346 -45.75 -15.96 4.07
N ASN A 347 -44.48 -16.29 3.79
CA ASN A 347 -43.83 -15.71 2.58
C ASN A 347 -44.66 -16.08 1.34
N ALA A 348 -45.11 -17.33 1.24
CA ALA A 348 -45.94 -17.74 0.09
C ALA A 348 -47.23 -16.90 -0.08
N ILE A 349 -47.70 -16.25 0.99
CA ILE A 349 -48.88 -15.36 0.87
C ILE A 349 -48.59 -13.89 1.05
N ASN A 350 -47.33 -13.50 0.85
CA ASN A 350 -46.88 -12.13 1.08
C ASN A 350 -47.12 -11.61 2.51
N VAL A 351 -46.93 -12.49 3.48
CA VAL A 351 -46.98 -12.08 4.91
C VAL A 351 -45.55 -12.21 5.43
N SER A 352 -44.96 -11.07 5.76
CA SER A 352 -43.59 -11.05 6.27
C SER A 352 -43.56 -11.19 7.80
N LEU A 353 -42.93 -12.25 8.27
CA LEU A 353 -42.71 -12.47 9.69
C LEU A 353 -41.48 -13.38 9.85
N ASN A 354 -40.98 -13.52 11.07
CA ASN A 354 -39.84 -14.38 11.30
C ASN A 354 -40.11 -15.44 12.32
N LYS A 355 -39.40 -16.54 12.11
CA LYS A 355 -39.36 -17.64 13.03
C LYS A 355 -38.63 -17.20 14.29
N ASN A 356 -39.02 -17.78 15.43
CA ASN A 356 -38.53 -17.29 16.69
C ASN A 356 -38.63 -18.35 17.77
N THR A 357 -37.58 -18.45 18.56
CA THR A 357 -37.57 -19.37 19.71
C THR A 357 -38.66 -19.03 20.72
N ILE A 358 -39.00 -20.01 21.55
CA ILE A 358 -39.88 -19.81 22.68
C ILE A 358 -39.21 -20.46 23.91
N PRO A 359 -39.76 -20.22 25.13
CA PRO A 359 -39.13 -20.76 26.35
C PRO A 359 -38.92 -22.28 26.38
N SER A 360 -39.92 -23.02 25.90
CA SER A 360 -39.84 -24.49 25.88
C SER A 360 -38.66 -25.06 25.06
N ASP A 361 -38.24 -24.36 23.99
CA ASP A 361 -37.15 -24.86 23.12
C ASP A 361 -35.79 -24.77 23.84
N VAL A 362 -35.30 -25.90 24.36
CA VAL A 362 -33.97 -25.95 25.01
C VAL A 362 -32.88 -25.57 23.99
N ASP A 363 -33.03 -26.11 22.77
CA ASP A 363 -32.11 -25.85 21.65
C ASP A 363 -32.74 -24.91 20.64
N CYS A 364 -31.91 -24.07 20.03
CA CYS A 364 -32.32 -23.18 18.94
C CYS A 364 -32.57 -23.89 17.58
N VAL A 365 -32.41 -25.22 17.52
CA VAL A 365 -32.38 -25.98 16.24
C VAL A 365 -33.74 -25.89 15.52
N SER A 366 -34.82 -26.02 16.29
CA SER A 366 -36.17 -25.85 15.78
C SER A 366 -36.93 -24.84 16.67
N PRO A 367 -37.03 -23.55 16.23
CA PRO A 367 -37.90 -22.60 16.93
C PRO A 367 -39.38 -22.94 16.78
N SER A 368 -40.10 -22.98 17.91
CA SER A 368 -41.49 -23.35 17.92
C SER A 368 -42.44 -22.15 17.79
N GLY A 369 -41.94 -20.99 17.30
CA GLY A 369 -42.79 -19.83 17.19
C GLY A 369 -42.45 -18.88 16.09
N VAL A 370 -43.30 -17.88 15.97
CA VAL A 370 -43.02 -16.76 15.11
C VAL A 370 -43.19 -15.49 15.92
N ARG A 371 -42.39 -14.50 15.57
CA ARG A 371 -42.46 -13.22 16.15
C ARG A 371 -43.10 -12.32 15.12
N ILE A 372 -43.94 -11.40 15.59
CA ILE A 372 -44.65 -10.44 14.79
C ILE A 372 -44.69 -9.07 15.48
N GLY A 373 -44.94 -8.02 14.71
CA GLY A 373 -45.05 -6.68 15.27
C GLY A 373 -45.77 -5.69 14.37
N THR A 374 -46.28 -4.62 14.99
CA THR A 374 -47.13 -3.61 14.34
C THR A 374 -46.53 -2.32 13.78
N PRO A 375 -45.25 -1.99 14.05
CA PRO A 375 -44.74 -0.70 13.53
C PRO A 375 -44.87 -0.45 12.03
N ALA A 376 -44.49 -1.44 11.23
CA ALA A 376 -44.59 -1.29 9.77
C ALA A 376 -46.05 -1.03 9.34
N MET A 377 -46.95 -1.93 9.71
CA MET A 377 -48.37 -1.80 9.32
C MET A 377 -49.07 -0.59 9.92
N THR A 378 -48.64 -0.18 11.11
CA THR A 378 -49.11 1.05 11.73
C THR A 378 -48.66 2.26 10.93
N THR A 379 -47.44 2.20 10.39
CA THR A 379 -46.94 3.24 9.48
C THR A 379 -47.78 3.32 8.20
N ARG A 380 -48.19 2.16 7.69
CA ARG A 380 -48.98 2.10 6.46
C ARG A 380 -50.46 2.51 6.65
N GLY A 381 -50.91 2.60 7.90
CA GLY A 381 -52.19 3.23 8.25
C GLY A 381 -53.23 2.33 8.88
N ALA A 382 -52.88 1.07 9.16
CA ALA A 382 -53.77 0.15 9.83
C ALA A 382 -54.17 0.64 11.24
N LYS A 383 -55.42 0.44 11.61
CA LYS A 383 -55.97 0.81 12.91
C LYS A 383 -56.39 -0.45 13.66
N GLU A 384 -56.90 -0.29 14.87
CA GLU A 384 -57.25 -1.46 15.71
C GLU A 384 -58.16 -2.50 15.05
N LYS A 385 -59.14 -1.99 14.32
CA LYS A 385 -60.13 -2.81 13.59
C LYS A 385 -59.51 -3.64 12.46
N ASP A 386 -58.37 -3.19 11.92
CA ASP A 386 -57.64 -3.95 10.88
C ASP A 386 -56.88 -5.18 11.41
N MET A 387 -56.68 -5.23 12.72
CA MET A 387 -55.90 -6.28 13.33
C MET A 387 -56.62 -7.61 13.31
N GLU A 388 -57.96 -7.59 13.28
CA GLU A 388 -58.78 -8.83 13.16
C GLU A 388 -58.53 -9.52 11.80
N PHE A 389 -58.43 -8.74 10.74
CA PHE A 389 -58.06 -9.26 9.43
C PHE A 389 -56.66 -9.91 9.39
N ILE A 390 -55.69 -9.31 10.10
CA ILE A 390 -54.31 -9.85 10.13
C ILE A 390 -54.29 -11.12 10.96
N ALA A 391 -55.00 -11.12 12.08
CA ALA A 391 -55.16 -12.33 12.88
C ALA A 391 -55.92 -13.39 12.09
N ASP A 392 -56.96 -13.00 11.34
CA ASP A 392 -57.66 -13.95 10.44
C ASP A 392 -56.67 -14.55 9.42
N VAL A 393 -55.93 -13.69 8.74
CA VAL A 393 -54.93 -14.16 7.77
C VAL A 393 -53.90 -15.10 8.42
N LEU A 394 -53.42 -14.76 9.62
CA LEU A 394 -52.43 -15.62 10.28
C LEU A 394 -52.98 -16.96 10.71
N ALA A 395 -54.21 -16.96 11.21
CA ALA A 395 -54.91 -18.20 11.57
C ALA A 395 -55.06 -19.14 10.36
N ARG A 396 -55.47 -18.57 9.23
CA ARG A 396 -55.61 -19.32 7.97
C ARG A 396 -54.29 -19.90 7.52
N ALA A 397 -53.19 -19.16 7.73
CA ALA A 397 -51.85 -19.63 7.39
C ALA A 397 -51.42 -20.78 8.26
N ILE A 398 -51.77 -20.72 9.54
CA ILE A 398 -51.47 -21.82 10.44
C ILE A 398 -52.24 -23.06 10.02
N LYS A 399 -53.53 -22.91 9.73
CA LYS A 399 -54.36 -24.04 9.29
C LYS A 399 -53.82 -24.68 7.98
N ILE A 400 -53.57 -23.85 6.98
CA ILE A 400 -53.00 -24.33 5.71
C ILE A 400 -51.66 -25.04 5.94
N THR A 401 -50.85 -24.50 6.83
CA THR A 401 -49.59 -25.13 7.18
C THR A 401 -49.81 -26.50 7.77
N VAL A 402 -50.87 -26.66 8.57
CA VAL A 402 -51.20 -27.97 9.17
C VAL A 402 -51.66 -28.95 8.07
N ASP A 403 -52.46 -28.44 7.12
CA ASP A 403 -52.95 -29.24 5.95
C ASP A 403 -51.79 -29.73 5.09
N LEU A 404 -50.88 -28.82 4.75
CA LEU A 404 -49.70 -29.16 3.96
C LEU A 404 -48.77 -30.15 4.67
N GLN A 405 -48.59 -29.99 5.98
CA GLN A 405 -47.77 -30.94 6.76
C GLN A 405 -48.40 -32.35 6.77
N GLU A 406 -49.74 -32.39 6.84
CA GLU A 406 -50.51 -33.61 6.74
C GLU A 406 -50.26 -34.36 5.43
N GLN A 407 -50.39 -33.64 4.32
CA GLN A 407 -50.20 -34.22 2.98
C GLN A 407 -48.76 -34.69 2.67
N TYR A 408 -47.79 -33.80 2.93
CA TYR A 408 -46.41 -34.03 2.49
C TYR A 408 -45.42 -34.48 3.58
N GLY A 409 -45.80 -34.39 4.85
CA GLY A 409 -44.93 -34.80 5.96
C GLY A 409 -44.20 -33.65 6.64
N LYS A 410 -43.73 -33.94 7.85
CA LYS A 410 -43.18 -32.94 8.79
C LYS A 410 -41.70 -32.61 8.56
N LYS A 411 -41.04 -33.31 7.62
CA LYS A 411 -39.67 -33.00 7.23
C LYS A 411 -39.72 -31.78 6.31
N LEU A 412 -38.74 -30.88 6.43
CA LEU A 412 -38.87 -29.52 5.87
C LEU A 412 -38.82 -29.49 4.35
N VAL A 413 -37.86 -30.21 3.75
CA VAL A 413 -37.77 -30.27 2.27
C VAL A 413 -39.05 -30.79 1.63
N ASP A 414 -39.63 -31.83 2.21
CA ASP A 414 -40.92 -32.39 1.76
C ASP A 414 -42.01 -31.33 1.88
N PHE A 415 -42.08 -30.63 3.03
CA PHE A 415 -43.14 -29.63 3.29
C PHE A 415 -43.31 -28.60 2.17
N LYS A 416 -42.18 -28.10 1.66
CA LYS A 416 -42.15 -27.00 0.68
C LYS A 416 -42.68 -27.33 -0.73
N LYS A 417 -42.62 -28.58 -1.17
CA LYS A 417 -43.14 -28.94 -2.50
C LYS A 417 -44.63 -28.69 -2.55
N GLY A 418 -45.29 -28.82 -1.40
CA GLY A 418 -46.71 -28.50 -1.28
C GLY A 418 -47.10 -27.05 -1.52
N LEU A 419 -46.16 -26.12 -1.32
CA LEU A 419 -46.45 -24.69 -1.34
C LEU A 419 -46.77 -24.08 -2.72
N PRO A 420 -45.90 -24.28 -3.72
CA PRO A 420 -46.22 -23.58 -4.96
C PRO A 420 -47.42 -24.26 -5.67
N GLY A 421 -48.27 -23.43 -6.24
CA GLY A 421 -49.50 -23.90 -6.86
C GLY A 421 -50.65 -24.23 -5.91
N ASN A 422 -50.47 -24.08 -4.59
CA ASN A 422 -51.56 -24.39 -3.65
C ASN A 422 -52.68 -23.39 -3.84
N ALA A 423 -53.88 -23.90 -4.13
CA ALA A 423 -55.03 -23.09 -4.53
C ALA A 423 -55.43 -22.09 -3.44
N GLN A 424 -55.49 -22.55 -2.20
CA GLN A 424 -55.85 -21.70 -1.05
C GLN A 424 -54.81 -20.60 -0.82
N LEU A 425 -53.53 -20.96 -0.89
CA LEU A 425 -52.44 -19.96 -0.77
C LEU A 425 -52.50 -18.90 -1.85
N GLN A 426 -52.68 -19.31 -3.12
CA GLN A 426 -52.86 -18.35 -4.24
C GLN A 426 -54.05 -17.46 -3.93
N GLN A 427 -55.14 -18.07 -3.45
CA GLN A 427 -56.33 -17.34 -3.01
C GLN A 427 -56.05 -16.42 -1.80
N LEU A 428 -55.32 -16.94 -0.82
CA LEU A 428 -54.99 -16.14 0.38
C LEU A 428 -54.01 -15.00 0.05
N LYS A 429 -52.95 -15.31 -0.71
CA LYS A 429 -52.04 -14.31 -1.28
C LYS A 429 -52.80 -13.18 -2.00
N GLN A 430 -53.74 -13.57 -2.86
CA GLN A 430 -54.55 -12.60 -3.60
C GLN A 430 -55.32 -11.68 -2.65
N GLU A 431 -55.86 -12.25 -1.57
CA GLU A 431 -56.51 -11.48 -0.50
C GLU A 431 -55.53 -10.51 0.18
N VAL A 432 -54.35 -11.01 0.48
CA VAL A 432 -53.31 -10.21 1.13
C VAL A 432 -52.88 -9.06 0.22
N VAL A 433 -52.55 -9.40 -1.04
CA VAL A 433 -52.12 -8.41 -2.05
C VAL A 433 -53.15 -7.31 -2.24
N THR A 434 -54.44 -7.64 -2.22
CA THR A 434 -55.49 -6.66 -2.54
C THR A 434 -55.64 -5.66 -1.41
N TRP A 435 -55.59 -6.14 -0.17
CA TRP A 435 -55.69 -5.23 0.98
C TRP A 435 -54.43 -4.36 1.15
N ALA A 436 -53.25 -4.99 1.14
CA ALA A 436 -51.95 -4.28 1.38
C ALA A 436 -51.65 -3.21 0.33
N GLY A 437 -51.84 -3.58 -0.94
CA GLY A 437 -51.64 -2.66 -2.07
C GLY A 437 -52.34 -1.33 -1.95
N ALA A 438 -53.53 -1.33 -1.35
CA ALA A 438 -54.37 -0.14 -1.19
C ALA A 438 -53.82 0.84 -0.15
N LEU A 439 -53.21 0.30 0.89
CA LEU A 439 -52.71 1.13 2.02
C LEU A 439 -51.68 2.19 1.62
N PRO A 440 -51.71 3.37 2.30
CA PRO A 440 -50.64 4.36 2.17
C PRO A 440 -49.21 3.76 2.27
N PHE A 441 -48.34 4.21 1.36
CA PHE A 441 -47.00 3.67 1.21
C PHE A 441 -46.06 4.86 1.07
N PRO A 442 -45.17 5.08 2.07
CA PRO A 442 -44.26 6.24 1.99
C PRO A 442 -43.34 6.17 0.78
N MET B 1 -50.00 6.46 8.06
CA MET B 1 -49.82 7.45 9.18
C MET B 1 -48.36 7.93 9.25
N PHE B 2 -47.95 8.68 8.23
CA PHE B 2 -46.58 9.23 8.10
C PHE B 2 -46.60 10.60 7.42
N ASN B 3 -45.52 11.37 7.57
CA ASN B 3 -45.38 12.69 6.92
C ASN B 3 -44.56 12.64 5.63
N ASN B 4 -45.24 12.74 4.48
CA ASN B 4 -44.54 12.67 3.19
C ASN B 4 -44.22 14.01 2.52
N GLU B 5 -44.28 15.11 3.27
CA GLU B 5 -43.84 16.41 2.75
C GLU B 5 -42.35 16.31 2.31
N PRO B 6 -41.95 17.01 1.20
CA PRO B 6 -40.51 17.00 0.81
C PRO B 6 -39.56 17.59 1.86
N LEU B 7 -38.28 17.21 1.73
CA LEU B 7 -37.20 17.54 2.67
C LEU B 7 -37.15 19.02 3.04
N GLU B 8 -37.27 19.86 2.00
CA GLU B 8 -37.29 21.32 2.18
C GLU B 8 -38.45 21.78 3.06
N GLN B 9 -39.61 21.17 2.86
CA GLN B 9 -40.80 21.48 3.63
C GLN B 9 -40.73 20.91 5.05
N ILE B 10 -40.45 19.60 5.17
CA ILE B 10 -40.39 18.92 6.48
C ILE B 10 -39.34 19.47 7.45
N ASP B 11 -38.17 19.83 6.92
CA ASP B 11 -37.09 20.32 7.77
C ASP B 11 -36.27 21.33 6.98
N LYS B 12 -36.66 22.61 7.15
CA LYS B 12 -35.99 23.72 6.51
C LYS B 12 -34.62 23.95 7.12
N GLU B 13 -34.48 23.74 8.43
CA GLU B 13 -33.17 23.94 9.09
C GLU B 13 -32.05 23.05 8.52
N LEU B 14 -32.34 21.76 8.39
CA LEU B 14 -31.37 20.81 7.85
C LEU B 14 -31.15 21.05 6.37
N HIS B 15 -32.20 21.39 5.63
CA HIS B 15 -32.11 21.54 4.17
C HIS B 15 -31.20 22.68 3.76
N ASP B 16 -31.07 23.70 4.63
CA ASP B 16 -30.17 24.82 4.37
C ASP B 16 -28.72 24.41 4.51
N ILE B 17 -28.42 23.70 5.60
CA ILE B 17 -27.05 23.25 5.88
C ILE B 17 -26.62 22.30 4.75
N LEU B 18 -27.53 21.44 4.30
CA LEU B 18 -27.24 20.55 3.16
C LEU B 18 -27.03 21.31 1.86
N ALA B 19 -27.83 22.35 1.62
CA ALA B 19 -27.62 23.18 0.41
C ALA B 19 -26.31 23.96 0.49
N ASP B 20 -25.93 24.34 1.72
CA ASP B 20 -24.64 24.98 1.98
C ASP B 20 -23.50 24.01 1.71
N GLU B 21 -23.61 22.78 2.24
CA GLU B 21 -22.57 21.74 2.05
C GLU B 21 -22.32 21.57 0.56
N GLU B 22 -23.39 21.45 -0.23
CA GLU B 22 -23.33 21.30 -1.69
C GLU B 22 -22.59 22.45 -2.40
N LYS B 23 -22.86 23.68 -1.96
CA LYS B 23 -22.15 24.86 -2.50
C LYS B 23 -20.64 24.77 -2.23
N ARG B 24 -20.27 24.47 -0.98
CA ARG B 24 -18.86 24.36 -0.61
C ARG B 24 -18.16 23.25 -1.44
N GLN B 25 -18.81 22.11 -1.63
CA GLN B 25 -18.25 21.04 -2.50
C GLN B 25 -18.01 21.52 -3.95
N ARG B 26 -18.95 22.29 -4.46
CA ARG B 26 -18.89 22.80 -5.82
C ARG B 26 -17.80 23.85 -5.98
N GLU B 27 -17.44 24.53 -4.89
CA GLU B 27 -16.55 25.68 -4.97
C GLU B 27 -15.22 25.41 -4.29
N THR B 28 -14.82 24.13 -4.26
CA THR B 28 -13.62 23.69 -3.55
C THR B 28 -12.69 22.98 -4.55
N ILE B 29 -11.39 23.18 -4.37
CA ILE B 29 -10.39 22.33 -5.02
C ILE B 29 -10.11 21.17 -4.05
N ASN B 30 -10.75 20.03 -4.34
CA ASN B 30 -10.71 18.89 -3.45
C ASN B 30 -9.56 17.98 -3.82
N LEU B 31 -8.51 18.05 -3.03
CA LEU B 31 -7.37 17.20 -3.21
C LEU B 31 -7.28 16.16 -2.08
N ILE B 32 -8.39 15.80 -1.43
CA ILE B 32 -8.33 14.72 -0.42
C ILE B 32 -8.16 13.41 -1.20
N ALA B 33 -7.08 12.70 -0.93
CA ALA B 33 -6.70 11.54 -1.75
C ALA B 33 -7.76 10.43 -1.66
N SER B 34 -8.45 10.37 -0.51
CA SER B 34 -9.54 9.42 -0.27
C SER B 34 -10.95 9.86 -0.68
N GLU B 35 -11.14 11.06 -1.25
CA GLU B 35 -12.50 11.51 -1.62
C GLU B 35 -12.72 11.45 -3.09
N ASN B 36 -13.98 11.40 -3.47
CA ASN B 36 -14.42 11.38 -4.87
C ASN B 36 -15.80 11.98 -4.88
N LEU B 37 -16.50 11.90 -6.00
CA LEU B 37 -17.86 12.40 -6.10
C LEU B 37 -18.71 11.39 -6.86
N THR B 38 -19.76 10.90 -6.19
CA THR B 38 -20.70 9.93 -6.75
C THR B 38 -21.64 10.56 -7.77
N ASN B 39 -22.00 9.82 -8.81
CA ASN B 39 -23.04 10.25 -9.76
C ASN B 39 -24.45 10.14 -9.16
N GLY B 40 -25.41 10.74 -9.84
CA GLY B 40 -26.81 10.70 -9.43
C GLY B 40 -27.39 9.30 -9.29
N ALA B 41 -26.98 8.34 -10.12
CA ALA B 41 -27.50 6.97 -10.07
C ALA B 41 -27.08 6.19 -8.82
N VAL B 42 -25.84 6.35 -8.41
CA VAL B 42 -25.34 5.78 -7.16
C VAL B 42 -26.11 6.37 -5.98
N ARG B 43 -26.35 7.67 -6.04
CA ARG B 43 -27.16 8.35 -5.02
C ARG B 43 -28.68 8.05 -5.04
N GLU B 44 -29.23 7.68 -6.20
CA GLU B 44 -30.60 7.08 -6.28
C GLU B 44 -30.68 5.73 -5.53
N CYS B 45 -29.64 4.91 -5.69
CA CYS B 45 -29.55 3.64 -4.99
C CYS B 45 -29.51 3.82 -3.50
N LEU B 46 -28.66 4.75 -3.03
CA LEU B 46 -28.48 4.97 -1.60
C LEU B 46 -29.75 5.40 -0.90
N GLY B 47 -30.62 6.14 -1.61
CA GLY B 47 -31.91 6.55 -1.08
C GLY B 47 -33.10 5.66 -1.44
N ASN B 48 -32.84 4.43 -1.88
CA ASN B 48 -33.90 3.52 -2.34
C ASN B 48 -34.58 2.84 -1.15
N ARG B 49 -35.85 2.44 -1.32
CA ARG B 49 -36.61 1.68 -0.27
C ARG B 49 -36.07 0.29 0.06
N VAL B 50 -35.09 -0.18 -0.67
CA VAL B 50 -34.43 -1.44 -0.30
C VAL B 50 -33.76 -1.41 1.12
N SER B 51 -33.41 -0.23 1.63
CA SER B 51 -32.93 -0.10 3.02
C SER B 51 -34.00 -0.37 4.11
N ASN B 52 -35.27 -0.53 3.70
CA ASN B 52 -36.32 -0.99 4.63
C ASN B 52 -36.18 -2.46 5.02
N LYS B 53 -35.51 -3.28 4.22
CA LYS B 53 -35.55 -4.71 4.41
C LYS B 53 -34.44 -5.23 5.32
N TYR B 54 -34.83 -5.98 6.36
CA TYR B 54 -33.90 -6.78 7.19
C TYR B 54 -33.55 -8.12 6.49
N SER B 55 -32.28 -8.39 6.25
CA SER B 55 -31.87 -9.62 5.53
C SER B 55 -30.61 -10.26 6.07
N GLU B 56 -30.60 -10.50 7.37
CA GLU B 56 -29.48 -11.15 8.03
C GLU B 56 -29.15 -12.52 7.48
N GLY B 57 -27.88 -12.74 7.21
CA GLY B 57 -27.43 -14.00 6.63
C GLY B 57 -26.77 -13.77 5.29
N TYR B 58 -26.96 -14.72 4.38
CA TYR B 58 -26.38 -14.69 3.02
C TYR B 58 -27.42 -15.14 2.01
N PRO B 59 -27.18 -14.92 0.70
CA PRO B 59 -28.23 -15.28 -0.28
C PRO B 59 -28.60 -16.77 -0.28
N LYS B 60 -29.90 -17.06 -0.37
CA LYS B 60 -30.45 -18.44 -0.29
C LYS B 60 -30.22 -19.14 1.07
N LYS B 61 -29.73 -18.38 2.06
CA LYS B 61 -29.51 -18.85 3.44
C LYS B 61 -29.80 -17.66 4.39
N ARG B 62 -30.93 -16.99 4.16
CA ARG B 62 -31.34 -15.83 4.97
C ARG B 62 -32.01 -16.33 6.20
N TYR B 63 -32.15 -15.47 7.20
CA TYR B 63 -32.94 -15.80 8.37
C TYR B 63 -34.39 -15.52 8.10
N TYR B 64 -34.70 -14.45 7.38
CA TYR B 64 -36.09 -14.19 6.95
C TYR B 64 -36.32 -14.51 5.49
N GLY B 65 -37.59 -14.64 5.13
CA GLY B 65 -37.99 -14.79 3.73
C GLY B 65 -38.18 -13.40 3.16
N GLY B 66 -38.90 -13.32 2.05
CA GLY B 66 -39.24 -12.03 1.46
C GLY B 66 -38.01 -11.30 0.95
N ASN B 67 -36.93 -12.07 0.73
CA ASN B 67 -35.60 -11.58 0.40
C ASN B 67 -35.19 -12.04 -1.01
N ASP B 68 -36.19 -12.30 -1.85
CA ASP B 68 -35.95 -12.80 -3.21
C ASP B 68 -35.32 -11.71 -4.06
N PHE B 69 -35.89 -10.52 -4.03
CA PHE B 69 -35.32 -9.41 -4.80
C PHE B 69 -33.98 -8.90 -4.22
N ILE B 70 -33.88 -8.85 -2.90
CA ILE B 70 -32.60 -8.57 -2.19
C ILE B 70 -31.51 -9.58 -2.53
N ASP B 71 -31.89 -10.86 -2.57
CA ASP B 71 -30.93 -11.91 -2.97
C ASP B 71 -30.40 -11.74 -4.39
N LYS B 72 -31.22 -11.24 -5.30
CA LYS B 72 -30.73 -11.00 -6.68
C LYS B 72 -29.73 -9.84 -6.68
N ILE B 73 -30.08 -8.74 -6.01
CA ILE B 73 -29.19 -7.58 -5.86
C ILE B 73 -27.87 -8.00 -5.23
N GLU B 74 -27.92 -8.71 -4.10
CA GLU B 74 -26.68 -9.15 -3.44
C GLU B 74 -25.87 -10.09 -4.31
N GLU B 75 -26.55 -10.98 -5.05
CA GLU B 75 -25.82 -11.89 -6.01
C GLU B 75 -25.29 -11.15 -7.23
N LEU B 76 -26.05 -10.18 -7.72
CA LEU B 76 -25.57 -9.30 -8.78
C LEU B 76 -24.34 -8.47 -8.37
N CYS B 77 -24.30 -8.03 -7.11
CA CYS B 77 -23.17 -7.21 -6.64
C CYS B 77 -21.91 -8.03 -6.56
N GLN B 78 -22.03 -9.23 -6.01
CA GLN B 78 -20.91 -10.20 -5.90
C GLN B 78 -20.32 -10.57 -7.28
N LYS B 79 -21.21 -10.95 -8.20
CA LYS B 79 -20.83 -11.24 -9.61
C LYS B 79 -20.06 -10.06 -10.22
N ARG B 80 -20.68 -8.87 -10.19
CA ARG B 80 -20.05 -7.67 -10.75
C ARG B 80 -18.70 -7.33 -10.08
N ALA B 81 -18.55 -7.60 -8.78
CA ALA B 81 -17.27 -7.37 -8.06
C ALA B 81 -16.15 -8.25 -8.55
N LEU B 82 -16.48 -9.50 -8.85
CA LEU B 82 -15.52 -10.48 -9.30
C LEU B 82 -15.08 -10.21 -10.74
N GLU B 83 -16.04 -9.89 -11.61
CA GLU B 83 -15.74 -9.43 -12.97
C GLU B 83 -14.85 -8.17 -13.00
N ALA B 84 -15.15 -7.20 -12.13
CA ALA B 84 -14.40 -5.96 -12.09
C ALA B 84 -12.93 -6.20 -11.74
N PHE B 85 -12.67 -7.09 -10.79
CA PHE B 85 -11.29 -7.33 -10.35
C PHE B 85 -10.60 -8.54 -11.01
N ASN B 86 -11.16 -9.00 -12.14
CA ASN B 86 -10.51 -9.95 -13.04
C ASN B 86 -10.23 -11.27 -12.35
N VAL B 87 -11.26 -11.82 -11.72
CA VAL B 87 -11.10 -13.03 -10.94
C VAL B 87 -12.25 -13.96 -11.30
N SER B 88 -11.91 -15.25 -11.28
CA SER B 88 -12.86 -16.30 -11.53
C SER B 88 -13.57 -16.59 -10.23
N ASP B 89 -14.91 -16.68 -10.27
CA ASP B 89 -15.69 -17.08 -9.10
C ASP B 89 -15.43 -18.53 -8.64
N GLU B 90 -14.68 -19.29 -9.44
CA GLU B 90 -14.26 -20.64 -9.06
C GLU B 90 -13.08 -20.51 -8.12
N GLU B 91 -12.16 -19.57 -8.39
CA GLU B 91 -10.96 -19.34 -7.54
C GLU B 91 -11.12 -18.27 -6.41
N TRP B 92 -12.11 -17.38 -6.55
CA TRP B 92 -12.25 -16.24 -5.60
C TRP B 92 -13.67 -16.02 -5.12
N GLY B 93 -13.79 -15.75 -3.82
CA GLY B 93 -15.03 -15.25 -3.26
C GLY B 93 -14.93 -13.81 -2.78
N VAL B 94 -16.10 -13.19 -2.62
CA VAL B 94 -16.26 -11.82 -2.17
C VAL B 94 -17.45 -11.67 -1.22
N ASN B 95 -17.21 -11.15 -0.02
CA ASN B 95 -18.30 -10.67 0.88
C ASN B 95 -18.61 -9.15 0.62
N VAL B 96 -19.85 -8.85 0.27
CA VAL B 96 -20.27 -7.46 -0.02
C VAL B 96 -21.05 -6.75 1.14
N GLN B 97 -21.11 -7.39 2.31
CA GLN B 97 -21.87 -6.84 3.44
C GLN B 97 -21.16 -5.82 4.36
N PRO B 98 -19.80 -5.77 4.40
CA PRO B 98 -19.14 -4.88 5.37
C PRO B 98 -19.50 -3.41 5.20
N LEU B 99 -19.82 -2.74 6.30
CA LEU B 99 -20.44 -1.42 6.21
C LEU B 99 -19.45 -0.35 5.79
N SER B 100 -18.17 -0.55 6.06
CA SER B 100 -17.12 0.39 5.71
C SER B 100 -15.75 -0.32 5.75
N GLY B 101 -14.74 0.39 5.26
CA GLY B 101 -13.39 -0.11 5.21
C GLY B 101 -12.82 -0.69 6.48
N SER B 102 -12.98 0.05 7.58
CA SER B 102 -12.44 -0.35 8.86
C SER B 102 -13.11 -1.65 9.36
N ALA B 103 -14.44 -1.71 9.30
CA ALA B 103 -15.16 -2.93 9.67
C ALA B 103 -14.67 -4.17 8.85
N ALA B 104 -14.61 -4.03 7.54
CA ALA B 104 -14.08 -5.06 6.64
C ALA B 104 -12.73 -5.57 7.08
N ASN B 105 -11.82 -4.64 7.39
CA ASN B 105 -10.49 -5.04 7.85
C ASN B 105 -10.50 -5.81 9.18
N VAL B 106 -11.27 -5.36 10.17
CA VAL B 106 -11.29 -6.03 11.47
C VAL B 106 -11.96 -7.41 11.40
N GLN B 107 -12.96 -7.51 10.54
CA GLN B 107 -13.66 -8.76 10.29
C GLN B 107 -12.73 -9.74 9.58
N ALA B 108 -12.15 -9.33 8.45
CA ALA B 108 -11.18 -10.17 7.73
C ALA B 108 -10.01 -10.62 8.63
N LEU B 109 -9.44 -9.70 9.41
CA LEU B 109 -8.34 -10.06 10.29
C LEU B 109 -8.78 -11.10 11.32
N TYR B 110 -9.92 -10.86 11.96
CA TYR B 110 -10.45 -11.81 12.92
C TYR B 110 -10.67 -13.22 12.32
N ALA B 111 -11.28 -13.28 11.13
CA ALA B 111 -11.45 -14.52 10.37
C ALA B 111 -10.14 -15.31 10.29
N LEU B 112 -9.07 -14.62 9.90
CA LEU B 112 -7.77 -15.25 9.65
C LEU B 112 -7.03 -15.68 10.90
N VAL B 113 -7.11 -14.90 11.97
CA VAL B 113 -6.25 -15.08 13.14
C VAL B 113 -6.95 -15.24 14.49
N GLY B 114 -8.19 -14.75 14.62
CA GLY B 114 -8.90 -14.76 15.90
C GLY B 114 -8.33 -13.80 16.94
N VAL B 115 -8.96 -13.78 18.11
CA VAL B 115 -8.48 -12.93 19.21
C VAL B 115 -7.13 -13.47 19.68
N LYS B 116 -6.26 -12.54 20.14
CA LYS B 116 -4.84 -12.81 20.45
C LYS B 116 -4.00 -13.20 19.22
N GLY B 117 -4.57 -13.15 18.02
CA GLY B 117 -3.83 -13.46 16.81
C GLY B 117 -2.78 -12.41 16.53
N LYS B 118 -1.73 -12.83 15.83
CA LYS B 118 -0.57 -11.99 15.55
C LYS B 118 -0.69 -11.44 14.13
N ILE B 119 -0.53 -10.11 13.99
CA ILE B 119 -0.56 -9.45 12.68
C ILE B 119 0.59 -8.45 12.52
N MET B 120 0.96 -8.22 11.28
CA MET B 120 1.95 -7.20 10.92
C MET B 120 1.35 -6.25 9.91
N GLY B 121 1.54 -4.96 10.13
CA GLY B 121 1.13 -3.92 9.17
C GLY B 121 2.07 -2.73 9.14
N MET B 122 1.93 -1.86 8.12
CA MET B 122 2.74 -0.64 8.07
C MET B 122 2.26 0.32 9.16
N HIS B 123 3.21 0.99 9.79
CA HIS B 123 2.93 1.94 10.86
C HIS B 123 2.08 3.11 10.31
N LEU B 124 1.21 3.68 11.15
CA LEU B 124 0.36 4.83 10.74
C LEU B 124 1.16 5.97 10.14
N CYS B 125 2.14 6.43 10.91
CA CYS B 125 3.10 7.48 10.49
C CYS B 125 3.88 7.22 9.19
N SER B 126 4.05 5.96 8.81
CA SER B 126 4.70 5.59 7.55
C SER B 126 3.72 5.32 6.40
N GLY B 127 2.43 5.61 6.61
CA GLY B 127 1.39 5.49 5.58
C GLY B 127 0.46 4.29 5.74
N GLY B 128 0.62 3.52 6.80
CA GLY B 128 -0.29 2.42 7.09
C GLY B 128 -1.61 2.96 7.61
N HIS B 129 -2.65 2.14 7.55
CA HIS B 129 -3.94 2.48 8.11
C HIS B 129 -4.03 2.15 9.59
N LEU B 130 -4.99 2.79 10.25
CA LEU B 130 -5.33 2.53 11.65
C LEU B 130 -5.61 1.06 11.88
N THR B 131 -6.44 0.46 11.02
CA THR B 131 -6.81 -0.97 11.09
C THR B 131 -5.73 -1.99 10.70
N HIS B 132 -4.49 -1.53 10.49
CA HIS B 132 -3.36 -2.39 10.24
C HIS B 132 -2.52 -2.61 11.49
N GLY B 133 -3.15 -2.52 12.65
CA GLY B 133 -2.46 -2.77 13.89
C GLY B 133 -1.97 -1.55 14.63
N PHE B 134 -2.45 -0.35 14.30
CA PHE B 134 -1.86 0.84 14.86
C PHE B 134 -1.96 0.91 16.40
N PHE B 135 -0.84 1.20 17.05
CA PHE B 135 -0.82 1.59 18.47
C PHE B 135 0.24 2.65 18.71
N ASP B 136 0.34 3.08 19.96
CA ASP B 136 1.37 4.02 20.42
C ASP B 136 1.76 3.65 21.88
N GLU B 137 2.92 4.12 22.35
CA GLU B 137 3.34 3.93 23.75
C GLU B 137 2.22 4.21 24.76
N LYS B 138 1.46 5.29 24.51
CA LYS B 138 0.37 5.73 25.40
C LYS B 138 -0.90 4.87 25.34
N LYS B 139 -1.25 4.34 24.16
CA LYS B 139 -2.44 3.52 24.03
C LYS B 139 -2.47 2.62 22.79
N LYS B 140 -3.32 1.60 22.87
CA LYS B 140 -3.58 0.72 21.74
C LYS B 140 -4.76 1.40 21.06
N VAL B 141 -4.43 2.27 20.10
CA VAL B 141 -5.36 3.23 19.50
C VAL B 141 -6.43 2.52 18.65
N SER B 142 -6.01 1.53 17.87
CA SER B 142 -6.93 0.72 17.09
C SER B 142 -7.25 -0.56 17.85
N ILE B 143 -8.47 -1.07 17.71
CA ILE B 143 -8.81 -2.41 18.18
C ILE B 143 -7.91 -3.46 17.52
N THR B 144 -7.37 -3.19 16.34
CA THR B 144 -6.48 -4.14 15.70
C THR B 144 -5.13 -4.30 16.39
N SER B 145 -4.78 -3.42 17.33
CA SER B 145 -3.65 -3.63 18.23
C SER B 145 -4.03 -4.18 19.59
N ASP B 146 -5.32 -4.31 19.85
CA ASP B 146 -5.80 -4.74 21.17
C ASP B 146 -6.40 -6.13 21.12
N MET B 147 -7.33 -6.35 20.19
CA MET B 147 -7.90 -7.67 20.02
C MET B 147 -6.90 -8.61 19.36
N PHE B 148 -5.87 -8.04 18.73
CA PHE B 148 -4.78 -8.78 18.15
C PHE B 148 -3.48 -8.33 18.81
N GLU B 149 -2.45 -9.15 18.66
CA GLU B 149 -1.08 -8.71 18.96
C GLU B 149 -0.45 -8.22 17.66
N SER B 150 -0.18 -6.93 17.56
CA SER B 150 0.37 -6.36 16.33
C SER B 150 1.80 -5.87 16.51
N LYS B 151 2.57 -5.96 15.43
CA LYS B 151 3.91 -5.42 15.35
C LYS B 151 3.92 -4.53 14.09
N LEU B 152 4.62 -3.40 14.13
CA LEU B 152 4.54 -2.41 13.04
C LEU B 152 5.87 -2.22 12.33
N TYR B 153 5.83 -2.25 11.00
CA TYR B 153 7.03 -2.05 10.16
C TYR B 153 7.06 -0.68 9.51
N LYS B 154 8.25 -0.07 9.48
CA LYS B 154 8.43 1.30 8.99
C LYS B 154 8.87 1.33 7.54
N CYS B 155 8.72 2.49 6.90
CA CYS B 155 9.30 2.76 5.58
C CYS B 155 10.71 3.23 5.88
N ASN B 156 11.61 3.13 4.91
CA ASN B 156 12.99 3.67 5.09
C ASN B 156 13.01 5.22 5.11
N SER B 157 14.21 5.79 5.34
CA SER B 157 14.40 7.25 5.38
C SER B 157 14.02 7.98 4.06
N GLN B 158 13.99 7.28 2.93
CA GLN B 158 13.48 7.83 1.64
C GLN B 158 12.00 7.60 1.38
N GLY B 159 11.30 6.96 2.32
CA GLY B 159 9.83 6.75 2.23
C GLY B 159 9.35 5.47 1.52
N TYR B 160 10.25 4.53 1.25
CA TYR B 160 9.91 3.29 0.54
C TYR B 160 9.73 2.19 1.57
N VAL B 161 8.83 1.24 1.27
CA VAL B 161 8.70 0.02 2.07
C VAL B 161 10.05 -0.67 2.12
N ASP B 162 10.59 -0.84 3.31
CA ASP B 162 11.88 -1.51 3.51
C ASP B 162 11.63 -3.01 3.68
N LEU B 163 11.78 -3.78 2.59
CA LEU B 163 11.43 -5.22 2.61
C LEU B 163 12.30 -6.04 3.54
N ASP B 164 13.60 -5.75 3.55
CA ASP B 164 14.54 -6.42 4.47
C ASP B 164 14.13 -6.29 5.93
N ALA B 165 13.47 -5.18 6.27
CA ALA B 165 12.96 -4.97 7.62
C ALA B 165 11.69 -5.76 7.88
N VAL B 166 10.84 -5.89 6.86
CA VAL B 166 9.60 -6.70 6.95
C VAL B 166 9.96 -8.17 7.23
N ARG B 167 10.92 -8.70 6.45
CA ARG B 167 11.47 -10.05 6.64
C ARG B 167 12.06 -10.20 8.03
N GLU B 168 12.98 -9.31 8.40
CA GLU B 168 13.62 -9.31 9.74
C GLU B 168 12.58 -9.43 10.84
N MET B 169 11.50 -8.66 10.73
CA MET B 169 10.46 -8.63 11.76
C MET B 169 9.62 -9.90 11.72
N ALA B 170 9.12 -10.27 10.55
CA ALA B 170 8.36 -11.51 10.40
C ALA B 170 9.07 -12.77 10.99
N LEU B 171 10.37 -12.96 10.79
CA LEU B 171 11.09 -14.17 11.26
C LEU B 171 11.23 -14.26 12.77
N SER B 172 11.37 -13.11 13.42
CA SER B 172 11.34 -13.06 14.88
C SER B 172 9.89 -13.13 15.40
N PHE B 173 9.02 -12.35 14.78
CA PHE B 173 7.65 -12.15 15.27
C PHE B 173 6.70 -13.30 14.92
N LYS B 174 6.87 -13.89 13.73
CA LYS B 174 6.11 -15.06 13.29
C LYS B 174 4.62 -14.75 13.37
N PRO B 175 4.15 -13.75 12.61
CA PRO B 175 2.73 -13.45 12.62
C PRO B 175 1.92 -14.42 11.76
N LYS B 176 0.62 -14.47 12.01
CA LYS B 176 -0.31 -15.21 11.16
C LYS B 176 -0.67 -14.42 9.91
N VAL B 177 -0.62 -13.08 9.97
CA VAL B 177 -0.96 -12.24 8.80
C VAL B 177 0.00 -11.05 8.67
N ILE B 178 0.34 -10.69 7.43
CA ILE B 178 1.13 -9.52 7.15
C ILE B 178 0.32 -8.68 6.20
N ILE B 179 0.07 -7.43 6.61
CA ILE B 179 -0.78 -6.50 5.88
C ILE B 179 0.08 -5.61 4.99
N CYS B 180 -0.30 -5.52 3.73
CA CYS B 180 0.29 -4.57 2.81
C CYS B 180 -0.85 -3.89 2.06
N GLY B 181 -0.56 -2.72 1.47
CA GLY B 181 -1.59 -1.83 0.89
C GLY B 181 -1.93 -0.75 1.93
N TYR B 182 -1.84 0.54 1.55
CA TYR B 182 -1.65 1.60 2.55
C TYR B 182 -2.58 2.81 2.35
N THR B 183 -2.52 3.77 3.27
CA THR B 183 -3.41 4.94 3.21
C THR B 183 -2.78 6.14 2.54
N SER B 184 -1.50 6.37 2.80
CA SER B 184 -0.76 7.48 2.19
C SER B 184 0.62 7.01 1.76
N TYR B 185 0.61 6.11 0.79
CA TYR B 185 1.83 5.57 0.23
C TYR B 185 1.82 5.86 -1.26
N PRO B 186 2.82 6.63 -1.75
CA PRO B 186 2.80 7.15 -3.11
C PRO B 186 3.29 6.22 -4.21
N ARG B 187 3.83 5.05 -3.86
CA ARG B 187 4.35 4.08 -4.86
C ARG B 187 3.60 2.73 -4.88
N ASP B 188 3.78 2.01 -5.98
CA ASP B 188 3.21 0.69 -6.17
C ASP B 188 3.88 -0.32 -5.22
N ILE B 189 3.29 -1.50 -5.08
CA ILE B 189 3.69 -2.49 -4.07
C ILE B 189 4.29 -3.76 -4.70
N ASP B 190 5.36 -4.28 -4.08
CA ASP B 190 5.95 -5.56 -4.51
C ASP B 190 5.23 -6.71 -3.78
N TYR B 191 4.06 -7.04 -4.27
CA TYR B 191 3.23 -8.08 -3.65
C TYR B 191 3.96 -9.41 -3.70
N GLN B 192 4.60 -9.70 -4.84
CA GLN B 192 5.38 -10.93 -4.97
C GLN B 192 6.39 -11.04 -3.83
N GLN B 193 7.19 -10.01 -3.58
CA GLN B 193 8.14 -10.14 -2.48
C GLN B 193 7.39 -10.36 -1.17
N PHE B 194 6.23 -9.73 -0.99
CA PHE B 194 5.40 -9.98 0.21
C PHE B 194 4.96 -11.44 0.31
N ARG B 195 4.50 -11.99 -0.82
CA ARG B 195 4.10 -13.41 -0.90
C ARG B 195 5.26 -14.37 -0.56
N GLN B 196 6.45 -14.04 -1.03
CA GLN B 196 7.69 -14.77 -0.70
C GLN B 196 8.03 -14.74 0.78
N ILE B 197 7.79 -13.59 1.44
CA ILE B 197 8.06 -13.46 2.90
C ILE B 197 7.00 -14.18 3.74
N CYS B 198 5.75 -14.11 3.29
CA CYS B 198 4.66 -14.77 3.98
C CYS B 198 4.88 -16.31 4.05
N ASP B 199 5.05 -16.93 2.88
CA ASP B 199 5.40 -18.37 2.74
C ASP B 199 6.56 -18.81 3.65
N GLU B 200 7.57 -17.96 3.73
CA GLU B 200 8.78 -18.22 4.53
C GLU B 200 8.47 -18.41 6.02
N VAL B 201 7.42 -17.73 6.49
CA VAL B 201 6.99 -17.80 7.89
C VAL B 201 5.61 -18.47 8.05
N ASN B 202 4.98 -18.84 6.93
CA ASN B 202 3.62 -19.43 6.86
C ASN B 202 2.46 -18.51 7.30
N ALA B 203 2.57 -17.23 6.96
CA ALA B 203 1.54 -16.21 7.30
C ALA B 203 0.66 -15.94 6.10
N TYR B 204 -0.57 -15.47 6.33
CA TYR B 204 -1.47 -15.10 5.22
C TYR B 204 -1.03 -13.76 4.59
N LEU B 205 -1.30 -13.57 3.29
CA LEU B 205 -1.07 -12.24 2.66
C LEU B 205 -2.37 -11.46 2.58
N PHE B 206 -2.40 -10.32 3.28
CA PHE B 206 -3.53 -9.38 3.30
C PHE B 206 -3.12 -8.15 2.48
N ALA B 207 -3.83 -7.90 1.38
CA ALA B 207 -3.66 -6.70 0.56
C ALA B 207 -4.85 -5.69 0.66
N ASP B 208 -4.65 -4.56 1.32
CA ASP B 208 -5.73 -3.55 1.46
C ASP B 208 -5.51 -2.57 0.36
N ILE B 209 -6.34 -2.64 -0.68
CA ILE B 209 -6.17 -1.86 -1.90
C ILE B 209 -7.18 -0.69 -2.05
N SER B 210 -7.76 -0.25 -0.93
CA SER B 210 -8.77 0.83 -0.88
C SER B 210 -8.40 2.11 -1.62
N HIS B 211 -7.16 2.57 -1.43
CA HIS B 211 -6.65 3.73 -2.17
C HIS B 211 -6.33 3.52 -3.63
N ILE B 212 -6.06 2.28 -4.04
CA ILE B 212 -5.56 2.00 -5.39
C ILE B 212 -6.44 1.04 -6.16
N SER B 213 -7.69 0.90 -5.70
CA SER B 213 -8.56 -0.19 -6.16
C SER B 213 -8.73 -0.14 -7.67
N SER B 214 -9.11 1.02 -8.19
CA SER B 214 -9.29 1.23 -9.62
C SER B 214 -8.07 0.89 -10.46
N PHE B 215 -6.88 1.12 -9.92
CA PHE B 215 -5.63 0.79 -10.62
C PHE B 215 -5.44 -0.73 -10.75
N VAL B 216 -5.93 -1.48 -9.75
CA VAL B 216 -5.79 -2.93 -9.76
C VAL B 216 -6.81 -3.49 -10.72
N ALA B 217 -8.05 -3.07 -10.56
CA ALA B 217 -9.13 -3.49 -11.45
C ALA B 217 -8.85 -3.22 -12.92
N CYS B 218 -8.30 -2.04 -13.23
CA CYS B 218 -8.03 -1.64 -14.62
C CYS B 218 -6.62 -2.00 -15.15
N ASN B 219 -5.84 -2.75 -14.35
CA ASN B 219 -4.51 -3.26 -14.71
C ASN B 219 -3.37 -2.22 -14.93
N ILE B 220 -3.53 -1.01 -14.40
CA ILE B 220 -2.50 0.03 -14.48
C ILE B 220 -1.36 -0.23 -13.50
N LEU B 221 -1.68 -0.79 -12.33
CA LEU B 221 -0.66 -1.13 -11.34
C LEU B 221 -0.62 -2.64 -11.10
N ASN B 222 0.33 -3.08 -10.29
CA ASN B 222 0.45 -4.51 -9.95
C ASN B 222 -0.86 -5.08 -9.40
N ASN B 223 -0.99 -6.40 -9.54
CA ASN B 223 -2.22 -7.11 -9.21
C ASN B 223 -1.97 -7.96 -8.00
N PRO B 224 -2.54 -7.58 -6.83
CA PRO B 224 -2.25 -8.42 -5.66
C PRO B 224 -3.01 -9.75 -5.68
N PHE B 225 -4.05 -9.85 -6.50
CA PHE B 225 -4.81 -11.09 -6.67
C PHE B 225 -3.95 -12.24 -7.20
N LEU B 226 -2.79 -11.97 -7.79
CA LEU B 226 -1.89 -13.02 -8.22
C LEU B 226 -1.19 -13.67 -7.02
N HIS B 227 -0.96 -12.89 -5.96
CA HIS B 227 -0.19 -13.35 -4.80
C HIS B 227 -0.94 -13.37 -3.47
N ALA B 228 -2.13 -12.75 -3.40
CA ALA B 228 -2.77 -12.50 -2.10
C ALA B 228 -3.82 -13.54 -1.68
N ASP B 229 -3.86 -13.83 -0.38
CA ASP B 229 -4.94 -14.62 0.21
C ASP B 229 -6.22 -13.84 0.39
N VAL B 230 -6.09 -12.63 0.95
CA VAL B 230 -7.23 -11.76 1.22
C VAL B 230 -6.98 -10.40 0.59
N VAL B 231 -7.98 -9.85 -0.08
CA VAL B 231 -7.97 -8.49 -0.59
C VAL B 231 -9.21 -7.72 -0.11
N THR B 232 -8.98 -6.66 0.67
CA THR B 232 -10.06 -5.77 1.10
C THR B 232 -9.99 -4.45 0.34
N THR B 233 -11.14 -3.85 0.13
CA THR B 233 -11.18 -2.53 -0.46
C THR B 233 -12.48 -1.82 -0.13
N THR B 234 -12.36 -0.51 0.12
CA THR B 234 -13.51 0.35 0.19
C THR B 234 -14.01 0.62 -1.21
N THR B 235 -15.25 1.04 -1.33
CA THR B 235 -15.85 1.36 -2.63
C THR B 235 -16.05 2.86 -2.88
N HIS B 236 -15.63 3.73 -1.94
CA HIS B 236 -15.95 5.19 -1.99
C HIS B 236 -14.82 6.14 -2.44
N LYS B 237 -13.58 5.64 -2.45
CA LYS B 237 -12.45 6.44 -2.81
C LYS B 237 -12.29 6.43 -4.35
N ILE B 238 -11.13 5.98 -4.85
CA ILE B 238 -10.84 6.05 -6.30
C ILE B 238 -11.85 5.26 -7.11
N LEU B 239 -12.42 4.19 -6.52
CA LEU B 239 -13.43 3.39 -7.22
C LEU B 239 -14.72 4.14 -7.51
N ARG B 240 -15.03 5.12 -6.67
CA ARG B 240 -16.10 6.09 -6.92
C ARG B 240 -17.48 5.51 -6.62
N GLY B 241 -17.56 4.54 -5.70
CA GLY B 241 -18.86 3.97 -5.30
C GLY B 241 -19.39 4.62 -4.05
N PRO B 242 -20.39 3.98 -3.42
CA PRO B 242 -20.86 4.48 -2.14
C PRO B 242 -19.87 4.18 -1.05
N ARG B 243 -20.16 4.68 0.14
CA ARG B 243 -19.37 4.32 1.31
C ARG B 243 -19.71 2.88 1.69
N SER B 244 -18.82 1.96 1.32
CA SER B 244 -18.94 0.55 1.65
C SER B 244 -17.61 -0.13 1.52
N ALA B 245 -17.56 -1.44 1.72
CA ALA B 245 -16.33 -2.20 1.55
C ALA B 245 -16.55 -3.64 1.07
N LEU B 246 -15.49 -4.21 0.50
CA LEU B 246 -15.47 -5.57 -0.06
C LEU B 246 -14.35 -6.36 0.58
N ILE B 247 -14.63 -7.60 0.93
CA ILE B 247 -13.59 -8.54 1.32
C ILE B 247 -13.52 -9.68 0.28
N PHE B 248 -12.37 -9.76 -0.39
CA PHE B 248 -12.04 -10.87 -1.28
C PHE B 248 -11.19 -11.92 -0.58
N PHE B 249 -11.47 -13.18 -0.90
CA PHE B 249 -10.78 -14.32 -0.32
C PHE B 249 -10.49 -15.37 -1.40
N ASN B 250 -9.31 -15.97 -1.28
CA ASN B 250 -8.79 -16.90 -2.29
C ASN B 250 -9.10 -18.31 -1.82
N LYS B 251 -10.20 -18.86 -2.30
CA LYS B 251 -10.60 -20.25 -1.99
C LYS B 251 -9.54 -21.28 -2.38
N LYS B 252 -9.01 -21.16 -3.58
CA LYS B 252 -8.06 -22.15 -4.15
C LYS B 252 -6.84 -22.38 -3.26
N ARG B 253 -6.27 -21.30 -2.74
CA ARG B 253 -5.11 -21.38 -1.86
C ARG B 253 -5.52 -21.72 -0.41
N ASN B 254 -6.77 -21.42 -0.06
CA ASN B 254 -7.29 -21.61 1.31
C ASN B 254 -8.70 -22.22 1.26
N PRO B 255 -8.79 -23.55 1.13
CA PRO B 255 -10.09 -24.19 1.27
C PRO B 255 -10.65 -23.91 2.67
N GLY B 256 -11.94 -23.65 2.75
CA GLY B 256 -12.58 -23.32 4.01
C GLY B 256 -12.50 -21.85 4.45
N ILE B 257 -11.78 -20.99 3.70
CA ILE B 257 -11.72 -19.55 4.03
C ILE B 257 -13.08 -18.87 3.86
N GLU B 258 -13.85 -19.32 2.87
CA GLU B 258 -15.17 -18.75 2.56
C GLU B 258 -16.16 -18.67 3.71
N GLN B 259 -16.17 -19.72 4.52
CA GLN B 259 -17.08 -19.77 5.66
C GLN B 259 -16.59 -18.87 6.81
N LYS B 260 -15.30 -18.86 7.06
CA LYS B 260 -14.70 -18.07 8.16
C LYS B 260 -14.91 -16.55 7.93
N ILE B 261 -14.65 -16.12 6.71
CA ILE B 261 -14.89 -14.75 6.30
C ILE B 261 -16.37 -14.43 6.36
N ASN B 262 -17.21 -15.28 5.80
CA ASN B 262 -18.62 -15.01 5.84
C ASN B 262 -19.18 -14.96 7.24
N SER B 263 -18.64 -15.78 8.15
CA SER B 263 -19.16 -15.85 9.51
C SER B 263 -18.60 -14.73 10.35
N ALA B 264 -17.38 -14.31 10.04
CA ALA B 264 -16.78 -13.15 10.65
C ALA B 264 -17.63 -11.91 10.43
N VAL B 265 -18.06 -11.68 9.20
CA VAL B 265 -18.87 -10.53 8.86
C VAL B 265 -20.26 -10.63 9.51
N PHE B 266 -20.92 -11.77 9.32
CA PHE B 266 -22.17 -12.08 10.05
C PHE B 266 -22.16 -13.54 10.47
N PRO B 267 -22.52 -13.85 11.72
CA PRO B 267 -23.01 -13.02 12.80
C PRO B 267 -21.94 -12.65 13.84
N SER B 268 -20.65 -12.82 13.54
CA SER B 268 -19.62 -12.44 14.51
C SER B 268 -19.66 -10.91 14.81
N PHE B 269 -19.70 -10.06 13.78
CA PHE B 269 -19.53 -8.60 13.91
C PHE B 269 -20.78 -7.81 13.59
N GLN B 270 -21.33 -8.00 12.40
CA GLN B 270 -22.51 -7.26 11.96
C GLN B 270 -23.80 -8.04 12.20
N GLY B 271 -24.91 -7.34 12.00
CA GLY B 271 -26.24 -7.90 11.92
C GLY B 271 -26.77 -7.72 10.50
N GLY B 272 -27.87 -6.99 10.37
CA GLY B 272 -28.49 -6.74 9.08
C GLY B 272 -27.65 -5.95 8.10
N PRO B 273 -27.51 -6.44 6.85
CA PRO B 273 -26.82 -5.65 5.82
C PRO B 273 -27.57 -4.40 5.42
N HIS B 274 -26.87 -3.45 4.82
CA HIS B 274 -27.50 -2.24 4.39
C HIS B 274 -27.71 -2.36 2.90
N ASN B 275 -28.93 -2.74 2.56
CA ASN B 275 -29.19 -3.10 1.18
C ASN B 275 -29.08 -1.96 0.19
N ASN B 276 -29.39 -0.73 0.62
CA ASN B 276 -29.16 0.45 -0.22
C ASN B 276 -27.69 0.56 -0.65
N LYS B 277 -26.78 0.29 0.30
CA LYS B 277 -25.35 0.26 0.02
C LYS B 277 -24.97 -0.77 -1.02
N ILE B 278 -25.52 -1.97 -0.89
CA ILE B 278 -25.18 -3.07 -1.75
C ILE B 278 -25.71 -2.82 -3.17
N ALA B 279 -26.93 -2.31 -3.26
CA ALA B 279 -27.48 -1.81 -4.49
C ALA B 279 -26.54 -0.78 -5.16
N ALA B 280 -26.12 0.21 -4.36
CA ALA B 280 -25.26 1.27 -4.88
C ALA B 280 -23.92 0.74 -5.35
N VAL B 281 -23.36 -0.23 -4.64
CA VAL B 281 -22.10 -0.84 -5.04
C VAL B 281 -22.25 -1.60 -6.36
N ALA B 282 -23.39 -2.27 -6.55
CA ALA B 282 -23.72 -2.94 -7.82
C ALA B 282 -23.73 -1.95 -8.98
N CYS B 283 -24.38 -0.82 -8.75
CA CYS B 283 -24.48 0.24 -9.74
C CYS B 283 -23.14 0.82 -10.19
N GLN B 284 -22.25 1.04 -9.24
CA GLN B 284 -20.94 1.55 -9.57
C GLN B 284 -20.02 0.47 -10.20
N LEU B 285 -20.11 -0.75 -9.71
CA LEU B 285 -19.26 -1.82 -10.20
C LEU B 285 -19.50 -2.13 -11.69
N LYS B 286 -20.70 -1.81 -12.21
CA LYS B 286 -20.96 -1.90 -13.63
C LYS B 286 -20.17 -0.87 -14.40
N GLU B 287 -20.16 0.35 -13.86
CA GLU B 287 -19.34 1.44 -14.41
C GLU B 287 -17.84 1.11 -14.31
N VAL B 288 -17.39 0.50 -13.23
CA VAL B 288 -15.97 0.13 -13.12
C VAL B 288 -15.53 -0.75 -14.28
N HIS B 289 -16.40 -1.65 -14.73
CA HIS B 289 -16.03 -2.62 -15.79
C HIS B 289 -16.20 -2.15 -17.27
N SER B 290 -16.51 -0.88 -17.49
CA SER B 290 -16.52 -0.29 -18.83
C SER B 290 -15.12 0.21 -19.19
N PRO B 291 -14.84 0.39 -20.51
CA PRO B 291 -13.57 1.02 -20.91
C PRO B 291 -13.52 2.54 -20.61
N ALA B 292 -14.70 3.17 -20.54
CA ALA B 292 -14.86 4.56 -20.12
C ALA B 292 -14.29 4.88 -18.74
N PHE B 293 -14.42 3.95 -17.79
CA PHE B 293 -13.90 4.13 -16.44
C PHE B 293 -12.40 3.91 -16.42
N LYS B 294 -11.91 3.04 -17.32
CA LYS B 294 -10.47 2.88 -17.50
C LYS B 294 -9.87 4.20 -17.98
N GLU B 295 -10.51 4.84 -18.97
CA GLU B 295 -10.12 6.19 -19.40
C GLU B 295 -9.98 7.11 -18.17
N TYR B 296 -11.01 7.12 -17.31
CA TYR B 296 -11.03 7.93 -16.08
C TYR B 296 -9.86 7.62 -15.15
N THR B 297 -9.66 6.34 -14.83
CA THR B 297 -8.53 5.92 -13.97
C THR B 297 -7.18 6.33 -14.57
N GLN B 298 -7.06 6.23 -15.90
CA GLN B 298 -5.81 6.58 -16.60
C GLN B 298 -5.57 8.05 -16.42
N GLN B 299 -6.64 8.84 -16.54
CA GLN B 299 -6.54 10.28 -16.34
C GLN B 299 -6.12 10.64 -14.91
N VAL B 300 -6.56 9.85 -13.92
CA VAL B 300 -6.14 10.07 -12.53
C VAL B 300 -4.63 9.97 -12.41
N LEU B 301 -4.03 8.97 -13.03
CA LEU B 301 -2.57 8.83 -12.98
C LEU B 301 -1.88 9.89 -13.84
N LEU B 302 -2.48 10.25 -14.99
CA LEU B 302 -1.92 11.31 -15.84
C LEU B 302 -1.88 12.62 -15.06
N ASN B 303 -2.99 12.97 -14.40
CA ASN B 303 -3.05 14.20 -13.58
C ASN B 303 -2.07 14.20 -12.43
N SER B 304 -1.95 13.06 -11.77
CA SER B 304 -1.06 12.93 -10.64
C SER B 304 0.42 13.06 -11.02
N LYS B 305 0.80 12.57 -12.20
CA LYS B 305 2.18 12.70 -12.69
C LYS B 305 2.45 14.16 -13.03
N ALA B 306 1.52 14.76 -13.79
CA ALA B 306 1.58 16.17 -14.10
C ALA B 306 1.67 17.02 -12.84
N LEU B 307 0.89 16.68 -11.82
CA LEU B 307 0.86 17.50 -10.61
C LEU B 307 2.16 17.42 -9.83
N ALA B 308 2.70 16.21 -9.73
CA ALA B 308 3.98 16.00 -9.04
C ALA B 308 5.12 16.70 -9.78
N LYS B 309 5.10 16.57 -11.10
CA LYS B 309 6.08 17.25 -11.97
C LYS B 309 6.03 18.78 -11.85
N ALA B 310 4.82 19.35 -11.84
CA ALA B 310 4.66 20.79 -11.72
C ALA B 310 5.11 21.24 -10.32
N LEU B 311 4.76 20.49 -9.29
CA LEU B 311 5.23 20.83 -7.94
C LEU B 311 6.75 20.80 -7.81
N ILE B 312 7.39 19.85 -8.50
CA ILE B 312 8.86 19.82 -8.53
C ILE B 312 9.42 20.99 -9.36
N SER B 313 8.75 21.38 -10.45
CA SER B 313 9.17 22.58 -11.20
C SER B 313 9.15 23.90 -10.38
N LYS B 314 8.34 23.95 -9.33
CA LYS B 314 8.32 25.06 -8.35
C LYS B 314 9.14 24.71 -7.12
N GLN B 315 10.09 23.79 -7.26
CA GLN B 315 10.98 23.44 -6.18
C GLN B 315 10.26 22.97 -4.94
N ILE B 316 9.07 22.37 -5.03
CA ILE B 316 8.44 21.76 -3.86
C ILE B 316 8.91 20.30 -3.85
N ASP B 317 9.28 19.82 -2.66
CA ASP B 317 9.71 18.44 -2.47
C ASP B 317 8.55 17.46 -2.19
N LEU B 318 8.67 16.28 -2.80
CA LEU B 318 7.71 15.21 -2.69
C LEU B 318 8.38 13.98 -2.07
N VAL B 319 7.69 13.29 -1.16
CA VAL B 319 8.22 12.05 -0.57
C VAL B 319 8.28 10.98 -1.68
N THR B 320 9.44 10.33 -1.78
CA THR B 320 9.85 9.44 -2.88
C THR B 320 10.08 10.17 -4.20
N ASN B 321 10.14 11.51 -4.17
CA ASN B 321 10.32 12.37 -5.35
C ASN B 321 9.41 12.09 -6.53
N GLY B 322 8.21 11.60 -6.26
CA GLY B 322 7.26 11.27 -7.30
C GLY B 322 6.16 10.35 -6.83
N THR B 323 5.43 9.84 -7.79
CA THR B 323 4.29 9.03 -7.54
C THR B 323 4.07 7.96 -8.64
N ASP B 324 3.63 6.77 -8.23
CA ASP B 324 3.17 5.79 -9.21
C ASP B 324 1.68 5.72 -9.29
N ASN B 325 0.99 6.48 -8.46
CA ASN B 325 -0.46 6.39 -8.38
C ASN B 325 -1.11 7.79 -8.33
N HIS B 326 -2.33 7.81 -7.80
CA HIS B 326 -3.18 8.97 -7.54
C HIS B 326 -2.74 9.98 -6.46
N LEU B 327 -1.78 9.63 -5.61
CA LEU B 327 -1.44 10.48 -4.47
C LEU B 327 0.03 10.87 -4.35
N ILE B 328 0.22 12.06 -3.82
CA ILE B 328 1.52 12.65 -3.58
C ILE B 328 1.54 13.05 -2.13
N VAL B 329 2.69 12.96 -1.48
CA VAL B 329 2.87 13.52 -0.14
C VAL B 329 3.87 14.66 -0.32
N VAL B 330 3.56 15.85 0.18
CA VAL B 330 4.46 17.00 0.03
C VAL B 330 5.23 17.12 1.34
N ASP B 331 6.55 17.14 1.23
CA ASP B 331 7.47 17.33 2.35
C ASP B 331 7.62 18.84 2.51
N LEU B 332 7.19 19.38 3.65
CA LEU B 332 7.18 20.86 3.85
C LEU B 332 8.38 21.41 4.64
N ARG B 333 9.41 20.60 4.87
CA ARG B 333 10.51 20.99 5.78
C ARG B 333 11.34 22.20 5.32
N LYS B 334 11.55 22.36 4.02
CA LYS B 334 12.37 23.47 3.52
C LYS B 334 11.74 24.88 3.69
N PHE B 335 10.45 24.93 4.01
CA PHE B 335 9.75 26.17 4.27
C PHE B 335 9.54 26.45 5.76
N SER B 336 9.78 25.45 6.61
CA SER B 336 9.63 25.58 8.07
C SER B 336 8.20 25.91 8.51
N ILE B 337 7.24 25.30 7.83
CA ILE B 337 5.83 25.34 8.21
C ILE B 337 5.36 23.90 8.40
N THR B 338 4.30 23.73 9.20
CA THR B 338 3.72 22.41 9.49
C THR B 338 2.58 22.12 8.54
N GLY B 339 2.22 20.84 8.47
CA GLY B 339 1.12 20.39 7.65
C GLY B 339 -0.20 20.96 8.11
N SER B 340 -0.43 21.03 9.43
CA SER B 340 -1.71 21.57 9.93
C SER B 340 -1.89 23.04 9.57
N LYS B 341 -0.79 23.78 9.49
CA LYS B 341 -0.85 25.21 9.13
C LYS B 341 -1.33 25.38 7.70
N LEU B 342 -0.72 24.63 6.78
CA LEU B 342 -1.11 24.62 5.37
C LEU B 342 -2.52 24.08 5.16
N GLN B 343 -2.93 23.11 5.96
CA GLN B 343 -4.34 22.64 5.92
C GLN B 343 -5.33 23.79 6.30
N GLU B 344 -4.98 24.54 7.33
CA GLU B 344 -5.79 25.72 7.73
C GLU B 344 -5.74 26.80 6.63
N THR B 345 -4.55 27.11 6.13
CA THR B 345 -4.42 28.03 5.03
C THR B 345 -5.22 27.59 3.80
N CYS B 346 -5.18 26.31 3.48
CA CYS B 346 -5.91 25.76 2.32
C CYS B 346 -7.43 25.69 2.56
N ASN B 347 -7.86 25.33 3.77
CA ASN B 347 -9.31 25.46 4.06
C ASN B 347 -9.72 26.92 3.83
N ALA B 348 -8.89 27.87 4.29
CA ALA B 348 -9.19 29.29 4.11
C ALA B 348 -9.31 29.73 2.64
N ILE B 349 -8.77 28.95 1.69
CA ILE B 349 -8.93 29.27 0.26
C ILE B 349 -9.74 28.26 -0.51
N ASN B 350 -10.55 27.48 0.19
CA ASN B 350 -11.35 26.40 -0.40
C ASN B 350 -10.53 25.32 -1.12
N VAL B 351 -9.36 25.00 -0.59
CA VAL B 351 -8.58 23.87 -1.11
C VAL B 351 -8.65 22.79 -0.03
N SER B 352 -9.16 21.63 -0.40
CA SER B 352 -9.29 20.49 0.51
C SER B 352 -8.09 19.57 0.39
N LEU B 353 -7.33 19.46 1.47
CA LEU B 353 -6.24 18.51 1.58
C LEU B 353 -6.05 18.15 3.06
N ASN B 354 -5.19 17.16 3.37
CA ASN B 354 -4.94 16.78 4.74
C ASN B 354 -3.48 16.78 5.11
N LYS B 355 -3.24 17.07 6.38
CA LYS B 355 -1.94 16.93 7.00
C LYS B 355 -1.51 15.47 7.03
N ASN B 356 -0.21 15.24 6.93
CA ASN B 356 0.27 13.89 6.76
C ASN B 356 1.71 13.77 7.20
N THR B 357 2.00 12.75 7.99
CA THR B 357 3.39 12.45 8.39
C THR B 357 4.33 12.24 7.19
N ILE B 358 5.63 12.37 7.46
CA ILE B 358 6.69 12.05 6.51
C ILE B 358 7.76 11.24 7.29
N PRO B 359 8.71 10.57 6.59
CA PRO B 359 9.69 9.68 7.26
C PRO B 359 10.50 10.32 8.40
N SER B 360 10.90 11.59 8.22
CA SER B 360 11.59 12.33 9.28
C SER B 360 10.78 12.50 10.60
N ASP B 361 9.44 12.57 10.51
CA ASP B 361 8.62 12.73 11.71
C ASP B 361 8.60 11.44 12.51
N VAL B 362 9.41 11.42 13.58
CA VAL B 362 9.39 10.34 14.59
C VAL B 362 7.96 10.16 15.16
N ASP B 363 7.34 11.30 15.49
CA ASP B 363 6.03 11.35 16.14
C ASP B 363 4.94 11.59 15.10
N CYS B 364 3.69 11.41 15.51
CA CYS B 364 2.51 11.89 14.76
C CYS B 364 1.95 13.24 15.30
N VAL B 365 2.70 13.87 16.22
CA VAL B 365 2.28 15.07 16.96
C VAL B 365 2.37 16.31 16.05
N SER B 366 3.42 16.38 15.24
CA SER B 366 3.56 17.43 14.24
C SER B 366 3.96 16.81 12.88
N PRO B 367 2.95 16.50 12.03
CA PRO B 367 3.28 16.05 10.67
C PRO B 367 3.88 17.18 9.83
N SER B 368 4.96 16.86 9.12
CA SER B 368 5.70 17.82 8.32
C SER B 368 5.19 17.87 6.87
N GLY B 369 4.01 17.29 6.58
CA GLY B 369 3.53 17.27 5.22
C GLY B 369 2.07 17.40 5.04
N VAL B 370 1.71 17.44 3.77
CA VAL B 370 0.34 17.31 3.38
C VAL B 370 0.28 16.24 2.31
N ARG B 371 -0.84 15.55 2.24
CA ARG B 371 -1.10 14.60 1.23
C ARG B 371 -2.17 15.17 0.33
N ILE B 372 -2.01 14.97 -0.98
CA ILE B 372 -2.95 15.39 -1.98
C ILE B 372 -3.18 14.25 -2.98
N GLY B 373 -4.25 14.34 -3.76
CA GLY B 373 -4.56 13.36 -4.77
C GLY B 373 -5.51 13.86 -5.81
N THR B 374 -5.49 13.22 -6.98
CA THR B 374 -6.27 13.65 -8.16
C THR B 374 -7.67 13.06 -8.47
N PRO B 375 -8.11 11.99 -7.77
CA PRO B 375 -9.42 11.38 -8.17
C PRO B 375 -10.63 12.33 -8.17
N ALA B 376 -10.78 13.10 -7.10
CA ALA B 376 -11.87 14.05 -7.02
C ALA B 376 -11.88 15.01 -8.24
N MET B 377 -10.77 15.71 -8.46
CA MET B 377 -10.69 16.74 -9.52
C MET B 377 -10.67 16.16 -10.91
N THR B 378 -10.15 14.93 -11.03
CA THR B 378 -10.24 14.20 -12.28
C THR B 378 -11.68 13.86 -12.57
N THR B 379 -12.47 13.54 -11.54
CA THR B 379 -13.91 13.33 -11.72
C THR B 379 -14.57 14.62 -12.24
N ARG B 380 -14.15 15.77 -11.71
CA ARG B 380 -14.71 17.05 -12.12
C ARG B 380 -14.22 17.59 -13.50
N GLY B 381 -13.38 16.81 -14.20
CA GLY B 381 -13.05 17.09 -15.60
C GLY B 381 -11.70 17.73 -15.83
N ALA B 382 -10.92 17.98 -14.77
CA ALA B 382 -9.57 18.53 -14.89
C ALA B 382 -8.64 17.60 -15.69
N LYS B 383 -7.89 18.19 -16.62
CA LYS B 383 -6.91 17.50 -17.46
C LYS B 383 -5.48 17.84 -17.00
N GLU B 384 -4.49 17.26 -17.67
CA GLU B 384 -3.07 17.48 -17.31
C GLU B 384 -2.68 18.96 -17.28
N LYS B 385 -3.20 19.71 -18.27
CA LYS B 385 -3.05 21.19 -18.34
C LYS B 385 -3.52 21.96 -17.10
N ASP B 386 -4.54 21.44 -16.42
CA ASP B 386 -5.10 22.10 -15.23
C ASP B 386 -4.25 21.97 -13.97
N MET B 387 -3.29 21.04 -13.97
CA MET B 387 -2.52 20.72 -12.78
C MET B 387 -1.50 21.80 -12.46
N GLU B 388 -1.05 22.54 -13.47
CA GLU B 388 -0.16 23.70 -13.25
C GLU B 388 -0.85 24.79 -12.40
N PHE B 389 -2.14 25.00 -12.59
CA PHE B 389 -2.90 25.92 -11.76
C PHE B 389 -3.00 25.44 -10.30
N ILE B 390 -3.22 24.13 -10.10
CA ILE B 390 -3.36 23.60 -8.74
C ILE B 390 -2.02 23.68 -8.02
N ALA B 391 -0.94 23.32 -8.72
CA ALA B 391 0.40 23.51 -8.17
C ALA B 391 0.69 25.00 -7.91
N ASP B 392 0.27 25.87 -8.84
CA ASP B 392 0.35 27.34 -8.62
C ASP B 392 -0.39 27.75 -7.33
N VAL B 393 -1.65 27.32 -7.21
CA VAL B 393 -2.47 27.63 -6.05
C VAL B 393 -1.84 27.09 -4.77
N LEU B 394 -1.28 25.89 -4.83
CA LEU B 394 -0.62 25.33 -3.64
C LEU B 394 0.69 26.01 -3.27
N ALA B 395 1.48 26.40 -4.28
CA ALA B 395 2.69 27.20 -4.04
C ALA B 395 2.39 28.55 -3.34
N ARG B 396 1.37 29.24 -3.83
CA ARG B 396 0.95 30.52 -3.25
C ARG B 396 0.51 30.33 -1.80
N ALA B 397 -0.18 29.22 -1.51
CA ALA B 397 -0.64 28.92 -0.16
C ALA B 397 0.49 28.64 0.81
N ILE B 398 1.53 27.98 0.32
CA ILE B 398 2.72 27.75 1.13
C ILE B 398 3.42 29.06 1.43
N LYS B 399 3.57 29.92 0.42
CA LYS B 399 4.20 31.23 0.61
C LYS B 399 3.42 32.13 1.63
N ILE B 400 2.10 32.22 1.45
CA ILE B 400 1.22 32.94 2.38
C ILE B 400 1.32 32.36 3.79
N THR B 401 1.39 31.04 3.88
CA THR B 401 1.56 30.38 5.17
C THR B 401 2.88 30.76 5.83
N VAL B 402 3.92 30.94 5.03
CA VAL B 402 5.21 31.37 5.54
C VAL B 402 5.16 32.87 5.97
N ASP B 403 4.50 33.71 5.18
CA ASP B 403 4.25 35.14 5.53
C ASP B 403 3.50 35.27 6.87
N LEU B 404 2.37 34.57 6.98
CA LEU B 404 1.53 34.58 8.19
C LEU B 404 2.26 34.10 9.45
N GLN B 405 3.10 33.08 9.31
CA GLN B 405 3.89 32.55 10.40
C GLN B 405 4.96 33.54 10.89
N GLU B 406 5.56 34.26 9.93
CA GLU B 406 6.48 35.36 10.22
C GLU B 406 5.79 36.43 11.06
N GLN B 407 4.65 36.92 10.57
CA GLN B 407 3.90 37.99 11.24
C GLN B 407 3.37 37.62 12.63
N TYR B 408 2.70 36.48 12.73
CA TYR B 408 2.01 36.13 13.97
C TYR B 408 2.70 35.08 14.86
N GLY B 409 3.72 34.40 14.35
CA GLY B 409 4.43 33.36 15.10
C GLY B 409 4.05 31.92 14.76
N LYS B 410 4.92 31.00 15.16
CA LYS B 410 4.86 29.58 14.79
C LYS B 410 3.87 28.74 15.62
N LYS B 411 3.31 29.30 16.71
CA LYS B 411 2.27 28.61 17.48
C LYS B 411 0.97 28.61 16.71
N LEU B 412 0.22 27.51 16.79
CA LEU B 412 -0.95 27.31 15.92
C LEU B 412 -2.07 28.27 16.26
N VAL B 413 -2.31 28.51 17.55
CA VAL B 413 -3.32 29.53 17.95
C VAL B 413 -2.95 30.92 17.45
N ASP B 414 -1.68 31.31 17.64
CA ASP B 414 -1.16 32.59 17.15
C ASP B 414 -1.18 32.65 15.62
N PHE B 415 -0.83 31.52 14.95
CA PHE B 415 -0.88 31.46 13.47
C PHE B 415 -2.26 31.79 12.93
N LYS B 416 -3.27 31.09 13.44
CA LYS B 416 -4.67 31.21 12.95
C LYS B 416 -5.25 32.61 12.99
N LYS B 417 -4.99 33.37 14.05
CA LYS B 417 -5.54 34.74 14.15
C LYS B 417 -5.20 35.55 12.91
N GLY B 418 -4.05 35.23 12.29
CA GLY B 418 -3.66 35.85 11.03
C GLY B 418 -4.53 35.56 9.84
N LEU B 419 -5.27 34.44 9.87
CA LEU B 419 -5.97 33.92 8.70
C LEU B 419 -7.20 34.71 8.26
N PRO B 420 -8.18 34.93 9.15
CA PRO B 420 -9.38 35.58 8.65
C PRO B 420 -9.09 37.06 8.39
N GLY B 421 -9.70 37.57 7.32
CA GLY B 421 -9.40 38.92 6.85
C GLY B 421 -8.04 39.12 6.18
N ASN B 422 -7.37 38.05 5.75
CA ASN B 422 -6.13 38.21 4.98
C ASN B 422 -6.50 38.54 3.54
N ALA B 423 -5.90 39.61 3.02
CA ALA B 423 -6.23 40.14 1.69
C ALA B 423 -5.91 39.13 0.61
N GLN B 424 -4.73 38.50 0.73
CA GLN B 424 -4.26 37.55 -0.29
C GLN B 424 -5.08 36.27 -0.28
N LEU B 425 -5.42 35.77 0.91
CA LEU B 425 -6.29 34.60 1.04
C LEU B 425 -7.66 34.82 0.42
N GLN B 426 -8.29 35.97 0.71
CA GLN B 426 -9.58 36.35 0.06
C GLN B 426 -9.44 36.41 -1.45
N GLN B 427 -8.30 36.92 -1.92
CA GLN B 427 -8.02 37.02 -3.35
C GLN B 427 -7.79 35.62 -3.97
N LEU B 428 -7.03 34.80 -3.27
CA LEU B 428 -6.75 33.43 -3.72
C LEU B 428 -8.03 32.58 -3.69
N LYS B 429 -8.77 32.69 -2.60
CA LYS B 429 -10.09 32.07 -2.43
C LYS B 429 -11.03 32.37 -3.60
N GLN B 430 -11.16 33.65 -3.97
CA GLN B 430 -11.99 34.04 -5.12
C GLN B 430 -11.49 33.41 -6.42
N GLU B 431 -10.18 33.30 -6.56
CA GLU B 431 -9.57 32.62 -7.72
C GLU B 431 -9.93 31.13 -7.71
N VAL B 432 -9.78 30.50 -6.56
CA VAL B 432 -10.12 29.07 -6.41
C VAL B 432 -11.61 28.86 -6.70
N VAL B 433 -12.45 29.70 -6.07
CA VAL B 433 -13.92 29.60 -6.24
C VAL B 433 -14.32 29.73 -7.70
N THR B 434 -13.69 30.64 -8.46
CA THR B 434 -14.15 30.97 -9.83
C THR B 434 -13.88 29.84 -10.80
N TRP B 435 -12.74 29.18 -10.66
CA TRP B 435 -12.40 28.04 -11.52
C TRP B 435 -13.18 26.78 -11.10
N ALA B 436 -13.18 26.46 -9.80
CA ALA B 436 -13.88 25.26 -9.27
C ALA B 436 -15.39 25.24 -9.51
N GLY B 437 -16.04 26.39 -9.29
CA GLY B 437 -17.47 26.55 -9.55
C GLY B 437 -17.89 26.27 -10.98
N ALA B 438 -16.98 26.52 -11.92
CA ALA B 438 -17.23 26.29 -13.34
C ALA B 438 -17.30 24.82 -13.69
N LEU B 439 -16.42 24.04 -13.07
CA LEU B 439 -16.21 22.62 -13.42
C LEU B 439 -17.46 21.73 -13.34
N PRO B 440 -17.58 20.74 -14.26
CA PRO B 440 -18.61 19.71 -14.12
C PRO B 440 -18.70 19.11 -12.69
N PHE B 441 -19.95 19.03 -12.21
CA PHE B 441 -20.26 18.61 -10.85
C PHE B 441 -21.36 17.54 -10.96
N PRO B 442 -21.07 16.29 -10.54
CA PRO B 442 -22.10 15.24 -10.58
C PRO B 442 -23.21 15.45 -9.57
N MET C 1 72.62 28.57 -16.06
CA MET C 1 71.64 29.52 -16.70
C MET C 1 70.24 28.90 -16.77
N PHE C 2 69.65 28.66 -15.60
CA PHE C 2 68.30 28.10 -15.47
C PHE C 2 67.57 28.70 -14.28
N ASN C 3 66.24 28.64 -14.31
CA ASN C 3 65.41 29.10 -13.20
C ASN C 3 65.06 27.97 -12.23
N ASN C 4 65.59 28.02 -11.01
CA ASN C 4 65.36 26.96 -10.03
C ASN C 4 64.38 27.28 -8.88
N GLU C 5 63.54 28.30 -9.06
CA GLU C 5 62.49 28.60 -8.07
C GLU C 5 61.53 27.39 -7.96
N PRO C 6 60.99 27.10 -6.75
CA PRO C 6 59.99 26.02 -6.62
C PRO C 6 58.73 26.21 -7.48
N LEU C 7 58.08 25.09 -7.80
CA LEU C 7 56.89 25.03 -8.68
C LEU C 7 55.84 26.10 -8.36
N GLU C 8 55.57 26.25 -7.07
CA GLU C 8 54.60 27.22 -6.58
C GLU C 8 54.96 28.66 -6.95
N GLN C 9 56.24 28.98 -6.86
CA GLN C 9 56.75 30.31 -7.25
C GLN C 9 56.71 30.49 -8.77
N ILE C 10 57.46 29.66 -9.49
CA ILE C 10 57.60 29.71 -10.97
C ILE C 10 56.27 29.76 -11.73
N ASP C 11 55.32 28.91 -11.33
CA ASP C 11 54.05 28.82 -12.05
C ASP C 11 52.92 28.61 -11.05
N LYS C 12 52.40 29.72 -10.54
CA LYS C 12 51.30 29.71 -9.58
C LYS C 12 50.02 29.24 -10.27
N GLU C 13 49.80 29.61 -11.52
CA GLU C 13 48.61 29.20 -12.27
C GLU C 13 48.42 27.67 -12.38
N LEU C 14 49.50 26.97 -12.69
CA LEU C 14 49.48 25.51 -12.78
C LEU C 14 49.37 24.90 -11.39
N HIS C 15 50.03 25.51 -10.41
CA HIS C 15 50.12 24.92 -9.06
C HIS C 15 48.81 24.93 -8.32
N ASP C 16 47.92 25.85 -8.67
CA ASP C 16 46.57 25.89 -8.10
C ASP C 16 45.76 24.70 -8.58
N ILE C 17 45.77 24.50 -9.91
CA ILE C 17 45.00 23.43 -10.56
C ILE C 17 45.46 22.07 -10.02
N LEU C 18 46.78 21.88 -9.93
CA LEU C 18 47.33 20.64 -9.34
C LEU C 18 46.92 20.43 -7.88
N ALA C 19 46.90 21.51 -7.09
CA ALA C 19 46.44 21.40 -5.69
C ALA C 19 44.92 21.11 -5.64
N ASP C 20 44.19 21.64 -6.63
CA ASP C 20 42.77 21.31 -6.83
C ASP C 20 42.59 19.85 -7.25
N GLU C 21 43.38 19.40 -8.23
CA GLU C 21 43.30 18.00 -8.70
C GLU C 21 43.51 17.07 -7.53
N GLU C 22 44.50 17.38 -6.68
CA GLU C 22 44.81 16.58 -5.51
C GLU C 22 43.64 16.49 -4.53
N LYS C 23 42.96 17.61 -4.31
CA LYS C 23 41.82 17.62 -3.38
C LYS C 23 40.64 16.79 -3.94
N ARG C 24 40.32 16.95 -5.23
CA ARG C 24 39.31 16.09 -5.87
C ARG C 24 39.64 14.58 -5.71
N GLN C 25 40.90 14.20 -5.92
CA GLN C 25 41.33 12.79 -5.71
C GLN C 25 41.12 12.31 -4.27
N ARG C 26 41.44 13.18 -3.32
CA ARG C 26 41.32 12.87 -1.89
C ARG C 26 39.85 12.73 -1.45
N GLU C 27 38.92 13.32 -2.21
CA GLU C 27 37.54 13.47 -1.81
C GLU C 27 36.61 12.74 -2.76
N THR C 28 37.13 11.71 -3.45
CA THR C 28 36.39 10.97 -4.48
C THR C 28 36.30 9.50 -4.09
N ILE C 29 35.16 8.89 -4.39
CA ILE C 29 35.03 7.42 -4.33
C ILE C 29 35.40 6.93 -5.73
N ASN C 30 36.63 6.47 -5.86
CA ASN C 30 37.20 6.13 -7.15
C ASN C 30 37.00 4.66 -7.43
N LEU C 31 36.03 4.38 -8.30
CA LEU C 31 35.76 3.02 -8.75
C LEU C 31 36.19 2.77 -10.21
N ILE C 32 37.17 3.50 -10.73
CA ILE C 32 37.65 3.24 -12.09
C ILE C 32 38.50 1.97 -11.99
N ALA C 33 38.15 0.93 -12.74
CA ALA C 33 38.73 -0.40 -12.54
C ALA C 33 40.21 -0.39 -12.92
N SER C 34 40.56 0.50 -13.84
CA SER C 34 41.95 0.70 -14.31
C SER C 34 42.79 1.73 -13.53
N GLU C 35 42.27 2.34 -12.46
CA GLU C 35 43.04 3.36 -11.73
C GLU C 35 43.52 2.82 -10.41
N ASN C 36 44.55 3.46 -9.89
CA ASN C 36 45.12 3.11 -8.59
C ASN C 36 45.72 4.38 -8.05
N LEU C 37 46.45 4.28 -6.94
CA LEU C 37 47.18 5.41 -6.41
C LEU C 37 48.60 5.00 -6.07
N THR C 38 49.56 5.69 -6.69
CA THR C 38 50.97 5.44 -6.53
C THR C 38 51.47 5.99 -5.20
N ASN C 39 52.40 5.28 -4.58
CA ASN C 39 53.00 5.79 -3.34
C ASN C 39 54.04 6.87 -3.63
N GLY C 40 54.47 7.54 -2.57
CA GLY C 40 55.51 8.57 -2.62
C GLY C 40 56.82 8.11 -3.25
N ALA C 41 57.23 6.87 -3.02
CA ALA C 41 58.50 6.34 -3.59
C ALA C 41 58.49 6.19 -5.11
N VAL C 42 57.36 5.76 -5.64
CA VAL C 42 57.17 5.66 -7.09
C VAL C 42 57.16 7.06 -7.73
N ARG C 43 56.59 8.03 -7.03
CA ARG C 43 56.58 9.40 -7.51
C ARG C 43 57.93 10.17 -7.42
N GLU C 44 58.80 9.78 -6.48
CA GLU C 44 60.21 10.23 -6.44
C GLU C 44 61.01 9.77 -7.66
N CYS C 45 60.75 8.54 -8.11
CA CYS C 45 61.38 7.99 -9.31
C CYS C 45 60.96 8.69 -10.58
N LEU C 46 59.65 8.92 -10.75
CA LEU C 46 59.11 9.57 -11.94
C LEU C 46 59.62 10.99 -12.10
N GLY C 47 59.91 11.67 -10.98
CA GLY C 47 60.50 13.00 -10.98
C GLY C 47 62.02 13.07 -10.83
N ASN C 48 62.72 11.94 -11.04
CA ASN C 48 64.16 11.84 -10.84
C ASN C 48 64.92 12.31 -12.10
N ARG C 49 66.14 12.83 -11.91
CA ARG C 49 67.01 13.29 -13.02
C ARG C 49 67.43 12.25 -14.05
N VAL C 50 67.18 10.99 -13.76
CA VAL C 50 67.42 9.94 -14.75
C VAL C 50 66.65 10.16 -16.10
N SER C 51 65.54 10.89 -16.08
CA SER C 51 64.84 11.29 -17.35
C SER C 51 65.65 12.25 -18.26
N ASN C 52 66.78 12.77 -17.78
CA ASN C 52 67.71 13.53 -18.63
C ASN C 52 68.51 12.68 -19.62
N LYS C 53 68.67 11.39 -19.36
CA LYS C 53 69.60 10.61 -20.13
C LYS C 53 68.95 10.00 -21.37
N TYR C 54 69.60 10.18 -22.53
CA TYR C 54 69.24 9.46 -23.77
C TYR C 54 69.95 8.09 -23.80
N SER C 55 69.20 7.01 -23.99
CA SER C 55 69.76 5.66 -23.91
C SER C 55 69.12 4.68 -24.88
N GLU C 56 69.06 5.08 -26.14
CA GLU C 56 68.54 4.22 -27.22
C GLU C 56 69.29 2.90 -27.38
N GLY C 57 68.56 1.83 -27.58
CA GLY C 57 69.11 0.48 -27.60
C GLY C 57 68.73 -0.29 -26.36
N TYR C 58 69.58 -1.24 -25.98
CA TYR C 58 69.36 -2.12 -24.84
C TYR C 58 70.62 -2.17 -23.98
N PRO C 59 70.54 -2.74 -22.75
CA PRO C 59 71.73 -2.68 -21.88
C PRO C 59 72.93 -3.39 -22.48
N LYS C 60 74.12 -2.82 -22.30
CA LYS C 60 75.38 -3.33 -22.90
C LYS C 60 75.41 -3.32 -24.45
N LYS C 61 74.37 -2.76 -25.08
CA LYS C 61 74.31 -2.57 -26.54
C LYS C 61 73.62 -1.22 -26.82
N ARG C 62 74.10 -0.21 -26.09
CA ARG C 62 73.51 1.13 -26.07
C ARG C 62 74.16 1.83 -27.22
N TYR C 63 73.47 2.82 -27.81
CA TYR C 63 74.06 3.60 -28.88
C TYR C 63 75.06 4.52 -28.24
N TYR C 64 74.65 5.20 -27.17
CA TYR C 64 75.55 6.07 -26.43
C TYR C 64 76.20 5.38 -25.25
N GLY C 65 77.27 5.98 -24.75
CA GLY C 65 77.93 5.53 -23.53
C GLY C 65 77.40 6.36 -22.40
N GLY C 66 78.03 6.25 -21.25
CA GLY C 66 77.63 7.03 -20.09
C GLY C 66 76.28 6.53 -19.58
N ASN C 67 76.00 5.26 -19.86
CA ASN C 67 74.74 4.62 -19.54
C ASN C 67 74.96 3.48 -18.54
N ASP C 68 76.01 3.60 -17.74
CA ASP C 68 76.40 2.54 -16.80
C ASP C 68 75.33 2.40 -15.75
N PHE C 69 74.99 3.51 -15.12
CA PHE C 69 73.98 3.51 -14.09
C PHE C 69 72.57 3.23 -14.63
N ILE C 70 72.25 3.84 -15.77
CA ILE C 70 71.00 3.53 -16.52
C ILE C 70 70.90 2.06 -16.87
N ASP C 71 72.01 1.44 -17.29
CA ASP C 71 72.02 0.00 -17.60
C ASP C 71 71.74 -0.86 -16.38
N LYS C 72 72.19 -0.45 -15.21
CA LYS C 72 71.92 -1.24 -13.99
C LYS C 72 70.42 -1.19 -13.65
N ILE C 73 69.85 0.02 -13.67
CA ILE C 73 68.41 0.25 -13.45
C ILE C 73 67.58 -0.56 -14.41
N GLU C 74 67.89 -0.51 -15.71
CA GLU C 74 67.11 -1.28 -16.68
C GLU C 74 67.26 -2.78 -16.47
N GLU C 75 68.45 -3.24 -16.05
CA GLU C 75 68.67 -4.70 -15.74
C GLU C 75 67.96 -5.09 -14.47
N LEU C 76 68.03 -4.24 -13.46
CA LEU C 76 67.27 -4.46 -12.24
C LEU C 76 65.75 -4.57 -12.49
N CYS C 77 65.23 -3.75 -13.42
CA CYS C 77 63.78 -3.74 -13.67
C CYS C 77 63.34 -5.04 -14.30
N GLN C 78 64.12 -5.55 -15.25
CA GLN C 78 63.78 -6.79 -15.97
C GLN C 78 63.86 -8.00 -15.02
N LYS C 79 64.93 -8.05 -14.22
CA LYS C 79 65.09 -9.10 -13.21
C LYS C 79 63.90 -9.11 -12.25
N ARG C 80 63.64 -7.95 -11.62
CA ARG C 80 62.52 -7.82 -10.70
C ARG C 80 61.16 -8.18 -11.34
N ALA C 81 61.01 -7.93 -12.64
CA ALA C 81 59.77 -8.25 -13.41
C ALA C 81 59.53 -9.75 -13.64
N LEU C 82 60.61 -10.45 -13.91
CA LEU C 82 60.55 -11.89 -14.15
C LEU C 82 60.35 -12.64 -12.82
N GLU C 83 61.01 -12.19 -11.76
CA GLU C 83 60.75 -12.67 -10.39
C GLU C 83 59.30 -12.42 -9.92
N ALA C 84 58.77 -11.24 -10.22
CA ALA C 84 57.41 -10.89 -9.77
C ALA C 84 56.37 -11.80 -10.41
N PHE C 85 56.58 -12.17 -11.67
CA PHE C 85 55.62 -13.02 -12.38
C PHE C 85 55.99 -14.53 -12.43
N ASN C 86 56.94 -14.94 -11.58
CA ASN C 86 57.25 -16.35 -11.34
C ASN C 86 57.70 -17.05 -12.60
N VAL C 87 58.72 -16.49 -13.23
CA VAL C 87 59.23 -17.02 -14.48
C VAL C 87 60.73 -17.03 -14.37
N SER C 88 61.33 -18.06 -14.97
CA SER C 88 62.78 -18.21 -15.05
C SER C 88 63.27 -17.38 -16.22
N ASP C 89 64.35 -16.62 -16.00
CA ASP C 89 65.05 -15.88 -17.07
C ASP C 89 65.64 -16.77 -18.20
N GLU C 90 65.80 -18.07 -17.93
CA GLU C 90 66.25 -19.02 -18.96
C GLU C 90 65.13 -19.20 -19.98
N GLU C 91 63.88 -19.25 -19.51
CA GLU C 91 62.69 -19.53 -20.35
C GLU C 91 61.88 -18.28 -20.80
N TRP C 92 61.98 -17.19 -20.04
CA TRP C 92 61.18 -15.98 -20.34
C TRP C 92 62.05 -14.75 -20.42
N GLY C 93 61.69 -13.86 -21.32
CA GLY C 93 62.27 -12.53 -21.36
C GLY C 93 61.19 -11.46 -21.25
N VAL C 94 61.65 -10.25 -20.93
CA VAL C 94 60.80 -9.10 -20.71
C VAL C 94 61.45 -7.84 -21.29
N ASN C 95 60.73 -7.15 -22.17
CA ASN C 95 61.10 -5.77 -22.57
C ASN C 95 60.39 -4.74 -21.66
N VAL C 96 61.15 -3.86 -21.03
CA VAL C 96 60.64 -2.85 -20.10
C VAL C 96 60.61 -1.39 -20.66
N GLN C 97 60.81 -1.23 -21.96
CA GLN C 97 60.84 0.10 -22.58
C GLN C 97 59.51 0.68 -23.07
N PRO C 98 58.46 -0.14 -23.37
CA PRO C 98 57.23 0.44 -23.92
C PRO C 98 56.64 1.55 -23.05
N LEU C 99 56.28 2.66 -23.66
CA LEU C 99 55.88 3.84 -22.91
C LEU C 99 54.51 3.69 -22.25
N SER C 100 53.66 2.81 -22.77
CA SER C 100 52.32 2.60 -22.23
C SER C 100 51.72 1.32 -22.83
N GLY C 101 50.60 0.89 -22.27
CA GLY C 101 49.93 -0.32 -22.67
C GLY C 101 49.63 -0.48 -24.15
N SER C 102 49.11 0.59 -24.77
CA SER C 102 48.74 0.53 -26.17
C SER C 102 50.00 0.36 -27.05
N ALA C 103 51.03 1.16 -26.78
CA ALA C 103 52.31 1.00 -27.48
C ALA C 103 52.84 -0.46 -27.39
N ALA C 104 52.92 -1.01 -26.18
CA ALA C 104 53.33 -2.40 -25.93
C ALA C 104 52.62 -3.41 -26.79
N ASN C 105 51.29 -3.29 -26.86
CA ASN C 105 50.48 -4.23 -27.65
C ASN C 105 50.74 -4.13 -29.16
N VAL C 106 50.87 -2.90 -29.68
CA VAL C 106 51.07 -2.70 -31.12
C VAL C 106 52.46 -3.20 -31.54
N GLN C 107 53.45 -2.98 -30.67
CA GLN C 107 54.80 -3.43 -30.87
C GLN C 107 54.85 -4.95 -30.80
N ALA C 108 54.30 -5.54 -29.75
CA ALA C 108 54.27 -7.01 -29.64
C ALA C 108 53.55 -7.67 -30.85
N LEU C 109 52.43 -7.11 -31.27
CA LEU C 109 51.68 -7.67 -32.39
C LEU C 109 52.50 -7.54 -33.67
N TYR C 110 53.08 -6.37 -33.91
CA TYR C 110 53.92 -6.19 -35.08
C TYR C 110 55.09 -7.22 -35.15
N ALA C 111 55.76 -7.43 -34.02
CA ALA C 111 56.81 -8.45 -33.87
C ALA C 111 56.35 -9.83 -34.33
N LEU C 112 55.15 -10.22 -33.91
CA LEU C 112 54.60 -11.54 -34.19
C LEU C 112 54.10 -11.71 -35.61
N VAL C 113 53.46 -10.69 -36.18
CA VAL C 113 52.78 -10.86 -37.48
C VAL C 113 53.17 -9.89 -38.59
N GLY C 114 53.84 -8.79 -38.26
CA GLY C 114 54.15 -7.75 -39.23
C GLY C 114 52.93 -7.09 -39.84
N VAL C 115 53.17 -6.20 -40.80
CA VAL C 115 52.12 -5.47 -41.50
C VAL C 115 51.32 -6.45 -42.37
N LYS C 116 50.02 -6.13 -42.57
CA LYS C 116 49.01 -7.01 -43.19
C LYS C 116 48.77 -8.32 -42.41
N GLY C 117 49.32 -8.43 -41.20
CA GLY C 117 49.23 -9.64 -40.41
C GLY C 117 47.82 -9.86 -39.88
N LYS C 118 47.50 -11.12 -39.61
CA LYS C 118 46.16 -11.53 -39.21
C LYS C 118 46.09 -11.74 -37.70
N ILE C 119 45.18 -11.00 -37.05
CA ILE C 119 44.99 -11.12 -35.59
C ILE C 119 43.51 -11.29 -35.21
N MET C 120 43.29 -11.92 -34.07
CA MET C 120 41.96 -12.12 -33.53
C MET C 120 41.95 -11.64 -32.12
N GLY C 121 40.91 -10.90 -31.75
CA GLY C 121 40.73 -10.41 -30.38
C GLY C 121 39.28 -10.22 -29.99
N MET C 122 39.02 -10.03 -28.69
CA MET C 122 37.66 -9.76 -28.26
C MET C 122 37.22 -8.36 -28.72
N HIS C 123 35.97 -8.31 -29.14
CA HIS C 123 35.36 -7.06 -29.57
C HIS C 123 35.35 -6.06 -28.40
N LEU C 124 35.58 -4.77 -28.70
CA LEU C 124 35.53 -3.70 -27.68
C LEU C 124 34.26 -3.73 -26.84
N CYS C 125 33.11 -3.71 -27.52
CA CYS C 125 31.76 -3.88 -26.93
C CYS C 125 31.56 -5.12 -26.02
N SER C 126 32.31 -6.19 -26.24
CA SER C 126 32.25 -7.38 -25.39
C SER C 126 33.32 -7.46 -24.31
N GLY C 127 34.15 -6.42 -24.17
CA GLY C 127 35.17 -6.36 -23.12
C GLY C 127 36.61 -6.31 -23.64
N GLY C 128 36.83 -6.43 -24.94
CA GLY C 128 38.17 -6.34 -25.49
C GLY C 128 38.73 -4.93 -25.45
N HIS C 129 40.05 -4.80 -25.59
CA HIS C 129 40.69 -3.50 -25.71
C HIS C 129 40.72 -3.01 -27.15
N LEU C 130 40.85 -1.70 -27.29
CA LEU C 130 41.07 -1.04 -28.57
C LEU C 130 42.20 -1.67 -29.37
N THR C 131 43.36 -1.84 -28.71
CA THR C 131 44.55 -2.48 -29.29
C THR C 131 44.44 -3.99 -29.60
N HIS C 132 43.24 -4.57 -29.45
CA HIS C 132 42.99 -5.96 -29.80
C HIS C 132 42.30 -6.08 -31.16
N GLY C 133 42.49 -5.10 -32.03
CA GLY C 133 41.93 -5.15 -33.37
C GLY C 133 40.64 -4.38 -33.58
N PHE C 134 40.27 -3.49 -32.65
CA PHE C 134 38.99 -2.83 -32.76
C PHE C 134 38.77 -2.02 -34.05
N PHE C 135 37.69 -2.34 -34.74
CA PHE C 135 37.14 -1.50 -35.81
C PHE C 135 35.60 -1.48 -35.70
N ASP C 136 34.99 -0.64 -36.54
CA ASP C 136 33.52 -0.52 -36.68
C ASP C 136 33.27 -0.54 -38.20
N GLU C 137 32.02 -0.75 -38.61
CA GLU C 137 31.65 -0.69 -40.04
C GLU C 137 32.25 0.58 -40.69
N LYS C 138 32.04 1.72 -40.03
CA LYS C 138 32.48 3.05 -40.49
C LYS C 138 34.00 3.28 -40.56
N LYS C 139 34.76 2.77 -39.59
CA LYS C 139 36.20 3.06 -39.54
C LYS C 139 37.04 1.99 -38.86
N LYS C 140 38.32 1.98 -39.21
CA LYS C 140 39.32 1.13 -38.58
C LYS C 140 39.85 2.00 -37.45
N VAL C 141 39.18 1.88 -36.30
CA VAL C 141 39.32 2.83 -35.20
C VAL C 141 40.71 2.72 -34.55
N SER C 142 41.19 1.49 -34.39
CA SER C 142 42.52 1.25 -33.88
C SER C 142 43.45 1.01 -35.05
N ILE C 143 44.73 1.35 -34.89
CA ILE C 143 45.76 0.96 -35.85
C ILE C 143 45.85 -0.57 -35.93
N THR C 144 45.55 -1.27 -34.85
CA THR C 144 45.61 -2.73 -34.85
C THR C 144 44.56 -3.37 -35.74
N SER C 145 43.56 -2.62 -36.20
CA SER C 145 42.69 -3.08 -37.27
C SER C 145 43.10 -2.63 -38.66
N ASP C 146 44.10 -1.75 -38.75
CA ASP C 146 44.50 -1.15 -40.01
C ASP C 146 45.85 -1.64 -40.51
N MET C 147 46.85 -1.60 -39.64
CA MET C 147 48.15 -2.15 -40.01
C MET C 147 48.12 -3.67 -40.03
N PHE C 148 47.06 -4.25 -39.45
CA PHE C 148 46.82 -5.69 -39.41
C PHE C 148 45.45 -5.92 -40.02
N GLU C 149 45.19 -7.16 -40.43
CA GLU C 149 43.82 -7.60 -40.76
C GLU C 149 43.30 -8.26 -39.50
N SER C 150 42.24 -7.72 -38.92
CA SER C 150 41.70 -8.28 -37.67
C SER C 150 40.30 -8.81 -37.87
N LYS C 151 39.92 -9.74 -37.02
CA LYS C 151 38.55 -10.24 -36.93
C LYS C 151 38.23 -10.36 -35.43
N LEU C 152 37.02 -10.03 -35.03
CA LEU C 152 36.69 -9.89 -33.60
C LEU C 152 35.68 -10.92 -33.15
N TYR C 153 35.92 -11.53 -31.99
CA TYR C 153 35.00 -12.48 -31.40
C TYR C 153 34.19 -11.82 -30.31
N LYS C 154 32.99 -12.37 -30.09
CA LYS C 154 32.04 -11.82 -29.13
C LYS C 154 31.88 -12.76 -27.95
N CYS C 155 31.45 -12.21 -26.81
CA CYS C 155 31.07 -13.01 -25.65
C CYS C 155 29.66 -13.47 -25.94
N ASN C 156 29.20 -14.50 -25.25
CA ASN C 156 27.81 -14.98 -25.44
C ASN C 156 26.79 -14.04 -24.80
N SER C 157 25.50 -14.36 -24.97
CA SER C 157 24.42 -13.54 -24.39
C SER C 157 24.46 -13.39 -22.84
N GLN C 158 25.15 -14.30 -22.13
CA GLN C 158 25.34 -14.16 -20.66
C GLN C 158 26.64 -13.46 -20.25
N GLY C 159 27.42 -13.00 -21.22
CA GLY C 159 28.65 -12.23 -20.94
C GLY C 159 29.94 -13.03 -20.78
N TYR C 160 29.92 -14.31 -21.10
CA TYR C 160 31.10 -15.18 -20.99
C TYR C 160 31.73 -15.31 -22.37
N VAL C 161 33.06 -15.48 -22.38
CA VAL C 161 33.80 -15.80 -23.59
C VAL C 161 33.24 -17.11 -24.14
N ASP C 162 32.83 -17.08 -25.40
CA ASP C 162 32.25 -18.24 -26.08
C ASP C 162 33.35 -18.94 -26.89
N LEU C 163 33.95 -19.98 -26.31
CA LEU C 163 35.11 -20.65 -26.93
C LEU C 163 34.79 -21.29 -28.26
N ASP C 164 33.64 -21.96 -28.34
CA ASP C 164 33.17 -22.55 -29.60
C ASP C 164 33.13 -21.53 -30.77
N ALA C 165 32.84 -20.28 -30.45
CA ALA C 165 32.86 -19.21 -31.45
C ALA C 165 34.28 -18.81 -31.83
N VAL C 166 35.20 -18.81 -30.86
CA VAL C 166 36.64 -18.55 -31.10
C VAL C 166 37.23 -19.61 -32.05
N ARG C 167 37.00 -20.88 -31.73
CA ARG C 167 37.45 -22.03 -32.51
C ARG C 167 36.94 -21.94 -33.94
N GLU C 168 35.63 -21.79 -34.11
CA GLU C 168 35.02 -21.61 -35.45
C GLU C 168 35.76 -20.54 -36.24
N MET C 169 35.87 -19.37 -35.63
CA MET C 169 36.46 -18.20 -36.28
C MET C 169 37.92 -18.46 -36.61
N ALA C 170 38.70 -18.92 -35.62
CA ALA C 170 40.11 -19.26 -35.87
C ALA C 170 40.33 -20.23 -37.08
N LEU C 171 39.49 -21.25 -37.25
CA LEU C 171 39.62 -22.24 -38.35
C LEU C 171 39.24 -21.68 -39.72
N SER C 172 38.31 -20.74 -39.74
CA SER C 172 37.95 -20.04 -40.97
C SER C 172 38.94 -18.92 -41.26
N PHE C 173 39.30 -18.18 -40.21
CA PHE C 173 40.12 -16.97 -40.34
C PHE C 173 41.61 -17.24 -40.47
N LYS C 174 42.11 -18.22 -39.70
CA LYS C 174 43.51 -18.62 -39.74
C LYS C 174 44.44 -17.46 -39.40
N PRO C 175 44.30 -16.88 -38.18
CA PRO C 175 45.21 -15.81 -37.81
C PRO C 175 46.52 -16.35 -37.31
N LYS C 176 47.52 -15.47 -37.25
CA LYS C 176 48.80 -15.79 -36.63
C LYS C 176 48.79 -15.48 -35.14
N VAL C 177 47.90 -14.61 -34.66
CA VAL C 177 47.82 -14.32 -33.21
C VAL C 177 46.35 -14.28 -32.74
N ILE C 178 46.09 -14.86 -31.57
CA ILE C 178 44.78 -14.75 -30.94
C ILE C 178 45.00 -14.08 -29.61
N ILE C 179 44.34 -12.95 -29.41
CA ILE C 179 44.47 -12.17 -28.18
C ILE C 179 43.41 -12.59 -27.17
N CYS C 180 43.83 -12.84 -25.94
CA CYS C 180 42.92 -12.99 -24.84
C CYS C 180 43.44 -12.12 -23.70
N GLY C 181 42.61 -11.86 -22.70
CA GLY C 181 42.92 -10.88 -21.62
C GLY C 181 42.31 -9.54 -22.03
N TYR C 182 41.50 -8.94 -21.16
CA TYR C 182 40.53 -7.93 -21.62
C TYR C 182 40.45 -6.68 -20.74
N THR C 183 39.63 -5.71 -21.13
CA THR C 183 39.52 -4.43 -20.38
C THR C 183 38.35 -4.44 -19.40
N SER C 184 37.22 -5.02 -19.80
CA SER C 184 36.01 -5.06 -18.98
C SER C 184 35.44 -6.49 -18.92
N TYR C 185 36.25 -7.41 -18.43
CA TYR C 185 35.84 -8.81 -18.33
C TYR C 185 35.88 -9.24 -16.88
N PRO C 186 34.71 -9.56 -16.31
CA PRO C 186 34.62 -9.81 -14.88
C PRO C 186 35.05 -11.20 -14.42
N ARG C 187 35.35 -12.10 -15.36
CA ARG C 187 35.73 -13.47 -15.00
C ARG C 187 37.18 -13.84 -15.40
N ASP C 188 37.64 -14.97 -14.87
CA ASP C 188 38.95 -15.52 -15.19
C ASP C 188 38.93 -16.15 -16.58
N ILE C 189 40.13 -16.46 -17.08
CA ILE C 189 40.31 -16.88 -18.45
C ILE C 189 40.80 -18.32 -18.54
N ASP C 190 40.23 -19.06 -19.50
CA ASP C 190 40.65 -20.42 -19.78
C ASP C 190 41.81 -20.39 -20.79
N TYR C 191 43.01 -20.09 -20.29
CA TYR C 191 44.17 -19.94 -21.17
C TYR C 191 44.48 -21.26 -21.83
N GLN C 192 44.43 -22.35 -21.04
CA GLN C 192 44.64 -23.70 -21.57
C GLN C 192 43.76 -23.97 -22.78
N GLN C 193 42.48 -23.63 -22.70
CA GLN C 193 41.64 -23.79 -23.88
C GLN C 193 42.04 -22.86 -25.01
N PHE C 194 42.55 -21.66 -24.71
CA PHE C 194 43.09 -20.80 -25.76
C PHE C 194 44.34 -21.44 -26.41
N ARG C 195 45.24 -21.97 -25.59
CA ARG C 195 46.47 -22.64 -26.07
C ARG C 195 46.19 -23.87 -26.95
N GLN C 196 45.18 -24.64 -26.55
CA GLN C 196 44.58 -25.73 -27.33
C GLN C 196 44.08 -25.30 -28.71
N ILE C 197 43.48 -24.12 -28.81
CA ILE C 197 42.97 -23.62 -30.10
C ILE C 197 44.08 -23.03 -30.98
N CYS C 198 45.07 -22.41 -30.36
CA CYS C 198 46.17 -21.79 -31.08
C CYS C 198 47.06 -22.86 -31.80
N ASP C 199 47.47 -23.93 -31.10
CA ASP C 199 48.19 -25.08 -31.69
C ASP C 199 47.46 -25.70 -32.89
N GLU C 200 46.16 -25.86 -32.72
CA GLU C 200 45.28 -26.46 -33.73
C GLU C 200 45.30 -25.71 -35.06
N VAL C 201 45.60 -24.41 -35.01
CA VAL C 201 45.65 -23.55 -36.19
C VAL C 201 47.05 -22.95 -36.47
N ASN C 202 47.99 -23.17 -35.55
CA ASN C 202 49.36 -22.63 -35.58
C ASN C 202 49.43 -21.09 -35.47
N ALA C 203 48.71 -20.57 -34.46
CA ALA C 203 48.67 -19.13 -34.16
C ALA C 203 49.36 -18.91 -32.82
N TYR C 204 49.97 -17.74 -32.60
CA TYR C 204 50.63 -17.44 -31.32
C TYR C 204 49.56 -17.17 -30.24
N LEU C 205 49.88 -17.43 -28.97
CA LEU C 205 48.97 -17.03 -27.87
C LEU C 205 49.43 -15.73 -27.21
N PHE C 206 48.58 -14.72 -27.29
CA PHE C 206 48.83 -13.37 -26.72
C PHE C 206 47.87 -13.16 -25.55
N ALA C 207 48.43 -13.05 -24.35
CA ALA C 207 47.68 -12.76 -23.14
C ALA C 207 47.96 -11.32 -22.64
N ASP C 208 46.96 -10.43 -22.74
CA ASP C 208 47.08 -9.04 -22.21
C ASP C 208 46.46 -9.06 -20.85
N ILE C 209 47.29 -9.03 -19.80
CA ILE C 209 46.84 -9.19 -18.42
C ILE C 209 46.85 -7.87 -17.60
N SER C 210 46.79 -6.73 -18.29
CA SER C 210 46.85 -5.39 -17.68
C SER C 210 45.88 -5.13 -16.53
N HIS C 211 44.64 -5.54 -16.71
CA HIS C 211 43.64 -5.44 -15.65
C HIS C 211 43.79 -6.46 -14.52
N ILE C 212 44.42 -7.61 -14.78
CA ILE C 212 44.45 -8.68 -13.78
C ILE C 212 45.86 -9.08 -13.38
N SER C 213 46.82 -8.17 -13.59
CA SER C 213 48.24 -8.53 -13.53
C SER C 213 48.61 -9.02 -12.14
N SER C 214 48.31 -8.22 -11.14
CA SER C 214 48.55 -8.56 -9.73
C SER C 214 48.02 -9.90 -9.31
N PHE C 215 46.93 -10.35 -9.92
CA PHE C 215 46.34 -11.65 -9.61
C PHE C 215 47.19 -12.78 -10.16
N VAL C 216 47.75 -12.57 -11.35
CA VAL C 216 48.58 -13.58 -12.00
C VAL C 216 49.88 -13.70 -11.20
N ALA C 217 50.53 -12.58 -10.98
CA ALA C 217 51.78 -12.52 -10.22
C ALA C 217 51.70 -13.19 -8.86
N CYS C 218 50.63 -12.91 -8.11
CA CYS C 218 50.45 -13.45 -6.75
C CYS C 218 49.70 -14.80 -6.68
N ASN C 219 49.38 -15.38 -7.84
CA ASN C 219 48.80 -16.73 -7.96
C ASN C 219 47.33 -16.91 -7.50
N ILE C 220 46.58 -15.82 -7.40
CA ILE C 220 45.17 -15.90 -7.05
C ILE C 220 44.31 -16.35 -8.22
N LEU C 221 44.68 -15.95 -9.43
CA LEU C 221 43.95 -16.35 -10.63
C LEU C 221 44.81 -17.25 -11.52
N ASN C 222 44.21 -17.81 -12.57
CA ASN C 222 44.95 -18.63 -13.53
C ASN C 222 46.21 -17.94 -14.06
N ASN C 223 47.19 -18.75 -14.46
CA ASN C 223 48.51 -18.27 -14.87
C ASN C 223 48.64 -18.44 -16.37
N PRO C 224 48.72 -17.32 -17.12
CA PRO C 224 48.82 -17.48 -18.57
C PRO C 224 50.22 -17.83 -19.06
N PHE C 225 51.24 -17.60 -18.21
CA PHE C 225 52.64 -17.97 -18.51
C PHE C 225 52.85 -19.48 -18.66
N LEU C 226 51.85 -20.28 -18.30
CA LEU C 226 51.90 -21.71 -18.50
C LEU C 226 51.63 -22.06 -19.96
N HIS C 227 50.83 -21.25 -20.63
CA HIS C 227 50.42 -21.51 -22.02
C HIS C 227 50.82 -20.45 -23.05
N ALA C 228 50.99 -19.19 -22.66
CA ALA C 228 51.10 -18.11 -23.64
C ALA C 228 52.52 -17.93 -24.20
N ASP C 229 52.57 -17.51 -25.46
CA ASP C 229 53.81 -17.07 -26.11
C ASP C 229 54.23 -15.68 -25.71
N VAL C 230 53.24 -14.79 -25.60
CA VAL C 230 53.49 -13.39 -25.25
C VAL C 230 52.53 -12.99 -24.14
N VAL C 231 53.04 -12.31 -23.12
CA VAL C 231 52.23 -11.67 -22.12
C VAL C 231 52.59 -10.17 -22.04
N THR C 232 51.62 -9.30 -22.34
CA THR C 232 51.79 -7.85 -22.12
C THR C 232 51.03 -7.40 -20.89
N THR C 233 51.53 -6.35 -20.25
CA THR C 233 50.81 -5.76 -19.14
C THR C 233 51.23 -4.32 -18.87
N THR C 234 50.25 -3.50 -18.50
CA THR C 234 50.56 -2.18 -17.97
C THR C 234 51.00 -2.32 -16.54
N THR C 235 51.67 -1.30 -16.04
CA THR C 235 52.13 -1.27 -14.65
C THR C 235 51.36 -0.30 -13.75
N HIS C 236 50.34 0.41 -14.27
CA HIS C 236 49.65 1.50 -13.52
C HIS C 236 48.29 1.17 -12.91
N LYS C 237 47.69 0.07 -13.35
CA LYS C 237 46.38 -0.34 -12.87
C LYS C 237 46.56 -1.15 -11.55
N ILE C 238 46.04 -2.37 -11.50
CA ILE C 238 46.03 -3.13 -10.25
C ILE C 238 47.44 -3.34 -9.73
N LEU C 239 48.43 -3.38 -10.62
CA LEU C 239 49.83 -3.50 -10.19
C LEU C 239 50.34 -2.31 -9.38
N ARG C 240 49.77 -1.13 -9.61
CA ARG C 240 50.03 0.03 -8.77
C ARG C 240 51.40 0.67 -9.04
N GLY C 241 51.90 0.55 -10.26
CA GLY C 241 53.16 1.18 -10.65
C GLY C 241 52.93 2.50 -11.37
N PRO C 242 53.97 3.00 -12.07
CA PRO C 242 53.77 4.19 -12.87
C PRO C 242 53.04 3.84 -14.14
N ARG C 243 52.72 4.86 -14.92
CA ARG C 243 52.19 4.62 -16.25
C ARG C 243 53.32 4.09 -17.16
N SER C 244 53.28 2.80 -17.42
CA SER C 244 54.21 2.12 -18.31
C SER C 244 53.70 0.75 -18.68
N ALA C 245 54.50 -0.02 -19.41
CA ALA C 245 54.12 -1.36 -19.83
C ALA C 245 55.32 -2.33 -19.99
N LEU C 246 54.98 -3.63 -19.96
CA LEU C 246 55.92 -4.75 -20.00
C LEU C 246 55.50 -5.74 -21.06
N ILE C 247 56.40 -6.10 -21.95
CA ILE C 247 56.16 -7.22 -22.86
C ILE C 247 56.99 -8.42 -22.41
N PHE C 248 56.30 -9.51 -22.06
CA PHE C 248 56.92 -10.81 -21.82
C PHE C 248 56.92 -11.70 -23.08
N PHE C 249 58.00 -12.48 -23.26
CA PHE C 249 58.12 -13.40 -24.38
C PHE C 249 58.72 -14.77 -23.95
N ASN C 250 58.12 -15.83 -24.48
CA ASN C 250 58.46 -17.21 -24.10
C ASN C 250 59.55 -17.66 -25.08
N LYS C 251 60.79 -17.57 -24.65
CA LYS C 251 61.94 -17.97 -25.49
C LYS C 251 61.93 -19.48 -25.83
N LYS C 252 61.61 -20.33 -24.85
CA LYS C 252 61.62 -21.79 -25.05
C LYS C 252 60.71 -22.27 -26.18
N ARG C 253 59.49 -21.74 -26.20
CA ARG C 253 58.50 -22.15 -27.17
C ARG C 253 58.78 -21.53 -28.53
N ASN C 254 59.53 -20.42 -28.54
CA ASN C 254 59.87 -19.69 -29.78
C ASN C 254 61.29 -19.12 -29.69
N PRO C 255 62.32 -19.93 -30.03
CA PRO C 255 63.64 -19.32 -30.16
C PRO C 255 63.59 -18.26 -31.27
N GLY C 256 64.36 -17.19 -31.10
CA GLY C 256 64.31 -16.04 -32.01
C GLY C 256 63.28 -14.95 -31.70
N ILE C 257 62.37 -15.20 -30.75
CA ILE C 257 61.35 -14.22 -30.36
C ILE C 257 61.96 -12.97 -29.70
N GLU C 258 63.01 -13.17 -28.90
CA GLU C 258 63.67 -12.07 -28.17
C GLU C 258 64.10 -10.90 -29.02
N GLN C 259 64.70 -11.22 -30.17
CA GLN C 259 65.16 -10.19 -31.09
C GLN C 259 63.98 -9.50 -31.80
N LYS C 260 62.95 -10.24 -32.17
CA LYS C 260 61.78 -9.67 -32.87
C LYS C 260 61.07 -8.64 -31.99
N ILE C 261 60.87 -8.98 -30.73
CA ILE C 261 60.26 -8.08 -29.76
C ILE C 261 61.16 -6.91 -29.42
N ASN C 262 62.43 -7.17 -29.12
CA ASN C 262 63.31 -6.08 -28.78
C ASN C 262 63.49 -5.08 -29.93
N SER C 263 63.49 -5.57 -31.18
CA SER C 263 63.66 -4.68 -32.32
C SER C 263 62.37 -3.97 -32.65
N ALA C 264 61.24 -4.64 -32.43
CA ALA C 264 59.92 -4.06 -32.57
C ALA C 264 59.73 -2.82 -31.70
N VAL C 265 60.10 -2.93 -30.43
CA VAL C 265 60.01 -1.79 -29.50
C VAL C 265 61.00 -0.68 -29.89
N PHE C 266 62.27 -1.04 -30.12
CA PHE C 266 63.27 -0.12 -30.69
C PHE C 266 64.18 -0.87 -31.65
N PRO C 267 64.46 -0.31 -32.82
CA PRO C 267 64.12 1.00 -33.34
C PRO C 267 62.89 1.02 -34.25
N SER C 268 62.08 -0.05 -34.29
CA SER C 268 60.89 -0.03 -35.15
C SER C 268 59.88 1.08 -34.75
N PHE C 269 59.53 1.17 -33.45
CA PHE C 269 58.47 2.09 -32.98
C PHE C 269 58.97 3.25 -32.14
N GLN C 270 59.71 2.97 -31.07
CA GLN C 270 60.19 4.00 -30.16
C GLN C 270 61.62 4.45 -30.46
N GLY C 271 61.99 5.57 -29.83
CA GLY C 271 63.34 6.09 -29.77
C GLY C 271 63.88 5.88 -28.36
N GLY C 272 64.23 6.98 -27.70
CA GLY C 272 64.77 6.91 -26.37
C GLY C 272 63.81 6.43 -25.30
N PRO C 273 64.23 5.46 -24.45
CA PRO C 273 63.40 5.04 -23.31
C PRO C 273 63.20 6.15 -22.29
N HIS C 274 62.19 6.01 -21.44
CA HIS C 274 61.97 7.00 -20.43
C HIS C 274 62.46 6.42 -19.13
N ASN C 275 63.68 6.78 -18.79
CA ASN C 275 64.33 6.13 -17.68
C ASN C 275 63.71 6.38 -16.32
N ASN C 276 63.01 7.50 -16.16
CA ASN C 276 62.25 7.76 -14.91
C ASN C 276 61.15 6.72 -14.74
N LYS C 277 60.47 6.37 -15.85
CA LYS C 277 59.52 5.28 -15.88
C LYS C 277 60.12 3.94 -15.47
N ILE C 278 61.29 3.62 -16.01
CA ILE C 278 61.89 2.32 -15.78
C ILE C 278 62.33 2.22 -14.30
N ALA C 279 62.99 3.25 -13.79
CA ALA C 279 63.20 3.41 -12.37
C ALA C 279 61.94 3.16 -11.53
N ALA C 280 60.85 3.84 -11.91
CA ALA C 280 59.61 3.73 -11.15
C ALA C 280 59.07 2.31 -11.23
N VAL C 281 59.10 1.70 -12.40
CA VAL C 281 58.60 0.33 -12.54
C VAL C 281 59.43 -0.62 -11.67
N ALA C 282 60.74 -0.38 -11.59
CA ALA C 282 61.65 -1.18 -10.78
C ALA C 282 61.25 -1.12 -9.33
N CYS C 283 61.08 0.09 -8.83
CA CYS C 283 60.68 0.37 -7.47
C CYS C 283 59.38 -0.33 -7.02
N GLN C 284 58.36 -0.28 -7.88
CA GLN C 284 57.09 -0.94 -7.57
C GLN C 284 57.16 -2.47 -7.67
N LEU C 285 57.92 -2.97 -8.61
CA LEU C 285 58.09 -4.41 -8.75
C LEU C 285 58.73 -5.06 -7.52
N LYS C 286 59.52 -4.31 -6.75
CA LYS C 286 60.02 -4.81 -5.48
C LYS C 286 58.87 -5.00 -4.51
N GLU C 287 58.00 -4.00 -4.39
CA GLU C 287 56.77 -4.11 -3.60
C GLU C 287 55.84 -5.22 -4.10
N VAL C 288 55.70 -5.38 -5.41
CA VAL C 288 54.84 -6.44 -5.94
C VAL C 288 55.25 -7.80 -5.39
N HIS C 289 56.55 -8.07 -5.37
CA HIS C 289 57.07 -9.34 -4.86
C HIS C 289 57.32 -9.31 -3.34
N SER C 290 56.25 -9.15 -2.57
CA SER C 290 56.32 -9.08 -1.12
C SER C 290 55.05 -9.72 -0.57
N PRO C 291 55.08 -10.21 0.69
CA PRO C 291 53.85 -10.77 1.26
C PRO C 291 52.75 -9.70 1.52
N ALA C 292 53.19 -8.49 1.89
CA ALA C 292 52.33 -7.32 2.05
C ALA C 292 51.48 -6.96 0.83
N PHE C 293 52.01 -7.14 -0.38
CA PHE C 293 51.29 -6.79 -1.61
C PHE C 293 50.31 -7.90 -1.97
N LYS C 294 50.67 -9.16 -1.70
CA LYS C 294 49.73 -10.28 -1.86
C LYS C 294 48.50 -10.06 -0.95
N GLU C 295 48.75 -9.67 0.30
CA GLU C 295 47.67 -9.25 1.23
C GLU C 295 46.75 -8.24 0.52
N TYR C 296 47.35 -7.19 -0.05
CA TYR C 296 46.61 -6.14 -0.76
C TYR C 296 45.80 -6.71 -1.91
N THR C 297 46.44 -7.50 -2.77
CA THR C 297 45.73 -8.08 -3.91
C THR C 297 44.58 -8.97 -3.47
N GLN C 298 44.79 -9.75 -2.40
CA GLN C 298 43.74 -10.60 -1.82
C GLN C 298 42.58 -9.73 -1.38
N GLN C 299 42.90 -8.61 -0.72
CA GLN C 299 41.88 -7.66 -0.29
C GLN C 299 41.08 -7.06 -1.44
N VAL C 300 41.76 -6.83 -2.57
CA VAL C 300 41.08 -6.35 -3.79
C VAL C 300 39.97 -7.33 -4.15
N LEU C 301 40.29 -8.62 -4.17
CA LEU C 301 39.29 -9.64 -4.53
C LEU C 301 38.21 -9.78 -3.44
N LEU C 302 38.58 -9.67 -2.16
CA LEU C 302 37.60 -9.76 -1.06
C LEU C 302 36.62 -8.60 -1.15
N ASN C 303 37.13 -7.37 -1.38
CA ASN C 303 36.28 -6.19 -1.60
C ASN C 303 35.37 -6.31 -2.81
N SER C 304 35.88 -6.92 -3.87
CA SER C 304 35.12 -7.05 -5.10
C SER C 304 33.95 -8.04 -4.98
N LYS C 305 34.17 -9.16 -4.29
CA LYS C 305 33.10 -10.15 -4.05
C LYS C 305 32.01 -9.51 -3.19
N ALA C 306 32.44 -8.91 -2.09
CA ALA C 306 31.56 -8.19 -1.18
C ALA C 306 30.71 -7.14 -1.87
N LEU C 307 31.34 -6.35 -2.75
CA LEU C 307 30.62 -5.29 -3.44
C LEU C 307 29.60 -5.88 -4.39
N ALA C 308 29.97 -6.96 -5.06
CA ALA C 308 29.05 -7.64 -5.98
C ALA C 308 27.87 -8.22 -5.20
N LYS C 309 28.20 -8.89 -4.10
CA LYS C 309 27.20 -9.46 -3.19
C LYS C 309 26.24 -8.39 -2.63
N ALA C 310 26.76 -7.22 -2.23
CA ALA C 310 25.91 -6.14 -1.72
C ALA C 310 25.06 -5.50 -2.82
N LEU C 311 25.59 -5.37 -4.03
CA LEU C 311 24.79 -4.82 -5.12
C LEU C 311 23.61 -5.74 -5.51
N ILE C 312 23.88 -7.05 -5.52
CA ILE C 312 22.85 -8.03 -5.78
C ILE C 312 21.83 -8.08 -4.64
N SER C 313 22.28 -7.98 -3.39
CA SER C 313 21.36 -7.83 -2.26
C SER C 313 20.38 -6.64 -2.36
N LYS C 314 20.75 -5.59 -3.12
CA LYS C 314 19.87 -4.44 -3.45
C LYS C 314 19.26 -4.59 -4.83
N GLN C 315 19.18 -5.82 -5.35
CA GLN C 315 18.48 -6.08 -6.61
C GLN C 315 19.07 -5.29 -7.79
N ILE C 316 20.39 -5.12 -7.81
CA ILE C 316 21.07 -4.59 -8.98
C ILE C 316 21.72 -5.79 -9.68
N ASP C 317 21.55 -5.83 -11.00
CA ASP C 317 22.07 -6.89 -11.84
C ASP C 317 23.51 -6.65 -12.32
N LEU C 318 24.30 -7.72 -12.29
CA LEU C 318 25.70 -7.73 -12.70
C LEU C 318 25.88 -8.66 -13.92
N VAL C 319 26.73 -8.25 -14.87
CA VAL C 319 27.02 -9.07 -16.04
C VAL C 319 27.83 -10.28 -15.52
N THR C 320 27.38 -11.46 -15.95
CA THR C 320 27.82 -12.78 -15.45
C THR C 320 27.38 -13.05 -14.01
N ASN C 321 26.45 -12.25 -13.50
CA ASN C 321 25.96 -12.28 -12.12
C ASN C 321 27.02 -12.37 -11.03
N GLY C 322 28.15 -11.72 -11.26
CA GLY C 322 29.27 -11.77 -10.32
C GLY C 322 30.60 -11.48 -10.95
N THR C 323 31.64 -11.73 -10.19
CA THR C 323 32.99 -11.48 -10.58
C THR C 323 34.04 -12.49 -10.00
N ASP C 324 35.11 -12.75 -10.77
CA ASP C 324 36.24 -13.52 -10.23
C ASP C 324 37.42 -12.68 -9.91
N ASN C 325 37.33 -11.39 -10.21
CA ASN C 325 38.46 -10.51 -10.11
C ASN C 325 38.05 -9.21 -9.41
N HIS C 326 38.84 -8.17 -9.67
CA HIS C 326 38.69 -6.80 -9.20
C HIS C 326 37.52 -5.96 -9.78
N LEU C 327 36.83 -6.44 -10.81
CA LEU C 327 35.86 -5.62 -11.53
C LEU C 327 34.47 -6.21 -11.76
N ILE C 328 33.49 -5.32 -11.67
CA ILE C 328 32.08 -5.63 -11.87
C ILE C 328 31.58 -4.76 -12.99
N VAL C 329 30.67 -5.30 -13.80
CA VAL C 329 29.96 -4.51 -14.80
C VAL C 329 28.51 -4.53 -14.35
N VAL C 330 27.93 -3.35 -14.07
CA VAL C 330 26.52 -3.27 -13.65
C VAL C 330 25.67 -3.08 -14.89
N ASP C 331 24.65 -3.92 -15.03
CA ASP C 331 23.66 -3.80 -16.09
C ASP C 331 22.49 -2.95 -15.58
N LEU C 332 22.22 -1.84 -16.27
CA LEU C 332 21.24 -0.84 -15.80
C LEU C 332 19.90 -0.88 -16.56
N ARG C 333 19.62 -1.97 -17.30
CA ARG C 333 18.40 -2.07 -18.10
C ARG C 333 17.10 -2.10 -17.29
N LYS C 334 17.12 -2.69 -16.10
CA LYS C 334 15.91 -2.73 -15.25
C LYS C 334 15.42 -1.36 -14.74
N PHE C 335 16.27 -0.33 -14.84
CA PHE C 335 15.91 1.03 -14.44
C PHE C 335 15.67 1.96 -15.64
N SER C 336 15.98 1.52 -16.86
CA SER C 336 15.79 2.32 -18.09
C SER C 336 16.59 3.63 -18.11
N ILE C 337 17.80 3.57 -17.57
CA ILE C 337 18.77 4.65 -17.65
C ILE C 337 20.02 4.12 -18.33
N THR C 338 20.84 5.04 -18.85
CA THR C 338 22.05 4.67 -19.56
C THR C 338 23.24 4.82 -18.63
N GLY C 339 24.35 4.22 -19.06
CA GLY C 339 25.60 4.31 -18.35
C GLY C 339 26.11 5.71 -18.27
N SER C 340 25.96 6.50 -19.35
CA SER C 340 26.50 7.88 -19.35
C SER C 340 25.71 8.78 -18.41
N LYS C 341 24.41 8.54 -18.27
CA LYS C 341 23.59 9.29 -17.32
C LYS C 341 24.08 9.07 -15.90
N LEU C 342 24.31 7.80 -15.53
CA LEU C 342 24.82 7.44 -14.20
C LEU C 342 26.26 7.90 -13.98
N GLN C 343 27.08 7.88 -15.03
CA GLN C 343 28.41 8.49 -14.96
C GLN C 343 28.31 10.00 -14.61
N GLU C 344 27.38 10.71 -15.25
CA GLU C 344 27.17 12.14 -14.94
C GLU C 344 26.68 12.31 -13.50
N THR C 345 25.69 11.50 -13.12
CA THR C 345 25.21 11.51 -11.76
C THR C 345 26.29 11.21 -10.72
N CYS C 346 27.15 10.24 -11.04
CA CYS C 346 28.23 9.85 -10.13
C CYS C 346 29.36 10.87 -10.09
N ASN C 347 29.73 11.46 -11.24
CA ASN C 347 30.67 12.62 -11.19
C ASN C 347 30.09 13.72 -10.28
N ALA C 348 28.78 13.99 -10.36
CA ALA C 348 28.17 15.04 -9.53
C ALA C 348 28.23 14.77 -8.01
N ILE C 349 28.48 13.52 -7.60
CA ILE C 349 28.67 13.21 -6.17
C ILE C 349 30.08 12.73 -5.81
N ASN C 350 31.06 13.06 -6.66
CA ASN C 350 32.44 12.61 -6.48
C ASN C 350 32.60 11.08 -6.44
N VAL C 351 31.85 10.39 -7.28
CA VAL C 351 32.06 8.95 -7.49
C VAL C 351 32.61 8.79 -8.90
N SER C 352 33.80 8.19 -8.99
CA SER C 352 34.46 7.94 -10.27
C SER C 352 34.18 6.53 -10.77
N LEU C 353 33.51 6.45 -11.91
CA LEU C 353 33.29 5.19 -12.58
C LEU C 353 33.21 5.49 -14.08
N ASN C 354 33.07 4.45 -14.92
CA ASN C 354 32.87 4.69 -16.34
C ASN C 354 31.71 3.90 -16.88
N LYS C 355 31.08 4.51 -17.86
CA LYS C 355 30.13 3.85 -18.72
C LYS C 355 30.77 2.66 -19.43
N ASN C 356 29.95 1.65 -19.68
CA ASN C 356 30.47 0.40 -20.21
C ASN C 356 29.39 -0.38 -20.90
N THR C 357 29.72 -0.93 -22.06
CA THR C 357 28.82 -1.80 -22.81
C THR C 357 28.46 -3.06 -22.02
N ILE C 358 27.36 -3.70 -22.42
CA ILE C 358 26.94 -5.00 -21.90
C ILE C 358 26.58 -5.92 -23.10
N PRO C 359 26.26 -7.21 -22.86
CA PRO C 359 25.99 -8.14 -24.00
C PRO C 359 24.82 -7.77 -24.89
N SER C 360 23.71 -7.32 -24.27
CA SER C 360 22.54 -6.88 -25.04
C SER C 360 22.81 -5.68 -25.98
N ASP C 361 23.75 -4.79 -25.64
CA ASP C 361 24.05 -3.64 -26.50
C ASP C 361 24.65 -4.09 -27.82
N VAL C 362 23.86 -3.95 -28.89
CA VAL C 362 24.29 -4.32 -30.25
C VAL C 362 25.41 -3.35 -30.70
N ASP C 363 25.16 -2.04 -30.46
CA ASP C 363 26.08 -0.95 -30.80
C ASP C 363 26.73 -0.40 -29.53
N CYS C 364 27.87 0.28 -29.71
CA CYS C 364 28.54 1.05 -28.64
C CYS C 364 27.94 2.47 -28.43
N VAL C 365 26.80 2.78 -29.09
CA VAL C 365 26.24 4.15 -29.14
C VAL C 365 25.61 4.52 -27.78
N SER C 366 24.90 3.56 -27.19
CA SER C 366 24.31 3.71 -25.86
C SER C 366 24.65 2.49 -24.99
N PRO C 367 25.78 2.56 -24.24
CA PRO C 367 26.07 1.50 -23.29
C PRO C 367 25.04 1.49 -22.14
N SER C 368 24.58 0.29 -21.80
CA SER C 368 23.59 0.10 -20.77
C SER C 368 24.20 -0.24 -19.41
N GLY C 369 25.50 0.09 -19.20
CA GLY C 369 26.12 -0.23 -17.94
C GLY C 369 27.21 0.67 -17.49
N VAL C 370 27.66 0.38 -16.29
CA VAL C 370 28.84 1.00 -15.78
C VAL C 370 29.75 -0.10 -15.25
N ARG C 371 31.03 0.19 -15.27
CA ARG C 371 32.04 -0.69 -14.81
C ARG C 371 32.65 -0.06 -13.58
N ILE C 372 32.90 -0.88 -12.58
CA ILE C 372 33.45 -0.46 -11.32
C ILE C 372 34.54 -1.46 -10.89
N GLY C 373 35.41 -1.02 -9.99
CA GLY C 373 36.42 -1.90 -9.47
C GLY C 373 37.01 -1.42 -8.17
N THR C 374 37.63 -2.34 -7.43
CA THR C 374 38.14 -2.08 -6.08
C THR C 374 39.60 -1.70 -5.85
N PRO C 375 40.48 -1.79 -6.87
CA PRO C 375 41.89 -1.50 -6.55
C PRO C 375 42.17 -0.14 -5.88
N ALA C 376 41.66 0.94 -6.46
CA ALA C 376 41.91 2.27 -5.91
C ALA C 376 41.46 2.40 -4.43
N MET C 377 40.22 2.01 -4.13
CA MET C 377 39.67 2.10 -2.76
C MET C 377 40.27 1.12 -1.79
N THR C 378 40.66 -0.05 -2.32
CA THR C 378 41.41 -1.02 -1.53
C THR C 378 42.77 -0.47 -1.17
N THR C 379 43.37 0.33 -2.05
CA THR C 379 44.63 1.00 -1.75
C THR C 379 44.42 2.04 -0.63
N ARG C 380 43.27 2.72 -0.64
CA ARG C 380 42.99 3.74 0.36
C ARG C 380 42.58 3.17 1.76
N GLY C 381 42.46 1.84 1.87
CA GLY C 381 42.28 1.15 3.15
C GLY C 381 40.89 0.61 3.41
N ALA C 382 39.98 0.76 2.44
CA ALA C 382 38.64 0.21 2.54
C ALA C 382 38.67 -1.32 2.69
N LYS C 383 37.80 -1.85 3.57
CA LYS C 383 37.68 -3.29 3.82
C LYS C 383 36.31 -3.78 3.34
N GLU C 384 36.03 -5.07 3.55
CA GLU C 384 34.76 -5.67 3.06
C GLU C 384 33.51 -4.99 3.57
N LYS C 385 33.51 -4.71 4.88
CA LYS C 385 32.43 -3.93 5.56
C LYS C 385 32.16 -2.55 4.92
N ASP C 386 33.17 -1.94 4.30
CA ASP C 386 33.01 -0.65 3.63
C ASP C 386 32.29 -0.71 2.29
N MET C 387 32.17 -1.92 1.72
CA MET C 387 31.58 -2.09 0.41
C MET C 387 30.09 -1.89 0.42
N GLU C 388 29.44 -2.15 1.54
CA GLU C 388 27.98 -1.92 1.68
C GLU C 388 27.64 -0.43 1.51
N PHE C 389 28.44 0.43 2.12
CA PHE C 389 28.33 1.88 1.92
C PHE C 389 28.50 2.32 0.47
N ILE C 390 29.45 1.70 -0.25
CA ILE C 390 29.67 2.03 -1.68
C ILE C 390 28.47 1.56 -2.50
N ALA C 391 28.01 0.36 -2.21
CA ALA C 391 26.80 -0.17 -2.82
C ALA C 391 25.57 0.69 -2.51
N ASP C 392 25.44 1.14 -1.26
CA ASP C 392 24.38 2.10 -0.87
C ASP C 392 24.46 3.38 -1.72
N VAL C 393 25.64 3.99 -1.74
CA VAL C 393 25.87 5.23 -2.51
C VAL C 393 25.56 5.01 -3.99
N LEU C 394 25.96 3.88 -4.55
CA LEU C 394 25.61 3.59 -5.95
C LEU C 394 24.12 3.33 -6.20
N ALA C 395 23.48 2.63 -5.26
CA ALA C 395 22.02 2.46 -5.30
C ALA C 395 21.28 3.80 -5.27
N ARG C 396 21.72 4.66 -4.37
CA ARG C 396 21.15 6.01 -4.27
C ARG C 396 21.34 6.82 -5.55
N ALA C 397 22.49 6.65 -6.21
CA ALA C 397 22.80 7.37 -7.46
C ALA C 397 21.94 6.93 -8.63
N ILE C 398 21.64 5.64 -8.66
CA ILE C 398 20.76 5.10 -9.69
C ILE C 398 19.35 5.61 -9.50
N LYS C 399 18.89 5.63 -8.25
CA LYS C 399 17.54 6.14 -7.95
C LYS C 399 17.42 7.63 -8.37
N ILE C 400 18.36 8.45 -7.94
CA ILE C 400 18.35 9.88 -8.28
C ILE C 400 18.37 10.06 -9.79
N THR C 401 19.16 9.24 -10.47
CA THR C 401 19.23 9.26 -11.93
C THR C 401 17.89 8.95 -12.54
N VAL C 402 17.14 8.03 -11.93
CA VAL C 402 15.80 7.71 -12.43
C VAL C 402 14.82 8.86 -12.15
N ASP C 403 14.93 9.48 -10.96
CA ASP C 403 14.12 10.68 -10.60
C ASP C 403 14.34 11.82 -11.59
N LEU C 404 15.62 12.11 -11.86
CA LEU C 404 16.01 13.17 -12.81
C LEU C 404 15.62 12.88 -14.27
N GLN C 405 15.58 11.61 -14.65
CA GLN C 405 15.14 11.25 -16.00
C GLN C 405 13.63 11.48 -16.15
N GLU C 406 12.86 11.10 -15.12
CA GLU C 406 11.43 11.38 -15.07
C GLU C 406 11.15 12.89 -15.18
N GLN C 407 11.79 13.66 -14.32
CA GLN C 407 11.54 15.10 -14.25
C GLN C 407 11.97 15.88 -15.51
N TYR C 408 13.15 15.58 -16.04
CA TYR C 408 13.72 16.35 -17.16
C TYR C 408 13.74 15.68 -18.54
N GLY C 409 13.55 14.35 -18.59
CA GLY C 409 13.50 13.61 -19.87
C GLY C 409 14.70 12.71 -20.13
N LYS C 410 14.47 11.71 -21.00
CA LYS C 410 15.45 10.66 -21.33
C LYS C 410 16.54 11.10 -22.33
N LYS C 411 16.42 12.32 -22.86
CA LYS C 411 17.43 12.88 -23.76
C LYS C 411 18.58 13.41 -22.90
N LEU C 412 19.82 13.19 -23.35
CA LEU C 412 21.00 13.44 -22.50
C LEU C 412 21.22 14.91 -22.18
N VAL C 413 20.98 15.79 -23.15
CA VAL C 413 21.19 17.23 -22.92
C VAL C 413 20.16 17.77 -21.92
N ASP C 414 18.90 17.36 -22.07
CA ASP C 414 17.84 17.70 -21.11
C ASP C 414 18.14 17.14 -19.71
N PHE C 415 18.69 15.91 -19.65
CA PHE C 415 19.02 15.26 -18.36
C PHE C 415 19.96 16.05 -17.47
N LYS C 416 21.06 16.55 -18.05
CA LYS C 416 22.09 17.30 -17.31
C LYS C 416 21.62 18.61 -16.68
N LYS C 417 20.61 19.27 -17.27
CA LYS C 417 20.05 20.50 -16.67
C LYS C 417 19.56 20.19 -15.28
N GLY C 418 19.04 18.97 -15.10
CA GLY C 418 18.58 18.52 -13.81
C GLY C 418 19.64 18.43 -12.73
N LEU C 419 20.91 18.26 -13.12
CA LEU C 419 21.99 17.91 -12.20
C LEU C 419 22.47 19.02 -11.26
N PRO C 420 22.84 20.20 -11.80
CA PRO C 420 23.46 21.12 -10.87
C PRO C 420 22.38 21.71 -9.96
N GLY C 421 22.75 21.97 -8.71
CA GLY C 421 21.83 22.47 -7.71
C GLY C 421 20.92 21.45 -7.04
N ASN C 422 20.94 20.17 -7.46
CA ASN C 422 20.02 19.18 -6.88
C ASN C 422 20.33 18.99 -5.39
N ALA C 423 19.29 19.07 -4.58
CA ALA C 423 19.42 19.02 -3.12
C ALA C 423 20.01 17.70 -2.65
N GLN C 424 19.49 16.59 -3.21
CA GLN C 424 19.91 15.24 -2.81
C GLN C 424 21.34 14.92 -3.25
N LEU C 425 21.69 15.35 -4.46
CA LEU C 425 23.06 15.18 -4.96
C LEU C 425 24.07 15.95 -4.11
N GLN C 426 23.77 17.22 -3.80
CA GLN C 426 24.58 18.01 -2.83
C GLN C 426 24.75 17.25 -1.53
N GLN C 427 23.64 16.72 -1.03
CA GLN C 427 23.61 15.90 0.20
C GLN C 427 24.43 14.59 0.06
N LEU C 428 24.28 13.91 -1.07
CA LEU C 428 25.00 12.64 -1.29
C LEU C 428 26.50 12.92 -1.49
N LYS C 429 26.81 13.91 -2.32
CA LYS C 429 28.19 14.41 -2.47
C LYS C 429 28.85 14.68 -1.12
N GLN C 430 28.13 15.41 -0.27
CA GLN C 430 28.57 15.73 1.08
C GLN C 430 28.90 14.48 1.91
N GLU C 431 28.05 13.47 1.79
CA GLU C 431 28.29 12.14 2.38
C GLU C 431 29.55 11.47 1.84
N VAL C 432 29.72 11.55 0.53
CA VAL C 432 30.86 10.92 -0.16
C VAL C 432 32.17 11.60 0.24
N VAL C 433 32.19 12.93 0.16
CA VAL C 433 33.36 13.74 0.54
C VAL C 433 33.82 13.46 1.98
N THR C 434 32.88 13.27 2.92
CA THR C 434 33.22 13.17 4.35
C THR C 434 33.89 11.84 4.65
N TRP C 435 33.43 10.76 4.02
CA TRP C 435 34.06 9.44 4.24
C TRP C 435 35.38 9.34 3.46
N ALA C 436 35.36 9.67 2.16
CA ALA C 436 36.57 9.59 1.29
C ALA C 436 37.72 10.47 1.81
N GLY C 437 37.37 11.67 2.25
CA GLY C 437 38.34 12.67 2.70
C GLY C 437 39.25 12.25 3.82
N ALA C 438 38.74 11.42 4.74
CA ALA C 438 39.48 10.97 5.93
C ALA C 438 40.26 9.69 5.68
N LEU C 439 39.89 8.95 4.64
CA LEU C 439 40.62 7.74 4.26
C LEU C 439 42.12 8.01 4.00
N PRO C 440 42.99 7.04 4.36
CA PRO C 440 44.40 7.09 3.97
C PRO C 440 44.64 7.42 2.49
N PHE C 441 45.63 8.27 2.24
CA PHE C 441 45.91 8.82 0.92
C PHE C 441 47.42 8.83 0.73
N PRO C 442 47.92 8.08 -0.29
CA PRO C 442 49.37 8.08 -0.53
C PRO C 442 49.85 9.41 -1.07
N1 PLG D . -29.82 -4.65 19.24
C2 PLG D . -31.02 -5.23 19.31
C2A PLG D . -31.76 -5.30 20.62
C3 PLG D . -31.61 -5.78 18.06
O3 PLG D . -32.82 -6.37 18.08
C4 PLG D . -30.85 -5.69 16.80
C4A PLG D . -31.43 -6.24 15.51
C5 PLG D . -29.52 -5.00 16.89
C6 PLG D . -29.08 -4.55 18.14
C5A PLG D . -28.57 -4.84 15.74
OP4 PLG D . -28.96 -3.92 14.74
P PLG D . -28.19 -3.94 13.32
OP1 PLG D . -26.77 -4.34 13.58
OP2 PLG D . -28.91 -5.01 12.56
OP3 PLG D . -28.53 -2.57 12.83
C PLG D . -34.41 -8.08 14.55
O PLG D . -35.05 -8.29 13.53
OXT PLG D . -35.00 -7.91 15.63
CA PLG D . -32.89 -8.02 14.46
N PLG D . -32.25 -7.43 15.62
O61 GCF E . -27.52 -22.54 13.48
C51 GCF E . -26.78 -21.79 14.18
O58 GCF E . -25.56 -21.62 13.93
C50 GCF E . -27.43 -21.09 15.35
C49 GCF E . -26.73 -19.79 15.80
C42 GCF E . -27.39 -18.57 15.19
C41 GCF E . -28.73 -18.34 15.42
C43 GCF E . -26.65 -17.69 14.42
C44 GCF E . -27.25 -16.57 13.88
C45 GCF E . -28.61 -16.35 14.11
C34 GCF E . -29.35 -17.23 14.88
C20 GCF E . -30.78 -16.97 15.10
C19 GCF E . -31.68 -18.01 14.96
C18 GCF E . -33.04 -17.80 15.13
C35 GCF E . -34.02 -18.95 14.95
F48 GCF E . -35.29 -18.65 15.17
F47 GCF E . -33.91 -19.43 13.72
F46 GCF E . -33.66 -19.91 15.78
C17 GCF E . -33.50 -16.54 15.49
C21 GCF E . -31.23 -15.71 15.49
C16 GCF E . -32.61 -15.44 15.66
C4 GCF E . -33.11 -14.07 16.09
C14 GCF E . -34.46 -13.64 15.45
C36 GCF E . -34.94 -12.23 15.83
C15 GCF E . -34.53 -13.77 13.91
C3 GCF E . -33.35 -14.14 17.61
C8 GCF E . -34.07 -15.10 18.02
N9 GCF E . -34.73 -15.98 18.40
C2 GCF E . -32.88 -13.21 18.48
N7 GCF E . -33.09 -13.23 19.79
C5 GCF E . -32.10 -13.00 15.77
C10 GCF E . -31.35 -12.60 14.55
C13 GCF E . -31.41 -13.18 13.16
N11 GCF E . -30.57 -11.57 14.93
N12 GCF E . -30.68 -11.21 16.30
C6 GCF E . -31.59 -12.06 16.77
O1 GCF E . -32.06 -12.11 18.05
O61 GCF F . -4.04 10.46 19.42
C51 GCF F . -3.35 10.98 18.50
O58 GCF F . -3.35 12.21 18.25
C50 GCF F . -2.47 10.09 17.64
C49 GCF F . -3.20 8.84 17.14
C42 GCF F . -4.10 9.11 15.97
C41 GCF F . -3.55 9.62 14.82
C43 GCF F . -5.45 8.80 16.02
C44 GCF F . -6.27 9.05 14.93
C45 GCF F . -5.71 9.57 13.78
C34 GCF F . -4.35 9.86 13.72
C20 GCF F . -3.78 10.41 12.48
C19 GCF F . -2.98 11.52 12.57
C18 GCF F . -2.43 12.06 11.42
C35 GCF F . -1.55 13.29 11.51
F48 GCF F . -1.15 13.78 10.34
F47 GCF F . -2.20 14.25 12.18
F46 GCF F . -0.48 12.93 12.21
C17 GCF F . -2.70 11.48 10.17
C21 GCF F . -4.04 9.80 11.27
C16 GCF F . -3.52 10.32 10.07
C4 GCF F . -3.82 9.64 8.74
C14 GCF F . -4.12 10.60 7.58
C36 GCF F . -4.53 9.92 6.26
C15 GCF F . -5.17 11.70 7.89
C3 GCF F . -2.55 8.85 8.36
C8 GCF F . -1.46 9.50 8.37
N9 GCF F . -0.48 10.12 8.38
C2 GCF F . -2.58 7.56 7.98
N7 GCF F . -1.53 6.84 7.60
C5 GCF F . -5.00 8.73 8.86
C10 GCF F . -6.41 8.86 9.34
C13 GCF F . -7.14 10.06 9.90
N11 GCF F . -6.95 7.63 9.18
N12 GCF F . -6.08 6.65 8.66
C6 GCF F . -4.95 7.33 8.47
O1 GCF F . -3.82 6.82 7.94
CL CL G . -26.07 4.38 3.87
N1 PLG H . -8.07 1.03 4.47
C2 PLG H . -7.30 1.99 3.96
C2A PLG H . -6.03 1.61 3.24
C3 PLG H . -7.70 3.42 4.12
O3 PLG H . -6.95 4.41 3.61
C4 PLG H . -8.96 3.72 4.85
C4A PLG H . -9.45 5.16 5.05
C5 PLG H . -9.72 2.54 5.35
C6 PLG H . -9.20 1.25 5.14
C5A PLG H . -10.99 2.65 6.15
OP4 PLG H . -12.14 3.05 5.43
P PLG H . -13.42 3.61 6.25
OP1 PLG H . -13.02 5.04 6.44
OP2 PLG H . -13.52 2.88 7.54
OP3 PLG H . -14.49 3.41 5.20
C PLG H . -8.09 8.41 4.16
O PLG H . -7.23 7.91 3.39
OXT PLG H . -8.47 9.57 4.00
CA PLG H . -8.73 7.58 5.25
N PLG H . -8.43 6.17 5.10
N1 PLG I . 45.48 -3.38 -22.42
C2 PLG I . 44.33 -3.49 -21.72
C2A PLG I . 43.71 -4.83 -21.42
C3 PLG I . 43.65 -2.26 -21.24
O3 PLG I . 42.50 -2.36 -20.53
C4 PLG I . 44.27 -0.96 -21.54
C4A PLG I . 43.66 0.36 -21.11
C5 PLG I . 45.53 -0.98 -22.34
C6 PLG I . 46.06 -2.21 -22.75
C5A PLG I . 46.24 0.29 -22.76
OP4 PLG I . 46.93 0.99 -21.74
P PLG I . 47.37 2.53 -22.02
OP1 PLG I . 47.75 2.71 -23.45
OP2 PLG I . 46.11 3.28 -21.70
OP3 PLG I . 48.42 2.65 -20.93
C PLG I . 40.63 1.05 -18.97
O PLG I . 40.34 2.05 -18.32
OXT PLG I . 40.30 -0.09 -18.57
CA PLG I . 41.43 1.16 -20.26
N PLG I . 42.55 0.24 -20.19
O61 GCF J . 33.37 6.58 -32.15
C51 GCF J . 32.69 5.98 -31.27
O58 GCF J . 31.82 6.55 -30.56
C50 GCF J . 32.89 4.49 -31.08
C49 GCF J . 34.36 4.04 -31.11
C42 GCF J . 35.09 4.19 -29.81
C41 GCF J . 34.56 3.68 -28.63
C43 GCF J . 36.32 4.84 -29.78
C44 GCF J . 37.00 4.98 -28.59
C45 GCF J . 36.46 4.48 -27.42
C34 GCF J . 35.25 3.81 -27.44
C20 GCF J . 34.71 3.29 -26.17
C19 GCF J . 33.40 3.54 -25.85
C18 GCF J . 32.88 3.08 -24.65
C35 GCF J . 31.43 3.36 -24.31
F48 GCF J . 31.05 2.86 -23.14
F47 GCF J . 31.19 4.65 -24.37
F46 GCF J . 30.65 2.83 -25.24
C17 GCF J . 33.70 2.37 -23.76
C21 GCF J . 35.53 2.57 -25.30
C16 GCF J . 35.07 2.11 -24.06
C4 GCF J . 35.97 1.31 -23.14
C14 GCF J . 35.75 1.54 -21.63
C36 GCF J . 36.67 0.74 -20.69
C15 GCF J . 35.80 3.02 -21.18
C3 GCF J . 35.64 -0.17 -23.40
C8 GCF J . 34.41 -0.49 -23.32
N9 GCF J . 33.29 -0.79 -23.25
C2 GCF J . 36.57 -1.11 -23.66
N7 GCF J . 36.30 -2.38 -23.86
C5 GCF J . 37.41 1.57 -23.43
C10 GCF J . 38.27 2.79 -23.54
C13 GCF J . 37.89 4.24 -23.36
N11 GCF J . 39.50 2.34 -23.85
N12 GCF J . 39.61 0.93 -24.00
C6 GCF J . 38.38 0.51 -23.74
O1 GCF J . 37.98 -0.79 -23.74
CL CL K . 56.34 9.66 -17.06
#